data_1HI1
#
_entry.id   1HI1
#
_cell.length_a   105.650
_cell.length_b   92.700
_cell.length_c   140.790
_cell.angle_alpha   90.00
_cell.angle_beta   101.09
_cell.angle_gamma   90.00
#
_symmetry.space_group_name_H-M   'P 1 21 1'
#
loop_
_entity.id
_entity.type
_entity.pdbx_description
1 polymer 'P2 PROTEIN'
2 non-polymer "ADENOSINE-5'-TRIPHOSPHATE"
#
_entity_poly.entity_id   1
_entity_poly.type   'polypeptide(L)'
_entity_poly.pdbx_seq_one_letter_code
;PRRAPAFPLSDIKAQMLFANNIKAQQASKRSFKEGAIETYEGLLSVDPRFLSFKNELSRYLTDHFPANVDEYGRVYGNGV
RTNFFGMRHMNGFPMIPATWPLASNLKKRADADLADGPVSERDNLLFRAAVRLMFSDLEPVPLKIRKGSSTCIPYFSNDM
GTKIEIAERALEKAEEAGNLMLQGKFDDAYQLHQMGGAYYVVYRAQSTDAITLDPKTGKFVSKDRMVADFEYAVTGGEQG
SLFAASKDASRLKEQYGIDVPDGFFCERRRTAMGGPFALNAPIMAVAQPVRNKIYSKYAYTFHHTTRLNKEEKVKEWSLC
VATDVSDHDTFWPGWLRDLICDELLNMGYAPWWVKLFETSLKLPVYVGAPAPEQGHTLLGDPSNPDLEVGLSSGQGATDL
MGTLLMSITYLVMQLDHTAPHLNSRIKDMPSACRFLDSYWQGHEEIRQISKSDDAMLGWTKGRALVGGHRLFEMLKEGKV
NPSPYMKISYEHGGAFLGDILLYDSRREPGSAIFVGNINSMLNNQFSPEYGVQSGVRDRSKRKRPFPGLAWASMKDTYGA
CPIYSDVLEAIERCWWNAFGESYRAYREDMLKRDTLELSRYVASMARQAGLAELTPIDLEVLADPNKLQYKWTEADVSAN
IHEVLMHGVSVEKTERFLRSVMPR
;
_entity_poly.pdbx_strand_id   A,B,C
#
# COMPACT_ATOMS: atom_id res chain seq x y z
N PRO A 1 37.96 52.99 25.19
CA PRO A 1 39.15 52.94 26.11
C PRO A 1 40.10 51.90 25.54
N ARG A 2 39.89 51.67 24.25
CA ARG A 2 40.58 50.72 23.36
C ARG A 2 39.47 49.72 23.13
N ARG A 3 39.13 49.52 21.87
CA ARG A 3 38.05 48.64 21.58
C ARG A 3 38.46 47.24 21.14
N ALA A 4 39.72 47.02 20.82
CA ALA A 4 40.08 45.64 20.40
C ALA A 4 39.53 45.40 19.02
N PRO A 5 40.43 45.29 18.05
CA PRO A 5 39.93 45.06 16.70
C PRO A 5 39.25 43.68 16.64
N ALA A 6 38.21 43.56 15.85
CA ALA A 6 37.50 42.31 15.66
C ALA A 6 37.41 42.08 14.15
N PHE A 7 37.63 40.85 13.71
CA PHE A 7 37.54 40.57 12.29
C PHE A 7 36.70 39.35 12.00
N PRO A 8 35.90 39.43 10.94
CA PRO A 8 35.08 38.25 10.64
C PRO A 8 35.93 37.24 9.86
N LEU A 9 35.47 35.99 9.91
CA LEU A 9 36.16 34.88 9.28
C LEU A 9 36.60 35.21 7.86
N SER A 10 35.75 35.92 7.14
CA SER A 10 36.05 36.28 5.77
C SER A 10 37.24 37.23 5.65
N ASP A 11 37.60 37.92 6.72
CA ASP A 11 38.72 38.83 6.63
C ASP A 11 40.04 38.11 6.51
N ILE A 12 40.90 38.68 5.69
CA ILE A 12 42.21 38.10 5.45
C ILE A 12 42.96 37.72 6.74
N LYS A 13 42.82 38.53 7.78
CA LYS A 13 43.53 38.25 9.03
C LYS A 13 43.08 36.95 9.71
N ALA A 14 41.79 36.65 9.57
CA ALA A 14 41.18 35.45 10.12
C ALA A 14 41.54 34.31 9.18
N GLN A 15 41.40 34.56 7.89
CA GLN A 15 41.72 33.54 6.91
C GLN A 15 43.12 32.99 7.10
N MET A 16 44.10 33.86 7.38
CA MET A 16 45.48 33.40 7.55
C MET A 16 45.66 32.47 8.75
N LEU A 17 44.62 32.35 9.58
CA LEU A 17 44.64 31.49 10.78
C LEU A 17 44.46 30.02 10.46
N PHE A 18 43.83 29.77 9.32
CA PHE A 18 43.56 28.40 8.89
C PHE A 18 44.25 27.96 7.59
N ALA A 19 45.03 26.90 7.72
CA ALA A 19 45.77 26.36 6.57
C ALA A 19 44.85 25.76 5.51
N ASN A 20 45.39 25.66 4.30
CA ASN A 20 44.67 25.15 3.14
C ASN A 20 44.44 23.67 3.25
N ASN A 21 43.61 23.29 4.20
CA ASN A 21 43.31 21.89 4.36
C ASN A 21 41.93 21.73 4.99
N ILE A 22 41.35 20.57 4.74
CA ILE A 22 40.01 20.25 5.15
C ILE A 22 39.76 20.46 6.64
N LYS A 23 40.54 19.78 7.47
CA LYS A 23 40.40 19.91 8.90
C LYS A 23 40.42 21.39 9.33
N ALA A 24 41.47 22.10 8.93
CA ALA A 24 41.56 23.48 9.31
C ALA A 24 40.33 24.26 8.87
N GLN A 25 40.02 24.16 7.59
CA GLN A 25 38.89 24.91 7.09
C GLN A 25 37.63 24.63 7.86
N GLN A 26 37.38 23.35 8.14
CA GLN A 26 36.20 22.97 8.89
C GLN A 26 36.19 23.60 10.28
N ALA A 27 37.34 23.61 10.94
CA ALA A 27 37.40 24.21 12.26
C ALA A 27 37.06 25.72 12.20
N SER A 28 37.51 26.41 11.16
CA SER A 28 37.19 27.83 11.09
C SER A 28 35.69 28.06 10.93
N LYS A 29 35.02 27.16 10.22
CA LYS A 29 33.60 27.28 9.93
C LYS A 29 32.69 26.54 10.91
N ARG A 30 33.23 25.58 11.69
CA ARG A 30 32.40 24.78 12.60
C ARG A 30 31.26 25.60 13.17
N SER A 31 30.04 25.16 12.92
CA SER A 31 28.86 25.87 13.44
C SER A 31 28.51 25.33 14.82
N PHE A 32 27.61 26.02 15.52
CA PHE A 32 27.19 25.58 16.87
C PHE A 32 26.65 24.13 16.83
N LYS A 33 27.09 23.30 17.77
CA LYS A 33 26.65 21.90 17.79
C LYS A 33 26.03 21.53 19.16
N GLU A 34 25.17 20.50 19.17
CA GLU A 34 24.46 20.10 20.37
C GLU A 34 24.02 18.65 20.21
N GLY A 35 23.92 17.92 21.31
CA GLY A 35 23.49 16.54 21.20
C GLY A 35 23.82 15.68 22.39
N ALA A 36 22.93 14.72 22.69
CA ALA A 36 23.17 13.86 23.85
C ALA A 36 24.53 13.21 23.76
N ILE A 37 25.13 13.00 24.90
CA ILE A 37 26.41 12.38 24.93
C ILE A 37 26.21 10.86 25.14
N GLU A 38 27.12 10.05 24.60
CA GLU A 38 27.02 8.60 24.79
C GLU A 38 27.74 8.35 26.12
N THR A 39 26.98 8.42 27.21
CA THR A 39 27.53 8.27 28.56
C THR A 39 28.37 7.03 28.77
N TYR A 40 27.89 5.92 28.24
CA TYR A 40 28.54 4.62 28.28
C TYR A 40 28.12 3.99 26.96
N GLU A 41 28.89 3.04 26.41
CA GLU A 41 28.45 2.48 25.13
C GLU A 41 27.03 1.97 25.22
N GLY A 42 26.20 2.46 24.31
CA GLY A 42 24.81 2.06 24.29
C GLY A 42 23.94 2.92 25.20
N LEU A 43 24.52 3.85 25.93
CA LEU A 43 23.67 4.64 26.80
C LEU A 43 23.72 6.15 26.58
N LEU A 44 22.60 6.68 26.14
CA LEU A 44 22.52 8.11 25.90
C LEU A 44 22.24 8.88 27.17
N SER A 45 23.01 9.92 27.39
CA SER A 45 22.87 10.75 28.59
C SER A 45 21.45 11.22 28.81
N VAL A 46 20.67 11.32 27.75
CA VAL A 46 19.34 11.83 27.92
C VAL A 46 18.22 10.75 27.84
N ASP A 47 18.63 9.48 27.84
CA ASP A 47 17.72 8.31 27.86
C ASP A 47 16.80 8.38 29.09
N PRO A 48 15.49 8.15 28.91
CA PRO A 48 14.51 8.21 30.02
C PRO A 48 14.86 7.37 31.23
N ARG A 49 15.31 6.13 31.03
CA ARG A 49 15.69 5.29 32.17
C ARG A 49 16.73 5.99 33.03
N PHE A 50 17.75 6.52 32.36
CA PHE A 50 18.84 7.20 33.02
C PHE A 50 18.40 8.47 33.77
N LEU A 51 17.55 9.29 33.13
CA LEU A 51 17.10 10.52 33.79
C LEU A 51 16.25 10.17 34.98
N SER A 52 15.50 9.08 34.84
CA SER A 52 14.66 8.64 35.92
C SER A 52 15.60 8.27 37.07
N PHE A 53 16.59 7.44 36.75
CA PHE A 53 17.57 7.02 37.74
C PHE A 53 18.20 8.26 38.38
N LYS A 54 18.58 9.22 37.55
CA LYS A 54 19.18 10.41 38.10
C LYS A 54 18.21 11.16 39.01
N ASN A 55 16.95 11.27 38.61
CA ASN A 55 16.00 11.98 39.45
C ASN A 55 15.84 11.28 40.80
N GLU A 56 15.71 9.96 40.78
CA GLU A 56 15.53 9.27 42.05
C GLU A 56 16.79 9.33 42.92
N LEU A 57 17.94 9.03 42.32
CA LEU A 57 19.16 9.05 43.11
C LEU A 57 19.48 10.41 43.73
N SER A 58 19.39 11.46 42.94
CA SER A 58 19.68 12.79 43.44
C SER A 58 18.75 13.18 44.57
N ARG A 59 17.45 12.90 44.42
CA ARG A 59 16.50 13.29 45.46
C ARG A 59 16.77 12.50 46.71
N TYR A 60 16.94 11.18 46.57
CA TYR A 60 17.21 10.33 47.71
C TYR A 60 18.45 10.80 48.46
N LEU A 61 19.63 10.74 47.83
CA LEU A 61 20.87 11.16 48.50
C LEU A 61 20.73 12.52 49.20
N THR A 62 20.24 13.52 48.48
CA THR A 62 20.06 14.84 49.06
C THR A 62 19.22 14.75 50.33
N ASP A 63 18.11 14.04 50.25
CA ASP A 63 17.25 13.87 51.41
C ASP A 63 17.91 13.13 52.60
N HIS A 64 18.61 12.04 52.35
CA HIS A 64 19.23 11.31 53.45
C HIS A 64 20.62 11.73 53.84
N PHE A 65 21.21 12.61 53.07
CA PHE A 65 22.55 13.02 53.42
C PHE A 65 22.76 14.48 53.18
N PRO A 66 22.07 15.30 53.95
CA PRO A 66 22.20 16.74 53.81
C PRO A 66 23.64 17.07 54.21
N ALA A 67 24.15 18.21 53.75
CA ALA A 67 25.52 18.61 54.06
C ALA A 67 25.89 18.70 55.54
N ASN A 68 27.17 18.58 55.82
CA ASN A 68 27.72 18.66 57.18
C ASN A 68 28.84 19.66 57.10
N VAL A 69 28.48 20.94 56.97
CA VAL A 69 29.49 22.00 56.88
C VAL A 69 29.23 23.09 57.93
N ASP A 70 30.17 23.25 58.87
CA ASP A 70 30.00 24.24 59.91
C ASP A 70 30.10 25.72 59.44
N GLU A 71 29.90 26.65 60.37
CA GLU A 71 29.96 28.10 60.14
C GLU A 71 31.23 28.53 59.41
N TYR A 72 32.32 27.80 59.66
CA TYR A 72 33.64 28.09 59.07
C TYR A 72 33.98 27.29 57.82
N GLY A 73 32.97 26.70 57.20
CA GLY A 73 33.19 25.91 56.02
C GLY A 73 33.96 24.61 56.25
N ARG A 74 34.09 24.15 57.49
CA ARG A 74 34.78 22.88 57.69
C ARG A 74 33.69 21.81 57.53
N VAL A 75 34.03 20.71 56.87
CA VAL A 75 33.03 19.67 56.75
C VAL A 75 33.40 18.53 57.68
N TYR A 76 32.36 18.02 58.31
CA TYR A 76 32.51 16.97 59.30
C TYR A 76 31.41 15.97 58.99
N GLY A 77 31.26 14.99 59.88
CA GLY A 77 30.22 14.01 59.75
C GLY A 77 30.25 13.11 58.54
N ASN A 78 29.23 13.24 57.69
CA ASN A 78 29.07 12.45 56.48
C ASN A 78 30.01 12.79 55.31
N GLY A 79 30.62 13.98 55.34
CA GLY A 79 31.53 14.36 54.27
C GLY A 79 30.82 14.89 53.05
N VAL A 80 29.56 15.27 53.24
CA VAL A 80 28.77 15.79 52.15
C VAL A 80 28.78 17.29 52.33
N ARG A 81 29.22 18.05 51.32
CA ARG A 81 29.21 19.49 51.47
C ARG A 81 28.14 20.24 50.68
N THR A 82 27.28 19.52 49.97
CA THR A 82 26.18 20.14 49.26
C THR A 82 25.18 19.10 48.73
N ASN A 83 24.05 19.55 48.20
CA ASN A 83 23.08 18.60 47.68
C ASN A 83 23.63 17.82 46.50
N PHE A 84 22.83 16.90 45.97
CA PHE A 84 23.29 16.05 44.87
C PHE A 84 22.58 16.36 43.56
N PHE A 85 21.88 17.49 43.54
CA PHE A 85 21.12 17.91 42.36
C PHE A 85 21.99 18.27 41.17
N GLY A 86 23.29 18.36 41.42
CA GLY A 86 24.23 18.70 40.37
C GLY A 86 24.19 17.81 39.15
N MET A 87 23.80 16.55 39.38
CA MET A 87 23.71 15.55 38.30
C MET A 87 22.51 15.73 37.40
N ARG A 88 21.60 16.61 37.79
CA ARG A 88 20.40 16.81 36.98
C ARG A 88 20.56 17.63 35.71
N HIS A 89 21.48 17.24 34.82
CA HIS A 89 21.65 17.97 33.56
C HIS A 89 21.55 17.08 32.33
N MET A 90 21.00 17.65 31.25
CA MET A 90 20.85 16.97 29.96
C MET A 90 22.26 17.10 29.32
N ASN A 91 23.21 16.29 29.78
CA ASN A 91 24.58 16.36 29.28
C ASN A 91 24.73 16.37 27.78
N GLY A 92 25.51 17.30 27.24
CA GLY A 92 25.63 17.37 25.79
C GLY A 92 24.86 18.54 25.18
N PHE A 93 24.00 19.16 25.98
CA PHE A 93 23.20 20.34 25.58
C PHE A 93 23.58 21.58 26.42
N PRO A 94 24.29 22.53 25.81
CA PRO A 94 24.71 23.72 26.56
C PRO A 94 23.69 24.78 26.86
N MET A 95 24.06 25.57 27.86
CA MET A 95 23.30 26.74 28.24
C MET A 95 23.55 27.64 27.02
N ILE A 96 22.60 28.51 26.72
CA ILE A 96 22.77 29.36 25.57
C ILE A 96 22.61 30.80 26.01
N PRO A 97 23.52 31.67 25.56
CA PRO A 97 24.67 31.40 24.70
C PRO A 97 25.89 31.23 25.62
N ALA A 98 27.02 30.81 25.07
CA ALA A 98 28.23 30.70 25.90
C ALA A 98 28.73 32.12 25.96
N THR A 99 29.68 32.38 26.84
CA THR A 99 30.16 33.73 26.93
C THR A 99 31.15 34.07 25.85
N TRP A 100 31.31 35.35 25.57
CA TRP A 100 32.34 35.74 24.66
C TRP A 100 33.51 36.04 25.59
N PRO A 101 34.69 35.64 25.20
CA PRO A 101 35.91 35.86 25.97
C PRO A 101 36.26 37.35 26.00
N LEU A 102 36.59 37.89 27.17
CA LEU A 102 36.92 39.31 27.28
C LEU A 102 38.29 39.62 26.67
N ALA A 103 38.36 40.64 25.82
CA ALA A 103 39.62 40.97 25.18
C ALA A 103 40.62 41.65 26.11
N SER A 104 40.10 42.30 27.14
CA SER A 104 40.95 42.95 28.12
C SER A 104 40.29 42.81 29.46
N ASN A 105 41.09 42.52 30.48
CA ASN A 105 40.54 42.38 31.81
C ASN A 105 40.98 43.51 32.73
N LEU A 106 41.64 44.53 32.16
CA LEU A 106 42.08 45.68 32.97
C LEU A 106 40.92 46.34 33.73
N LYS A 107 39.84 46.69 33.01
CA LYS A 107 38.70 47.32 33.67
C LYS A 107 38.12 46.39 34.70
N LYS A 108 37.95 45.14 34.30
CA LYS A 108 37.41 44.14 35.21
C LYS A 108 38.21 44.11 36.52
N ARG A 109 39.55 44.08 36.43
CA ARG A 109 40.37 44.00 37.61
C ARG A 109 40.21 45.26 38.44
N ALA A 110 40.35 46.38 37.76
CA ALA A 110 40.23 47.64 38.43
C ALA A 110 38.88 47.79 39.14
N ASP A 111 37.80 47.54 38.44
CA ASP A 111 36.51 47.68 39.10
C ASP A 111 36.36 46.74 40.27
N ALA A 112 37.18 45.71 40.33
CA ALA A 112 37.09 44.75 41.43
C ALA A 112 38.07 45.09 42.53
N ASP A 113 38.70 46.25 42.38
CA ASP A 113 39.66 46.73 43.34
C ASP A 113 40.91 45.94 43.53
N LEU A 114 41.38 45.38 42.43
CA LEU A 114 42.59 44.58 42.44
C LEU A 114 43.65 45.50 41.89
N ALA A 115 44.89 45.29 42.31
CA ALA A 115 46.06 46.11 41.92
C ALA A 115 46.57 45.95 40.49
N ASP A 116 47.18 47.00 39.96
CA ASP A 116 47.73 46.88 38.62
C ASP A 116 49.25 46.70 38.63
N GLY A 117 49.72 46.17 39.77
CA GLY A 117 51.13 45.84 39.93
C GLY A 117 51.45 45.41 41.34
N PRO A 118 52.70 45.00 41.61
CA PRO A 118 53.07 44.58 42.97
C PRO A 118 52.75 45.86 43.76
N VAL A 119 52.12 45.77 44.92
CA VAL A 119 51.78 47.00 45.60
C VAL A 119 52.89 47.52 46.48
N SER A 120 53.66 46.62 47.05
CA SER A 120 54.77 47.01 47.91
C SER A 120 56.05 46.49 47.27
N GLU A 121 57.20 46.96 47.72
CA GLU A 121 58.46 46.46 47.16
C GLU A 121 58.72 45.01 47.56
N ARG A 122 58.25 44.64 48.75
CA ARG A 122 58.40 43.29 49.22
C ARG A 122 57.69 42.35 48.24
N ASP A 123 56.45 42.70 47.95
CA ASP A 123 55.67 41.89 47.04
C ASP A 123 56.42 41.77 45.71
N ASN A 124 56.90 42.89 45.20
CA ASN A 124 57.65 42.86 43.96
C ASN A 124 58.84 41.89 44.07
N LEU A 125 59.45 41.84 45.25
CA LEU A 125 60.57 40.94 45.39
C LEU A 125 60.13 39.46 45.43
N LEU A 126 59.06 39.16 46.16
CA LEU A 126 58.60 37.79 46.27
C LEU A 126 58.17 37.22 44.90
N PHE A 127 57.42 38.01 44.13
CA PHE A 127 57.01 37.57 42.82
C PHE A 127 58.30 37.30 42.01
N ARG A 128 59.25 38.23 42.04
CA ARG A 128 60.47 37.98 41.27
C ARG A 128 61.28 36.86 41.83
N ALA A 129 61.12 36.57 43.11
CA ALA A 129 61.89 35.50 43.69
C ALA A 129 61.26 34.23 43.22
N ALA A 130 59.93 34.21 43.22
CA ALA A 130 59.21 33.02 42.76
C ALA A 130 59.75 32.66 41.37
N VAL A 131 59.87 33.66 40.52
CA VAL A 131 60.41 33.41 39.21
C VAL A 131 61.83 32.85 39.27
N ARG A 132 62.66 33.44 40.11
CA ARG A 132 64.03 32.97 40.21
C ARG A 132 64.13 31.53 40.68
N LEU A 133 63.42 31.19 41.75
CA LEU A 133 63.45 29.80 42.23
C LEU A 133 62.89 28.83 41.21
N MET A 134 61.78 29.19 40.56
CA MET A 134 61.16 28.29 39.60
C MET A 134 61.89 28.07 38.29
N PHE A 135 62.57 29.07 37.75
CA PHE A 135 63.20 28.89 36.45
C PHE A 135 64.69 28.71 36.42
N SER A 136 65.29 28.31 37.52
CA SER A 136 66.74 28.24 37.51
C SER A 136 67.43 26.95 36.99
N ASP A 137 68.05 26.19 37.89
CA ASP A 137 68.75 24.96 37.53
C ASP A 137 67.77 23.86 37.10
N LEU A 138 67.38 23.95 35.82
CA LEU A 138 66.43 23.04 35.22
C LEU A 138 67.12 22.00 34.36
N GLU A 139 66.57 20.79 34.38
CA GLU A 139 67.09 19.66 33.63
C GLU A 139 66.26 19.36 32.40
N PRO A 140 66.92 19.09 31.27
CA PRO A 140 66.19 18.79 30.03
C PRO A 140 65.37 17.49 30.14
N VAL A 141 64.25 17.45 29.43
CA VAL A 141 63.45 16.23 29.38
C VAL A 141 62.75 16.10 28.06
N PRO A 142 62.32 14.90 27.76
CA PRO A 142 61.66 14.91 26.45
C PRO A 142 60.35 15.71 26.53
N LEU A 143 60.01 16.32 25.41
CA LEU A 143 58.81 17.09 25.29
C LEU A 143 57.69 16.07 25.00
N LYS A 144 56.92 15.69 26.03
CA LYS A 144 55.84 14.72 25.84
C LYS A 144 54.61 15.41 25.28
N ILE A 145 53.93 14.70 24.39
CA ILE A 145 52.76 15.19 23.70
C ILE A 145 51.56 14.27 23.87
N ARG A 146 50.42 14.85 24.18
CA ARG A 146 49.24 14.04 24.38
C ARG A 146 48.75 13.41 23.05
N LYS A 147 48.33 12.16 23.11
CA LYS A 147 47.90 11.50 21.87
C LYS A 147 46.53 11.93 21.43
N GLY A 148 46.40 12.17 20.13
CA GLY A 148 45.12 12.59 19.58
C GLY A 148 44.87 14.07 19.81
N SER A 149 45.76 14.74 20.53
CA SER A 149 45.64 16.16 20.82
C SER A 149 45.77 16.93 19.51
N SER A 150 45.30 18.19 19.49
CA SER A 150 45.40 18.98 18.26
C SER A 150 46.53 20.01 18.15
N THR A 151 46.89 20.28 16.92
CA THR A 151 47.90 21.25 16.55
C THR A 151 47.27 22.63 16.54
N CYS A 152 45.95 22.68 16.58
CA CYS A 152 45.18 23.91 16.52
C CYS A 152 45.74 24.86 15.41
N ILE A 153 45.63 26.19 15.55
CA ILE A 153 46.13 27.07 14.49
C ILE A 153 47.62 26.94 14.13
N PRO A 154 47.92 26.86 12.85
CA PRO A 154 47.04 26.90 11.69
C PRO A 154 46.71 25.55 11.02
N TYR A 155 47.38 24.46 11.37
CA TYR A 155 47.08 23.19 10.68
C TYR A 155 45.97 22.28 11.22
N PHE A 156 45.68 22.37 12.50
CA PHE A 156 44.65 21.52 13.05
C PHE A 156 44.92 20.04 12.81
N SER A 157 46.18 19.62 12.81
CA SER A 157 46.44 18.20 12.62
C SER A 157 46.25 17.45 13.94
N ASN A 158 45.96 16.15 13.88
CA ASN A 158 45.83 15.32 15.11
C ASN A 158 46.75 14.12 14.98
N ASP A 159 47.57 14.16 13.93
CA ASP A 159 48.51 13.11 13.62
C ASP A 159 49.78 13.20 14.45
N MET A 160 50.03 12.17 15.27
CA MET A 160 51.24 12.20 16.12
C MET A 160 52.52 12.47 15.33
N GLY A 161 52.61 11.87 14.16
CA GLY A 161 53.79 12.08 13.35
C GLY A 161 53.97 13.53 12.97
N THR A 162 52.89 14.12 12.47
CA THR A 162 52.92 15.51 12.07
C THR A 162 53.15 16.39 13.29
N LYS A 163 52.64 16.00 14.45
CA LYS A 163 52.86 16.83 15.62
C LYS A 163 54.35 16.87 15.96
N ILE A 164 54.96 15.68 16.02
CA ILE A 164 56.38 15.58 16.31
C ILE A 164 57.21 16.39 15.30
N GLU A 165 56.78 16.38 14.03
CA GLU A 165 57.49 17.11 12.98
C GLU A 165 57.49 18.56 13.43
N ILE A 166 56.28 19.12 13.46
CA ILE A 166 56.01 20.50 13.85
C ILE A 166 56.81 20.95 15.06
N ALA A 167 56.76 20.14 16.12
CA ALA A 167 57.50 20.43 17.35
C ALA A 167 59.01 20.50 17.16
N GLU A 168 59.58 19.50 16.51
CA GLU A 168 61.02 19.50 16.30
C GLU A 168 61.39 20.74 15.48
N ARG A 169 60.61 20.97 14.45
CA ARG A 169 60.84 22.11 13.58
C ARG A 169 60.74 23.39 14.41
N ALA A 170 59.83 23.40 15.37
CA ALA A 170 59.65 24.56 16.21
C ALA A 170 60.83 24.81 17.12
N LEU A 171 61.35 23.75 17.76
CA LEU A 171 62.50 23.96 18.64
C LEU A 171 63.72 24.37 17.84
N GLU A 172 63.73 24.03 16.56
CA GLU A 172 64.86 24.39 15.72
C GLU A 172 64.74 25.84 15.34
N LYS A 173 63.52 26.29 15.10
CA LYS A 173 63.32 27.62 14.62
C LYS A 173 62.75 28.67 15.60
N ALA A 174 62.53 28.28 16.85
CA ALA A 174 61.97 29.20 17.85
C ALA A 174 62.82 30.48 17.93
N GLU A 175 64.14 30.29 17.94
CA GLU A 175 65.04 31.40 18.06
C GLU A 175 64.87 32.46 16.97
N GLU A 176 64.71 32.05 15.72
CA GLU A 176 64.53 33.01 14.64
C GLU A 176 63.18 33.70 14.78
N ALA A 177 62.22 32.90 15.23
CA ALA A 177 60.87 33.39 15.41
C ALA A 177 60.89 34.52 16.44
N GLY A 178 61.43 34.22 17.62
CA GLY A 178 61.50 35.23 18.65
C GLY A 178 62.25 36.49 18.24
N ASN A 179 63.38 36.35 17.56
CA ASN A 179 64.11 37.55 17.18
C ASN A 179 63.31 38.36 16.21
N LEU A 180 62.55 37.65 15.40
CA LEU A 180 61.69 38.32 14.44
C LEU A 180 60.65 39.11 15.20
N MET A 181 60.20 38.50 16.29
CA MET A 181 59.19 39.11 17.12
C MET A 181 59.85 40.30 17.86
N LEU A 182 61.03 40.09 18.41
CA LEU A 182 61.70 41.20 19.08
C LEU A 182 61.80 42.40 18.12
N GLN A 183 61.78 42.17 16.80
CA GLN A 183 61.86 43.31 15.88
C GLN A 183 60.50 43.80 15.47
N GLY A 184 59.47 43.24 16.08
CA GLY A 184 58.11 43.65 15.78
C GLY A 184 57.51 43.04 14.53
N LYS A 185 58.15 42.00 14.01
CA LYS A 185 57.69 41.37 12.80
C LYS A 185 56.90 40.11 13.08
N PHE A 186 55.76 40.25 13.77
CA PHE A 186 54.96 39.08 14.11
C PHE A 186 54.42 38.35 12.92
N ASP A 187 53.88 39.09 11.96
CA ASP A 187 53.36 38.46 10.78
C ASP A 187 54.46 37.54 10.16
N ASP A 188 55.68 38.03 10.07
CA ASP A 188 56.71 37.16 9.52
C ASP A 188 56.90 35.95 10.43
N ALA A 189 56.98 36.18 11.73
CA ALA A 189 57.19 35.07 12.64
C ALA A 189 56.13 33.99 12.39
N TYR A 190 54.88 34.44 12.27
CA TYR A 190 53.78 33.52 12.02
C TYR A 190 53.80 32.87 10.62
N GLN A 191 53.93 33.68 9.58
CA GLN A 191 53.96 33.16 8.23
C GLN A 191 55.05 32.13 8.01
N LEU A 192 56.24 32.40 8.56
CA LEU A 192 57.39 31.52 8.44
C LEU A 192 57.44 30.34 9.38
N HIS A 193 56.92 30.48 10.59
CA HIS A 193 57.06 29.36 11.51
C HIS A 193 55.83 29.02 12.30
N GLN A 194 54.74 29.68 11.94
CA GLN A 194 53.43 29.54 12.59
C GLN A 194 53.51 29.79 14.06
N MET A 195 54.39 30.69 14.50
CA MET A 195 54.46 31.02 15.92
C MET A 195 53.76 32.38 16.00
N GLY A 196 52.51 32.33 16.42
CA GLY A 196 51.70 33.53 16.48
C GLY A 196 50.27 33.18 16.13
N GLY A 197 49.59 34.12 15.52
CA GLY A 197 48.24 33.85 15.12
C GLY A 197 47.20 34.15 16.16
N ALA A 198 46.70 33.12 16.84
CA ALA A 198 45.61 33.27 17.81
C ALA A 198 45.32 31.96 18.48
N TYR A 199 44.56 32.04 19.56
CA TYR A 199 44.13 30.85 20.28
C TYR A 199 42.80 30.52 19.62
N TYR A 200 42.43 29.26 19.63
CA TYR A 200 41.18 28.84 19.03
C TYR A 200 40.19 28.57 20.17
N VAL A 201 39.07 29.25 20.17
CA VAL A 201 38.14 29.04 21.26
C VAL A 201 37.18 27.90 21.08
N VAL A 202 37.16 27.04 22.08
CA VAL A 202 36.31 25.87 22.13
C VAL A 202 35.57 25.86 23.45
N TYR A 203 34.27 25.66 23.39
CA TYR A 203 33.51 25.62 24.63
C TYR A 203 33.43 24.20 25.21
N ARG A 204 33.81 24.07 26.47
CA ARG A 204 33.80 22.79 27.16
C ARG A 204 32.68 22.77 28.18
N ALA A 205 32.31 21.57 28.57
CA ALA A 205 31.22 21.44 29.50
C ALA A 205 31.68 21.24 30.92
N GLN A 206 30.91 21.83 31.83
CA GLN A 206 31.09 21.67 33.26
C GLN A 206 29.86 20.80 33.39
N SER A 207 30.04 19.49 33.42
CA SER A 207 28.84 18.66 33.37
C SER A 207 27.90 18.78 34.53
N THR A 208 28.41 19.31 35.64
CA THR A 208 27.56 19.44 36.79
C THR A 208 27.78 20.84 37.30
N ASP A 209 26.72 21.44 37.77
CA ASP A 209 26.77 22.77 38.31
C ASP A 209 25.64 22.82 39.33
N ALA A 210 25.71 23.78 40.24
CA ALA A 210 24.72 23.90 41.31
C ALA A 210 23.26 24.04 40.93
N ILE A 211 22.43 23.24 41.62
CA ILE A 211 21.00 23.30 41.43
C ILE A 211 20.39 23.25 42.81
N THR A 212 19.33 24.04 42.98
CA THR A 212 18.66 24.16 44.25
C THR A 212 17.19 23.76 44.18
N LEU A 213 16.68 23.24 45.30
CA LEU A 213 15.27 22.86 45.37
C LEU A 213 14.59 23.84 46.29
N ASP A 214 13.88 24.80 45.73
CA ASP A 214 13.16 25.79 46.56
C ASP A 214 11.93 25.16 47.23
N PRO A 215 11.94 25.09 48.57
CA PRO A 215 10.85 24.48 49.35
C PRO A 215 9.46 25.05 49.06
N LYS A 216 9.38 26.37 48.84
CA LYS A 216 8.10 27.06 48.55
C LYS A 216 7.36 26.50 47.32
N THR A 217 8.00 26.59 46.15
CA THR A 217 7.39 26.11 44.91
C THR A 217 7.58 24.62 44.65
N GLY A 218 8.53 23.99 45.33
CA GLY A 218 8.76 22.58 45.09
C GLY A 218 9.37 22.38 43.70
N LYS A 219 9.82 23.49 43.09
CA LYS A 219 10.44 23.45 41.77
C LYS A 219 11.95 23.65 41.90
N PHE A 220 12.70 23.17 40.93
CA PHE A 220 14.16 23.31 40.99
C PHE A 220 14.60 24.58 40.29
N VAL A 221 15.71 25.13 40.74
CA VAL A 221 16.27 26.33 40.15
C VAL A 221 17.78 26.17 39.96
N SER A 222 18.25 26.44 38.74
CA SER A 222 19.68 26.32 38.40
C SER A 222 20.53 27.59 38.67
N LYS A 223 21.76 27.40 39.11
CA LYS A 223 22.62 28.56 39.36
C LYS A 223 22.76 29.39 38.10
N ASP A 224 22.40 30.66 38.16
CA ASP A 224 22.55 31.48 36.97
C ASP A 224 24.02 31.64 36.66
N ARG A 225 24.36 31.56 35.38
CA ARG A 225 25.75 31.77 34.96
C ARG A 225 25.82 32.97 34.01
N MET A 226 26.57 33.96 34.43
CA MET A 226 26.70 35.17 33.67
C MET A 226 27.63 35.05 32.49
N VAL A 227 27.17 35.55 31.35
CA VAL A 227 28.02 35.55 30.17
C VAL A 227 28.02 36.93 29.57
N ALA A 228 29.03 37.17 28.75
CA ALA A 228 29.20 38.45 28.08
C ALA A 228 28.90 38.33 26.60
N ASP A 229 28.30 39.38 26.06
CA ASP A 229 28.01 39.38 24.64
C ASP A 229 29.22 39.98 23.92
N PHE A 230 29.18 39.91 22.60
CA PHE A 230 30.30 40.41 21.82
C PHE A 230 30.71 41.85 22.18
N GLU A 231 29.73 42.72 22.38
CA GLU A 231 30.05 44.10 22.74
C GLU A 231 30.84 44.19 24.00
N TYR A 232 30.31 43.52 25.01
CA TYR A 232 30.98 43.53 26.30
C TYR A 232 32.41 43.01 26.14
N ALA A 233 32.57 41.87 25.47
CA ALA A 233 33.90 41.30 25.33
C ALA A 233 34.92 42.17 24.64
N VAL A 234 34.52 42.86 23.57
CA VAL A 234 35.52 43.69 22.91
C VAL A 234 35.80 45.00 23.62
N THR A 235 34.88 45.45 24.45
CA THR A 235 35.08 46.73 25.16
C THR A 235 35.56 46.59 26.59
N GLY A 236 35.97 45.37 26.94
CA GLY A 236 36.46 45.14 28.28
C GLY A 236 35.38 45.42 29.31
N GLY A 237 34.12 45.33 28.89
CA GLY A 237 33.02 45.59 29.79
C GLY A 237 32.51 47.02 29.72
N GLU A 238 33.16 47.93 28.97
CA GLU A 238 32.68 49.33 28.88
C GLU A 238 31.26 49.41 28.30
N GLN A 239 31.09 48.93 27.07
CA GLN A 239 29.77 48.91 26.42
C GLN A 239 29.21 47.49 26.60
N GLY A 240 28.13 47.18 25.89
CA GLY A 240 27.54 45.85 25.94
C GLY A 240 26.95 45.44 27.26
N SER A 241 26.37 44.25 27.31
CA SER A 241 25.80 43.78 28.55
C SER A 241 26.33 42.41 28.99
N LEU A 242 26.03 42.11 30.23
CA LEU A 242 26.48 40.90 30.86
C LEU A 242 25.35 40.19 31.59
N PHE A 243 24.63 39.33 30.87
CA PHE A 243 23.49 38.60 31.39
C PHE A 243 23.70 37.12 31.69
N ALA A 244 22.65 36.53 32.24
CA ALA A 244 22.62 35.11 32.61
C ALA A 244 22.25 34.30 31.38
N ALA A 245 22.99 33.21 31.16
CA ALA A 245 22.70 32.35 30.02
C ALA A 245 21.38 31.61 30.34
N SER A 246 20.75 30.99 29.34
CA SER A 246 19.55 30.24 29.66
C SER A 246 19.86 28.74 29.80
N LYS A 247 19.59 28.18 30.97
CA LYS A 247 19.86 26.77 31.18
C LYS A 247 18.60 25.96 30.98
N ASP A 248 17.52 26.66 30.63
CA ASP A 248 16.23 26.03 30.43
C ASP A 248 16.30 24.97 29.34
N ALA A 249 15.97 23.72 29.69
CA ALA A 249 16.03 22.60 28.75
C ALA A 249 14.74 22.31 27.92
N SER A 250 13.63 22.93 28.29
CA SER A 250 12.35 22.75 27.60
C SER A 250 12.52 22.74 26.09
N ARG A 251 13.29 23.70 25.58
CA ARG A 251 13.54 23.75 24.16
C ARG A 251 13.88 22.37 23.56
N LEU A 252 14.56 21.53 24.34
CA LEU A 252 14.92 20.21 23.83
C LEU A 252 13.69 19.42 23.36
N LYS A 253 12.54 19.64 24.00
CA LYS A 253 11.35 18.92 23.58
C LYS A 253 10.94 19.34 22.16
N GLU A 254 10.78 20.64 21.89
CA GLU A 254 10.40 21.06 20.53
C GLU A 254 11.50 20.80 19.53
N GLN A 255 12.69 21.30 19.80
CA GLN A 255 13.78 21.11 18.86
C GLN A 255 14.06 19.67 18.49
N TYR A 256 14.21 18.80 19.49
CA TYR A 256 14.58 17.42 19.21
C TYR A 256 13.59 16.38 19.69
N GLY A 257 12.53 16.84 20.35
CA GLY A 257 11.55 15.89 20.84
C GLY A 257 12.20 14.93 21.80
N ILE A 258 12.76 15.49 22.86
CA ILE A 258 13.40 14.70 23.88
C ILE A 258 12.60 15.06 25.12
N ASP A 259 12.18 14.05 25.85
CA ASP A 259 11.41 14.31 27.04
C ASP A 259 12.31 14.79 28.12
N VAL A 260 12.20 16.07 28.44
CA VAL A 260 13.02 16.60 29.49
C VAL A 260 12.17 16.59 30.75
N PRO A 261 12.54 15.72 31.70
CA PRO A 261 11.79 15.64 32.95
C PRO A 261 11.92 16.91 33.76
N ASP A 262 11.07 17.05 34.78
CA ASP A 262 11.12 18.25 35.56
C ASP A 262 12.37 18.39 36.39
N GLY A 263 12.95 19.59 36.38
CA GLY A 263 14.14 19.83 37.18
C GLY A 263 15.43 19.37 36.55
N PHE A 264 15.51 19.43 35.23
CA PHE A 264 16.71 19.08 34.51
C PHE A 264 17.09 20.25 33.60
N PHE A 265 18.39 20.51 33.54
CA PHE A 265 18.83 21.65 32.76
C PHE A 265 19.96 21.42 31.84
N CYS A 266 20.12 22.42 30.97
CA CYS A 266 21.22 22.45 30.02
C CYS A 266 22.49 22.73 30.82
N GLU A 267 23.62 22.25 30.32
CA GLU A 267 24.87 22.41 31.06
C GLU A 267 25.64 23.69 30.89
N ARG A 268 26.40 24.00 31.92
CA ARG A 268 27.24 25.17 31.94
C ARG A 268 28.39 25.01 30.98
N ARG A 269 28.73 26.05 30.23
CA ARG A 269 29.85 25.91 29.33
C ARG A 269 30.94 26.91 29.64
N ARG A 270 32.16 26.41 29.63
CA ARG A 270 33.34 27.20 29.94
C ARG A 270 34.18 27.43 28.72
N THR A 271 34.68 28.64 28.52
CA THR A 271 35.50 28.78 27.35
C THR A 271 36.88 28.15 27.62
N ALA A 272 37.40 27.48 26.60
CA ALA A 272 38.70 26.81 26.62
C ALA A 272 39.45 27.26 25.35
N MET A 273 40.75 27.40 25.43
CA MET A 273 41.44 27.87 24.26
C MET A 273 42.63 27.01 23.88
N GLY A 274 42.57 26.56 22.63
CA GLY A 274 43.62 25.75 22.05
C GLY A 274 44.67 26.68 21.49
N GLY A 275 45.92 26.43 21.86
CA GLY A 275 47.00 27.27 21.41
C GLY A 275 47.67 26.79 20.17
N PRO A 276 48.28 27.71 19.44
CA PRO A 276 49.00 27.42 18.21
C PRO A 276 50.23 26.61 18.65
N PHE A 277 50.24 25.35 18.26
CA PHE A 277 51.27 24.42 18.68
C PHE A 277 52.71 24.77 18.39
N ALA A 278 52.99 25.41 17.26
CA ALA A 278 54.40 25.79 16.98
C ALA A 278 54.95 26.76 18.06
N LEU A 279 54.06 27.54 18.64
CA LEU A 279 54.41 28.50 19.66
C LEU A 279 54.48 27.82 21.03
N ASN A 280 53.56 26.90 21.30
CA ASN A 280 53.58 26.20 22.60
C ASN A 280 54.78 25.24 22.79
N ALA A 281 55.28 24.69 21.70
CA ALA A 281 56.39 23.74 21.79
C ALA A 281 57.59 24.33 22.52
N PRO A 282 58.13 25.46 22.02
CA PRO A 282 59.28 26.12 22.67
C PRO A 282 58.98 26.33 24.13
N ILE A 283 57.73 26.69 24.40
CA ILE A 283 57.30 26.94 25.77
C ILE A 283 57.23 25.66 26.61
N MET A 284 56.55 24.64 26.09
CA MET A 284 56.45 23.40 26.83
C MET A 284 57.84 22.80 27.14
N ALA A 285 58.80 23.07 26.26
CA ALA A 285 60.16 22.57 26.45
C ALA A 285 60.80 23.09 27.76
N VAL A 286 60.32 24.24 28.20
CA VAL A 286 60.85 24.82 29.42
C VAL A 286 59.90 24.47 30.58
N ALA A 287 58.61 24.52 30.28
CA ALA A 287 57.59 24.29 31.29
C ALA A 287 57.69 22.96 32.03
N GLN A 288 57.95 21.88 31.30
CA GLN A 288 58.03 20.59 31.95
C GLN A 288 59.20 20.57 32.95
N PRO A 289 60.39 21.05 32.54
CA PRO A 289 61.51 21.07 33.47
C PRO A 289 61.11 21.85 34.74
N VAL A 290 60.50 23.02 34.53
CA VAL A 290 60.06 23.79 35.67
C VAL A 290 59.14 22.98 36.58
N ARG A 291 58.22 22.21 36.00
CA ARG A 291 57.30 21.40 36.82
C ARG A 291 58.09 20.43 37.66
N ASN A 292 59.00 19.75 36.98
CA ASN A 292 59.84 18.76 37.62
C ASN A 292 60.55 19.39 38.77
N LYS A 293 61.10 20.59 38.55
CA LYS A 293 61.79 21.26 39.65
C LYS A 293 60.88 21.53 40.83
N ILE A 294 59.90 22.37 40.65
CA ILE A 294 59.07 22.64 41.80
C ILE A 294 58.42 21.41 42.41
N TYR A 295 58.05 20.40 41.61
CA TYR A 295 57.41 19.22 42.21
C TYR A 295 58.44 18.38 42.97
N SER A 296 59.72 18.59 42.66
CA SER A 296 60.79 17.90 43.38
C SER A 296 61.31 18.80 44.54
N LYS A 297 62.18 19.78 44.28
CA LYS A 297 62.66 20.63 45.37
C LYS A 297 61.56 21.30 46.16
N TYR A 298 60.42 21.62 45.56
CA TYR A 298 59.40 22.27 46.40
C TYR A 298 58.14 21.44 46.60
N ALA A 299 58.39 20.13 46.62
CA ALA A 299 57.32 19.17 46.83
C ALA A 299 56.37 19.48 47.99
N TYR A 300 56.88 20.08 49.05
CA TYR A 300 55.99 20.33 50.16
C TYR A 300 54.76 21.12 49.74
N THR A 301 54.93 22.21 49.01
CA THR A 301 53.73 22.97 48.74
C THR A 301 53.11 22.72 47.37
N PHE A 302 53.91 22.15 46.48
CA PHE A 302 53.45 21.93 45.12
C PHE A 302 53.04 20.53 44.64
N HIS A 303 53.77 19.51 45.08
CA HIS A 303 53.53 18.13 44.66
C HIS A 303 52.56 17.29 45.53
N HIS A 304 51.36 17.02 44.99
CA HIS A 304 50.34 16.29 45.74
C HIS A 304 49.82 15.02 45.07
N THR A 305 49.64 13.99 45.86
CA THR A 305 49.19 12.74 45.29
C THR A 305 47.99 12.13 45.97
N THR A 306 48.25 11.27 46.94
CA THR A 306 47.19 10.54 47.64
C THR A 306 46.48 11.35 48.68
N ARG A 307 45.40 10.78 49.20
CA ARG A 307 44.67 11.47 50.25
C ARG A 307 45.59 11.53 51.47
N LEU A 308 46.48 10.55 51.63
CA LEU A 308 47.35 10.54 52.80
C LEU A 308 48.55 11.44 52.69
N ASN A 309 49.01 11.63 51.46
CA ASN A 309 50.14 12.52 51.17
C ASN A 309 49.78 13.92 51.74
N LYS A 310 48.55 14.34 51.45
CA LYS A 310 48.01 15.61 51.91
C LYS A 310 47.83 15.57 53.43
N GLU A 311 47.26 14.49 53.94
CA GLU A 311 47.07 14.39 55.39
C GLU A 311 48.37 14.61 56.15
N GLU A 312 49.43 13.91 55.76
CA GLU A 312 50.66 14.08 56.50
C GLU A 312 50.94 15.55 56.75
N LYS A 313 51.09 16.34 55.69
CA LYS A 313 51.36 17.80 55.84
C LYS A 313 50.36 18.64 56.68
N VAL A 314 49.07 18.47 56.46
CA VAL A 314 48.10 19.26 57.20
C VAL A 314 47.94 18.91 58.68
N LYS A 315 48.07 17.62 59.00
CA LYS A 315 47.88 17.11 60.37
C LYS A 315 48.74 17.85 61.39
N GLU A 316 49.89 18.26 60.91
CA GLU A 316 50.89 18.95 61.69
C GLU A 316 50.60 20.45 61.90
N TRP A 317 49.54 20.96 61.28
CA TRP A 317 49.22 22.39 61.40
C TRP A 317 48.28 22.60 62.55
N SER A 318 48.25 23.82 63.08
CA SER A 318 47.36 24.15 64.20
C SER A 318 46.14 24.77 63.60
N LEU A 319 46.33 25.34 62.42
CA LEU A 319 45.24 25.98 61.69
C LEU A 319 45.34 25.71 60.21
N CYS A 320 44.20 25.37 59.62
CA CYS A 320 44.13 25.11 58.19
C CYS A 320 43.04 25.97 57.57
N VAL A 321 43.44 26.83 56.64
CA VAL A 321 42.42 27.65 56.00
C VAL A 321 42.30 27.24 54.54
N ALA A 322 41.08 26.85 54.17
CA ALA A 322 40.80 26.43 52.79
C ALA A 322 40.23 27.61 51.97
N THR A 323 41.12 28.18 51.15
CA THR A 323 40.79 29.33 50.30
C THR A 323 39.99 29.00 49.06
N ASP A 324 39.54 30.09 48.44
CA ASP A 324 38.71 30.05 47.24
C ASP A 324 38.93 31.30 46.39
N VAL A 325 39.30 31.13 45.14
CA VAL A 325 39.55 32.28 44.28
C VAL A 325 38.45 32.47 43.27
N SER A 326 38.01 33.69 43.09
CA SER A 326 36.96 33.90 42.13
C SER A 326 37.46 34.10 40.71
N ASP A 327 36.97 33.26 39.78
CA ASP A 327 37.31 33.36 38.34
C ASP A 327 38.81 33.62 38.05
N HIS A 328 39.64 32.72 38.54
CA HIS A 328 41.08 32.87 38.44
C HIS A 328 41.63 33.26 37.09
N ASP A 329 41.33 32.45 36.10
CA ASP A 329 41.86 32.68 34.77
C ASP A 329 41.56 34.02 34.15
N THR A 330 40.34 34.52 34.34
CA THR A 330 40.03 35.78 33.71
C THR A 330 40.54 36.97 34.47
N PHE A 331 40.91 36.80 35.74
CA PHE A 331 41.46 37.91 36.51
C PHE A 331 42.96 37.97 36.46
N TRP A 332 43.59 36.85 36.09
CA TRP A 332 45.04 36.76 36.06
C TRP A 332 45.61 38.01 35.43
N PRO A 333 46.50 38.71 36.14
CA PRO A 333 47.10 39.95 35.64
C PRO A 333 48.22 39.95 34.65
N GLY A 334 48.02 40.72 33.61
CA GLY A 334 49.01 40.84 32.57
C GLY A 334 50.26 41.46 33.12
N TRP A 335 50.12 42.22 34.22
CA TRP A 335 51.30 42.84 34.77
C TRP A 335 52.23 41.75 35.29
N LEU A 336 51.64 40.64 35.74
CA LEU A 336 52.46 39.55 36.23
C LEU A 336 53.23 38.91 35.08
N ARG A 337 52.59 38.90 33.90
CA ARG A 337 53.23 38.33 32.72
C ARG A 337 54.49 39.13 32.44
N ASP A 338 54.29 40.44 32.36
CA ASP A 338 55.39 41.35 32.11
C ASP A 338 56.46 41.28 33.19
N LEU A 339 56.04 41.07 34.45
CA LEU A 339 56.98 41.02 35.57
C LEU A 339 57.85 39.78 35.34
N ILE A 340 57.19 38.64 35.12
CA ILE A 340 57.89 37.40 34.90
C ILE A 340 58.90 37.46 33.73
N CYS A 341 58.49 38.08 32.64
CA CYS A 341 59.39 38.20 31.50
C CYS A 341 60.60 39.04 31.84
N ASP A 342 60.33 40.12 32.55
CA ASP A 342 61.38 41.02 32.96
C ASP A 342 62.40 40.26 33.83
N GLU A 343 61.92 39.56 34.84
CA GLU A 343 62.85 38.83 35.68
C GLU A 343 63.58 37.75 34.90
N LEU A 344 62.87 37.05 34.02
CA LEU A 344 63.49 35.98 33.26
C LEU A 344 64.68 36.58 32.52
N LEU A 345 64.44 37.71 31.88
CA LEU A 345 65.47 38.41 31.13
C LEU A 345 66.65 38.68 32.07
N ASN A 346 66.35 39.20 33.26
CA ASN A 346 67.41 39.47 34.24
C ASN A 346 68.23 38.22 34.56
N MET A 347 67.56 37.09 34.84
CA MET A 347 68.27 35.86 35.19
C MET A 347 69.18 35.39 34.08
N GLY A 348 68.97 35.91 32.86
CA GLY A 348 69.79 35.50 31.73
C GLY A 348 69.17 34.63 30.63
N TYR A 349 67.84 34.59 30.55
CA TYR A 349 67.17 33.80 29.51
C TYR A 349 67.29 34.47 28.13
N ALA A 350 67.49 33.66 27.09
CA ALA A 350 67.53 34.21 25.73
C ALA A 350 66.36 35.18 25.53
N PRO A 351 66.62 36.41 25.11
CA PRO A 351 65.46 37.30 24.92
C PRO A 351 64.46 36.80 23.91
N TRP A 352 64.97 36.13 22.87
CA TRP A 352 64.07 35.60 21.85
C TRP A 352 63.09 34.62 22.46
N TRP A 353 63.53 33.80 23.40
CA TRP A 353 62.60 32.88 24.02
C TRP A 353 61.60 33.61 24.91
N VAL A 354 62.12 34.54 25.71
CA VAL A 354 61.27 35.29 26.61
C VAL A 354 60.26 36.02 25.76
N LYS A 355 60.70 36.50 24.62
CA LYS A 355 59.75 37.22 23.81
C LYS A 355 58.61 36.31 23.33
N LEU A 356 58.93 35.04 23.07
CA LEU A 356 57.93 34.08 22.63
C LEU A 356 56.95 33.90 23.79
N PHE A 357 57.52 33.63 24.96
CA PHE A 357 56.70 33.44 26.16
C PHE A 357 55.72 34.59 26.31
N GLU A 358 56.24 35.82 26.32
CA GLU A 358 55.41 37.02 26.46
C GLU A 358 54.26 37.04 25.45
N THR A 359 54.62 36.89 24.19
CA THR A 359 53.64 36.91 23.13
C THR A 359 52.57 35.84 23.30
N SER A 360 52.95 34.68 23.80
CA SER A 360 51.95 33.65 24.01
C SER A 360 50.90 34.08 25.03
N LEU A 361 51.18 35.13 25.79
CA LEU A 361 50.26 35.59 26.80
C LEU A 361 49.47 36.84 26.46
N LYS A 362 49.59 37.29 25.21
CA LYS A 362 48.85 38.46 24.74
C LYS A 362 48.27 38.25 23.35
N LEU A 363 48.19 36.99 22.95
CA LEU A 363 47.71 36.62 21.64
C LEU A 363 46.22 36.76 21.40
N PRO A 364 45.86 37.07 20.15
CA PRO A 364 44.44 37.23 19.79
C PRO A 364 43.71 35.91 19.99
N VAL A 365 42.40 36.01 19.93
CA VAL A 365 41.56 34.88 20.19
C VAL A 365 40.49 34.73 19.08
N TYR A 366 40.37 33.54 18.52
CA TYR A 366 39.37 33.31 17.47
C TYR A 366 38.21 32.61 18.12
N VAL A 367 37.06 33.25 18.00
CA VAL A 367 35.88 32.71 18.64
C VAL A 367 35.12 31.91 17.65
N GLY A 368 34.89 30.68 18.05
CA GLY A 368 34.16 29.76 17.23
C GLY A 368 32.65 29.95 17.26
N ALA A 369 31.99 29.12 18.05
CA ALA A 369 30.55 29.17 18.07
C ALA A 369 29.93 29.10 19.45
N PRO A 370 29.83 30.27 20.08
CA PRO A 370 29.26 30.45 21.41
C PRO A 370 27.75 30.17 21.39
N ALA A 371 27.14 30.22 20.22
CA ALA A 371 25.70 30.01 20.10
C ALA A 371 25.30 29.88 18.67
N PRO A 372 24.08 29.42 18.42
CA PRO A 372 23.56 29.26 17.05
C PRO A 372 23.68 30.60 16.32
N GLU A 373 24.24 30.58 15.12
CA GLU A 373 24.43 31.81 14.32
C GLU A 373 25.19 32.91 15.07
N GLN A 374 26.33 32.55 15.63
CA GLN A 374 27.16 33.47 16.37
C GLN A 374 28.62 33.05 16.34
N GLY A 375 29.51 34.02 16.24
CA GLY A 375 30.92 33.71 16.26
C GLY A 375 31.67 33.84 14.98
N HIS A 376 32.67 32.97 14.82
CA HIS A 376 33.52 32.97 13.64
C HIS A 376 34.00 34.38 13.50
N THR A 377 34.59 34.87 14.58
CA THR A 377 35.11 36.23 14.65
C THR A 377 36.42 36.23 15.40
N LEU A 378 37.41 36.91 14.85
CA LEU A 378 38.73 36.99 15.46
C LEU A 378 38.82 38.26 16.32
N LEU A 379 39.28 38.14 17.58
CA LEU A 379 39.44 39.28 18.47
C LEU A 379 40.91 39.58 18.59
N GLY A 380 41.27 40.85 18.31
CA GLY A 380 42.65 41.30 18.38
C GLY A 380 43.44 41.13 17.10
N ASP A 381 44.41 41.98 16.86
CA ASP A 381 45.17 41.88 15.65
C ASP A 381 46.44 41.05 15.79
N PRO A 382 46.55 39.91 15.09
CA PRO A 382 47.75 39.10 15.20
C PRO A 382 49.02 39.79 14.77
N SER A 383 48.89 40.90 14.03
CA SER A 383 50.09 41.64 13.58
C SER A 383 50.77 42.34 14.76
N ASN A 384 49.97 42.70 15.75
CA ASN A 384 50.54 43.34 16.91
C ASN A 384 49.81 42.81 18.16
N PRO A 385 50.15 41.58 18.57
CA PRO A 385 49.50 40.97 19.75
C PRO A 385 49.49 41.85 20.99
N ASP A 386 48.29 42.11 21.51
CA ASP A 386 48.14 42.97 22.67
C ASP A 386 46.81 42.76 23.42
N LEU A 387 46.33 41.53 23.46
CA LEU A 387 45.10 41.25 24.20
C LEU A 387 45.48 41.14 25.66
N GLU A 388 44.50 41.11 26.53
CA GLU A 388 44.80 41.08 27.95
C GLU A 388 43.62 40.32 28.55
N VAL A 389 43.52 39.04 28.14
CA VAL A 389 42.44 38.11 28.50
C VAL A 389 42.61 37.40 29.80
N GLY A 390 43.78 37.58 30.37
CA GLY A 390 44.07 36.89 31.59
C GLY A 390 44.97 35.76 31.16
N LEU A 391 44.66 34.58 31.65
CA LEU A 391 45.39 33.34 31.32
C LEU A 391 44.63 32.53 30.27
N SER A 392 45.30 32.09 29.19
CA SER A 392 44.61 31.29 28.15
C SER A 392 44.73 29.86 28.56
N SER A 393 43.61 29.20 28.78
CA SER A 393 43.72 27.81 29.21
C SER A 393 44.67 26.94 28.38
N GLY A 394 44.99 27.31 27.14
CA GLY A 394 45.86 26.43 26.40
C GLY A 394 47.26 26.94 26.13
N GLN A 395 47.71 27.87 26.95
CA GLN A 395 49.06 28.37 26.78
C GLN A 395 49.96 27.30 27.36
N GLY A 396 51.16 27.18 26.82
CA GLY A 396 52.08 26.15 27.29
C GLY A 396 52.36 25.97 28.78
N ALA A 397 52.31 27.07 29.51
CA ALA A 397 52.60 27.02 30.93
C ALA A 397 51.45 27.47 31.82
N THR A 398 50.22 27.43 31.33
CA THR A 398 49.12 27.88 32.14
C THR A 398 49.19 27.49 33.61
N ASP A 399 49.38 26.22 33.93
CA ASP A 399 49.43 25.88 35.37
C ASP A 399 50.51 26.62 36.19
N LEU A 400 51.71 26.79 35.62
CA LEU A 400 52.80 27.50 36.27
C LEU A 400 52.40 28.96 36.50
N MET A 401 51.80 29.60 35.50
CA MET A 401 51.39 31.00 35.68
C MET A 401 50.40 31.17 36.81
N GLY A 402 49.51 30.21 36.97
CA GLY A 402 48.51 30.29 38.02
C GLY A 402 49.13 29.94 39.36
N THR A 403 50.04 29.00 39.32
CA THR A 403 50.68 28.63 40.55
C THR A 403 51.65 29.72 41.04
N LEU A 404 52.42 30.33 40.13
CA LEU A 404 53.39 31.41 40.46
C LEU A 404 52.53 32.52 41.05
N LEU A 405 51.51 32.99 40.33
CA LEU A 405 50.60 33.94 40.98
C LEU A 405 50.01 33.05 42.11
N MET A 406 48.84 33.36 42.64
CA MET A 406 48.29 32.58 43.77
C MET A 406 49.28 32.14 44.88
N SER A 407 50.33 31.38 44.59
CA SER A 407 51.27 30.98 45.67
C SER A 407 51.81 32.23 46.36
N ILE A 408 52.41 33.17 45.60
CA ILE A 408 52.89 34.41 46.20
C ILE A 408 51.68 35.20 46.80
N THR A 409 50.57 35.25 46.08
CA THR A 409 49.41 35.93 46.64
C THR A 409 49.07 35.41 48.03
N TYR A 410 48.97 34.08 48.18
CA TYR A 410 48.63 33.50 49.50
C TYR A 410 49.69 33.85 50.56
N LEU A 411 50.96 33.73 50.22
CA LEU A 411 52.02 34.10 51.15
C LEU A 411 51.81 35.56 51.59
N VAL A 412 51.62 36.47 50.63
CA VAL A 412 51.39 37.86 50.97
C VAL A 412 50.19 37.99 51.88
N MET A 413 49.11 37.28 51.59
CA MET A 413 47.94 37.31 52.46
C MET A 413 48.44 36.94 53.88
N GLN A 414 49.23 35.88 54.00
CA GLN A 414 49.74 35.45 55.31
C GLN A 414 50.65 36.49 55.96
N LEU A 415 51.60 37.01 55.20
CA LEU A 415 52.48 38.04 55.72
C LEU A 415 51.58 39.20 56.19
N ASP A 416 50.84 39.79 55.27
CA ASP A 416 49.98 40.90 55.65
C ASP A 416 49.11 40.77 56.87
N HIS A 417 48.40 39.67 57.03
CA HIS A 417 47.50 39.61 58.17
C HIS A 417 47.92 38.76 59.33
N THR A 418 49.10 38.13 59.27
CA THR A 418 49.43 37.25 60.38
C THR A 418 50.88 37.20 60.73
N ALA A 419 51.75 37.65 59.83
CA ALA A 419 53.17 37.49 60.12
C ALA A 419 54.08 38.66 59.84
N PRO A 420 53.62 39.87 60.18
CA PRO A 420 54.37 41.12 59.97
C PRO A 420 55.80 40.96 60.45
N HIS A 421 55.98 40.15 61.48
CA HIS A 421 57.32 39.90 62.01
C HIS A 421 58.24 39.19 61.05
N LEU A 422 57.77 38.84 59.86
CA LEU A 422 58.67 38.19 58.97
C LEU A 422 59.21 39.15 57.91
N ASN A 423 58.57 40.29 57.77
CA ASN A 423 58.98 41.20 56.71
C ASN A 423 60.44 41.53 56.65
N SER A 424 61.06 41.63 57.82
CA SER A 424 62.48 41.98 57.93
C SER A 424 63.35 40.97 57.23
N ARG A 425 62.81 39.77 57.01
CA ARG A 425 63.56 38.73 56.31
C ARG A 425 63.54 39.01 54.80
N ILE A 426 62.62 39.85 54.35
CA ILE A 426 62.53 40.16 52.94
C ILE A 426 62.98 41.59 52.67
N LYS A 427 64.28 41.73 52.46
CA LYS A 427 64.93 43.01 52.27
C LYS A 427 65.39 43.27 50.85
N ASP A 428 65.86 42.21 50.20
CA ASP A 428 66.35 42.31 48.83
C ASP A 428 66.22 40.95 48.10
N MET A 429 66.58 40.89 46.82
CA MET A 429 66.43 39.63 46.10
C MET A 429 67.01 38.42 46.84
N PRO A 430 68.27 38.53 47.27
CA PRO A 430 68.84 37.39 47.97
C PRO A 430 68.06 36.94 49.20
N SER A 431 67.74 37.88 50.07
CA SER A 431 67.00 37.51 51.26
C SER A 431 65.64 36.95 50.82
N ALA A 432 65.05 37.55 49.79
CA ALA A 432 63.75 37.09 49.31
C ALA A 432 63.81 35.63 48.85
N CYS A 433 64.75 35.33 47.96
CA CYS A 433 64.92 33.96 47.46
C CYS A 433 65.11 33.03 48.67
N ARG A 434 66.03 33.39 49.57
CA ARG A 434 66.32 32.59 50.75
C ARG A 434 65.04 32.28 51.53
N PHE A 435 64.24 33.32 51.71
CA PHE A 435 63.00 33.18 52.44
C PHE A 435 61.98 32.31 51.71
N LEU A 436 61.76 32.60 50.44
CA LEU A 436 60.75 31.86 49.70
C LEU A 436 61.12 30.39 49.68
N ASP A 437 62.40 30.14 49.45
CA ASP A 437 62.91 28.78 49.38
C ASP A 437 62.53 28.03 50.64
N SER A 438 62.75 28.66 51.77
CA SER A 438 62.43 28.05 53.03
C SER A 438 60.92 27.79 53.15
N TYR A 439 60.17 28.80 52.75
CA TYR A 439 58.73 28.73 52.87
C TYR A 439 58.15 27.62 52.00
N TRP A 440 58.57 27.55 50.74
CA TRP A 440 58.03 26.53 49.86
C TRP A 440 58.43 25.15 50.32
N GLN A 441 59.47 25.05 51.16
CA GLN A 441 59.83 23.71 51.63
C GLN A 441 59.13 23.27 52.90
N GLY A 442 58.11 24.03 53.33
CA GLY A 442 57.35 23.71 54.54
C GLY A 442 58.03 24.07 55.86
N HIS A 443 59.23 24.63 55.75
CA HIS A 443 60.08 25.02 56.86
C HIS A 443 59.75 26.34 57.59
N GLU A 444 58.49 26.76 57.67
CA GLU A 444 58.20 28.01 58.37
C GLU A 444 56.90 27.89 59.12
N GLU A 445 56.67 28.88 59.96
CA GLU A 445 55.51 28.93 60.85
C GLU A 445 54.24 29.07 60.04
N ILE A 446 54.41 29.59 58.82
CA ILE A 446 53.27 29.70 57.90
C ILE A 446 53.52 28.77 56.70
N ARG A 447 52.48 28.07 56.25
CA ARG A 447 52.66 27.12 55.14
C ARG A 447 51.50 27.09 54.19
N GLN A 448 51.74 26.50 53.03
CA GLN A 448 50.65 26.38 52.09
C GLN A 448 50.83 25.12 51.26
N ILE A 449 49.72 24.65 50.73
CA ILE A 449 49.82 23.56 49.79
C ILE A 449 48.86 24.09 48.74
N SER A 450 49.33 24.08 47.50
CA SER A 450 48.49 24.62 46.44
C SER A 450 48.81 24.15 45.04
N LYS A 451 47.84 24.43 44.17
CA LYS A 451 47.94 24.16 42.72
C LYS A 451 47.02 25.24 42.18
N SER A 452 47.59 26.32 41.66
CA SER A 452 46.77 27.43 41.14
C SER A 452 45.77 27.92 42.19
N ASP A 453 44.50 27.94 41.79
CA ASP A 453 43.44 28.41 42.68
C ASP A 453 43.02 27.46 43.78
N ASP A 454 43.63 26.28 43.83
CA ASP A 454 43.28 25.42 44.94
C ASP A 454 44.42 25.50 45.99
N ALA A 455 44.02 25.80 47.23
CA ALA A 455 44.98 25.87 48.36
C ALA A 455 44.40 25.68 49.75
N MET A 456 45.31 25.20 50.57
CA MET A 456 45.08 24.92 51.98
C MET A 456 46.21 25.83 52.53
N LEU A 457 45.82 26.81 53.32
CA LEU A 457 46.79 27.74 53.93
C LEU A 457 46.98 27.32 55.40
N GLY A 458 48.21 27.13 55.83
CA GLY A 458 48.43 26.70 57.21
C GLY A 458 49.31 27.50 58.21
N TRP A 459 48.98 27.34 59.48
CA TRP A 459 49.76 27.94 60.58
C TRP A 459 50.13 26.88 61.62
N THR A 460 51.41 26.86 62.00
CA THR A 460 51.92 25.96 63.04
C THR A 460 51.78 26.76 64.36
N LYS A 461 52.45 26.33 65.42
CA LYS A 461 52.40 27.04 66.72
C LYS A 461 53.31 28.26 66.58
N GLY A 462 52.88 29.39 67.14
CA GLY A 462 53.73 30.57 67.02
C GLY A 462 53.07 31.93 66.98
N ARG A 463 53.93 32.93 66.79
CA ARG A 463 53.51 34.32 66.71
C ARG A 463 52.42 34.59 65.71
N ALA A 464 52.60 34.07 64.49
CA ALA A 464 51.65 34.25 63.40
C ALA A 464 50.32 33.55 63.62
N LEU A 465 50.32 32.50 64.45
CA LEU A 465 49.10 31.75 64.67
C LEU A 465 47.90 32.56 65.18
N VAL A 466 48.15 33.56 65.98
CA VAL A 466 46.99 34.31 66.43
C VAL A 466 46.47 35.08 65.22
N GLY A 467 47.41 35.51 64.37
CA GLY A 467 47.04 36.26 63.18
C GLY A 467 46.17 35.44 62.26
N GLY A 468 46.58 34.18 62.11
CA GLY A 468 45.87 33.23 61.27
C GLY A 468 44.42 33.11 61.67
N HIS A 469 44.15 33.02 62.97
CA HIS A 469 42.75 32.92 63.37
C HIS A 469 42.00 34.19 63.03
N ARG A 470 42.66 35.34 63.18
CA ARG A 470 41.99 36.62 62.88
C ARG A 470 41.63 36.62 61.39
N LEU A 471 42.56 36.16 60.56
CA LEU A 471 42.38 36.09 59.11
C LEU A 471 41.17 35.26 58.70
N PHE A 472 41.12 34.04 59.25
CA PHE A 472 40.05 33.07 59.02
C PHE A 472 38.72 33.72 59.36
N GLU A 473 38.75 34.54 60.40
CA GLU A 473 37.56 35.24 60.84
C GLU A 473 37.23 36.34 59.82
N MET A 474 38.26 36.98 59.26
CA MET A 474 38.04 38.03 58.26
C MET A 474 37.26 37.38 57.12
N LEU A 475 37.73 36.20 56.75
CA LEU A 475 37.12 35.42 55.69
C LEU A 475 35.69 35.04 56.00
N LYS A 476 35.39 34.50 57.20
CA LYS A 476 33.99 34.16 57.49
C LYS A 476 33.10 35.39 57.34
N GLU A 477 33.50 36.54 57.90
CA GLU A 477 32.65 37.71 57.79
C GLU A 477 32.47 38.05 56.34
N GLY A 478 33.48 37.73 55.55
CA GLY A 478 33.44 38.00 54.11
C GLY A 478 33.01 39.38 53.64
N LYS A 479 33.46 40.45 54.29
CA LYS A 479 33.09 41.80 53.89
C LYS A 479 34.29 42.52 53.35
N VAL A 480 35.46 41.91 53.50
CA VAL A 480 36.68 42.58 53.06
C VAL A 480 37.66 41.63 52.41
N ASN A 481 38.06 41.97 51.20
CA ASN A 481 39.00 41.12 50.50
C ASN A 481 40.38 41.23 51.15
N PRO A 482 40.93 40.09 51.61
CA PRO A 482 42.24 39.92 52.27
C PRO A 482 43.44 40.15 51.36
N SER A 483 43.16 40.35 50.08
CA SER A 483 44.25 40.59 49.15
C SER A 483 43.97 41.68 48.15
N PRO A 484 45.05 42.32 47.67
CA PRO A 484 45.02 43.41 46.68
C PRO A 484 45.14 42.77 45.26
N TYR A 485 45.55 41.51 45.20
CA TYR A 485 45.73 40.87 43.90
C TYR A 485 44.63 40.08 43.21
N MET A 486 43.82 39.35 43.97
CA MET A 486 42.77 38.52 43.38
C MET A 486 41.64 38.50 44.38
N LYS A 487 40.41 38.28 43.94
CA LYS A 487 39.30 38.21 44.90
C LYS A 487 39.33 36.86 45.66
N ILE A 488 39.59 36.94 46.95
CA ILE A 488 39.70 35.76 47.77
C ILE A 488 38.68 35.55 48.88
N SER A 489 38.32 34.29 49.06
CA SER A 489 37.34 33.86 50.05
C SER A 489 37.72 32.50 50.68
N TYR A 490 36.85 31.95 51.53
CA TYR A 490 37.14 30.61 52.08
C TYR A 490 36.18 29.68 51.36
N GLU A 491 36.64 28.45 51.07
CA GLU A 491 35.82 27.42 50.39
C GLU A 491 34.83 26.88 51.41
N HIS A 492 33.53 26.91 51.07
CA HIS A 492 32.46 26.42 51.95
C HIS A 492 32.34 24.90 51.82
N GLY A 493 33.13 24.21 52.63
CA GLY A 493 33.20 22.76 52.58
C GLY A 493 34.57 22.60 51.98
N GLY A 494 35.56 22.92 52.79
CA GLY A 494 36.91 22.86 52.32
C GLY A 494 37.40 21.52 51.84
N ALA A 495 38.17 21.57 50.77
CA ALA A 495 38.75 20.36 50.23
C ALA A 495 39.93 20.81 49.39
N PHE A 496 40.80 19.87 49.09
CA PHE A 496 41.98 20.19 48.31
C PHE A 496 42.25 19.10 47.29
N LEU A 497 42.41 19.55 46.05
CA LEU A 497 42.69 18.69 44.94
C LEU A 497 41.82 17.45 44.93
N GLY A 498 40.52 17.68 45.17
CA GLY A 498 39.55 16.60 45.12
C GLY A 498 39.19 15.85 46.38
N ASP A 499 40.05 15.91 47.40
CA ASP A 499 39.71 15.21 48.61
C ASP A 499 39.20 16.20 49.64
N ILE A 500 38.10 15.84 50.25
CA ILE A 500 37.47 16.66 51.25
C ILE A 500 38.23 16.48 52.53
N LEU A 501 38.44 17.60 53.24
CA LEU A 501 39.12 17.55 54.53
C LEU A 501 38.04 17.29 55.57
N LEU A 502 38.06 16.11 56.18
CA LEU A 502 37.05 15.74 57.17
C LEU A 502 37.48 15.95 58.62
N TYR A 503 36.89 16.99 59.21
CA TYR A 503 37.16 17.41 60.59
C TYR A 503 36.20 16.64 61.48
N ASP A 504 36.59 16.44 62.75
CA ASP A 504 35.71 15.76 63.70
C ASP A 504 35.18 16.79 64.70
N SER A 505 34.78 16.33 65.87
CA SER A 505 34.26 17.26 66.84
C SER A 505 35.22 18.38 67.27
N ARG A 506 36.50 18.04 67.49
CA ARG A 506 37.57 18.97 67.89
C ARG A 506 37.61 20.16 66.94
N ARG A 507 37.55 19.85 65.65
CA ARG A 507 37.59 20.81 64.56
C ARG A 507 39.00 21.39 64.41
N GLU A 508 39.99 20.50 64.33
CA GLU A 508 41.38 20.91 64.21
C GLU A 508 42.11 19.97 63.27
N PRO A 509 43.03 20.53 62.48
CA PRO A 509 43.84 19.82 61.50
C PRO A 509 44.44 18.48 61.95
N GLY A 510 44.88 18.39 63.20
CA GLY A 510 45.49 17.15 63.66
C GLY A 510 44.54 15.95 63.73
N SER A 511 43.30 16.21 64.14
CA SER A 511 42.34 15.15 64.26
C SER A 511 41.47 15.05 63.02
N ALA A 512 41.87 15.72 61.95
CA ALA A 512 41.09 15.65 60.71
C ALA A 512 41.78 14.71 59.72
N ILE A 513 41.03 14.36 58.68
CA ILE A 513 41.54 13.45 57.66
C ILE A 513 40.97 13.78 56.29
N PHE A 514 41.68 13.32 55.27
CA PHE A 514 41.29 13.55 53.89
C PHE A 514 40.55 12.39 53.19
N VAL A 515 39.25 12.58 53.00
CA VAL A 515 38.49 11.55 52.30
C VAL A 515 38.15 11.98 50.85
N GLY A 516 37.98 11.01 49.96
CA GLY A 516 37.64 11.35 48.59
C GLY A 516 36.26 11.99 48.56
N ASN A 517 36.02 12.88 47.60
CA ASN A 517 34.72 13.53 47.54
C ASN A 517 33.75 12.60 46.85
N ILE A 518 32.79 12.04 47.58
CA ILE A 518 31.91 11.14 46.88
C ILE A 518 31.02 11.77 45.78
N ASN A 519 30.76 13.07 45.90
CA ASN A 519 29.98 13.75 44.88
C ASN A 519 30.79 13.71 43.57
N SER A 520 32.12 13.67 43.68
CA SER A 520 32.99 13.56 42.51
C SER A 520 32.78 12.21 41.81
N MET A 521 32.69 11.14 42.61
CA MET A 521 32.45 9.81 42.06
C MET A 521 31.14 9.93 41.28
N LEU A 522 30.11 10.44 41.92
CA LEU A 522 28.85 10.63 41.23
C LEU A 522 29.02 11.43 39.91
N ASN A 523 29.75 12.54 39.96
CA ASN A 523 29.96 13.31 38.73
C ASN A 523 30.64 12.48 37.67
N ASN A 524 31.76 11.87 38.04
CA ASN A 524 32.49 11.04 37.11
C ASN A 524 31.72 9.86 36.53
N GLN A 525 30.96 9.17 37.36
CA GLN A 525 30.25 8.03 36.85
C GLN A 525 28.98 8.33 36.07
N PHE A 526 28.21 9.36 36.44
CA PHE A 526 26.97 9.63 35.69
C PHE A 526 26.90 10.94 34.89
N SER A 527 27.93 11.77 34.97
CA SER A 527 27.91 13.02 34.21
C SER A 527 29.28 13.30 33.63
N PRO A 528 29.78 12.40 32.81
CA PRO A 528 31.10 12.59 32.20
C PRO A 528 31.07 13.84 31.31
N GLU A 529 32.21 14.47 31.12
CA GLU A 529 32.21 15.64 30.27
C GLU A 529 32.14 15.23 28.81
N TYR A 530 32.56 14.01 28.52
CA TYR A 530 32.55 13.53 27.14
C TYR A 530 31.96 12.17 27.00
N GLY A 531 31.49 11.87 25.79
CA GLY A 531 30.93 10.56 25.51
C GLY A 531 32.06 9.55 25.33
N VAL A 532 31.70 8.29 25.15
CA VAL A 532 32.72 7.27 24.99
C VAL A 532 33.35 7.24 23.61
N GLN A 533 32.82 8.00 22.65
CA GLN A 533 33.41 8.04 21.31
C GLN A 533 33.68 6.64 20.77
N SER A 534 32.72 5.72 20.95
CA SER A 534 32.94 4.35 20.48
C SER A 534 33.34 4.32 19.00
N GLY A 535 33.13 5.43 18.32
CA GLY A 535 33.53 5.49 16.92
C GLY A 535 35.02 5.73 16.73
N VAL A 536 35.81 5.76 17.78
CA VAL A 536 37.24 5.99 17.57
C VAL A 536 37.99 4.72 17.89
N ARG A 537 38.57 4.12 16.87
CA ARG A 537 39.27 2.87 17.08
C ARG A 537 40.36 2.94 18.08
N ASP A 538 41.26 3.88 17.88
CA ASP A 538 42.39 4.01 18.79
C ASP A 538 41.94 4.59 20.12
N ARG A 539 41.77 3.71 21.10
CA ARG A 539 41.29 4.17 22.37
C ARG A 539 42.17 5.18 23.07
N SER A 540 43.45 5.15 22.76
CA SER A 540 44.37 6.07 23.40
C SER A 540 44.05 7.51 22.97
N LYS A 541 43.48 7.67 21.79
CA LYS A 541 43.14 9.00 21.30
C LYS A 541 41.76 9.48 21.80
N ARG A 542 41.08 8.68 22.61
CA ARG A 542 39.77 9.06 23.12
C ARG A 542 39.82 9.95 24.35
N LYS A 543 38.80 10.78 24.54
CA LYS A 543 38.81 11.60 25.74
C LYS A 543 38.62 10.67 26.94
N ARG A 544 37.94 9.53 26.76
CA ARG A 544 37.83 8.57 27.87
C ARG A 544 38.22 7.18 27.35
N PRO A 545 39.52 6.90 27.21
CA PRO A 545 40.04 5.62 26.70
C PRO A 545 39.49 4.33 27.29
N PHE A 546 39.46 4.22 28.61
CA PHE A 546 39.00 2.97 29.25
C PHE A 546 38.10 3.21 30.45
N PRO A 547 36.92 3.76 30.20
CA PRO A 547 35.90 4.09 31.20
C PRO A 547 35.71 3.06 32.29
N GLY A 548 35.76 1.79 31.88
CA GLY A 548 35.54 0.72 32.84
C GLY A 548 36.57 0.57 33.95
N LEU A 549 37.80 0.93 33.67
CA LEU A 549 38.83 0.79 34.66
C LEU A 549 38.57 1.54 35.98
N ALA A 550 37.68 2.54 35.94
CA ALA A 550 37.45 3.30 37.18
C ALA A 550 36.76 2.47 38.27
N TRP A 551 36.14 1.37 37.86
CA TRP A 551 35.45 0.55 38.87
C TRP A 551 36.51 -0.03 39.77
N ALA A 552 37.63 -0.41 39.16
CA ALA A 552 38.77 -0.97 39.85
C ALA A 552 39.41 -0.05 40.89
N SER A 553 39.36 1.25 40.65
CA SER A 553 39.96 2.18 41.60
C SER A 553 38.94 2.81 42.53
N MET A 554 37.65 2.77 42.16
CA MET A 554 36.60 3.35 42.99
C MET A 554 36.81 3.25 44.55
N LYS A 555 36.91 2.04 45.08
CA LYS A 555 37.10 1.82 46.52
C LYS A 555 38.31 2.61 47.05
N ASP A 556 39.45 2.43 46.39
CA ASP A 556 40.65 3.14 46.81
C ASP A 556 40.49 4.69 46.74
N THR A 557 39.90 5.18 45.67
CA THR A 557 39.68 6.60 45.53
C THR A 557 38.64 7.13 46.50
N TYR A 558 37.50 6.46 46.62
CA TYR A 558 36.46 6.99 47.50
C TYR A 558 36.09 6.24 48.80
N GLY A 559 36.70 5.08 49.01
CA GLY A 559 36.40 4.27 50.18
C GLY A 559 36.34 5.00 51.51
N ALA A 560 37.32 5.86 51.74
CA ALA A 560 37.37 6.61 53.00
C ALA A 560 36.18 7.52 53.24
N CYS A 561 35.37 7.76 52.22
CA CYS A 561 34.23 8.63 52.45
C CYS A 561 33.19 8.00 53.38
N PRO A 562 32.81 8.71 54.44
CA PRO A 562 31.83 8.23 55.42
C PRO A 562 30.60 7.49 54.89
N ILE A 563 30.01 7.95 53.78
CA ILE A 563 28.82 7.24 53.30
C ILE A 563 29.06 6.52 51.99
N TYR A 564 30.30 6.09 51.81
CA TYR A 564 30.65 5.36 50.59
C TYR A 564 29.68 4.21 50.35
N SER A 565 29.71 3.22 51.22
CA SER A 565 28.83 2.06 51.13
C SER A 565 27.36 2.42 50.92
N ASP A 566 26.87 3.44 51.63
CA ASP A 566 25.45 3.82 51.47
C ASP A 566 25.11 4.28 50.05
N VAL A 567 25.97 5.13 49.50
CA VAL A 567 25.77 5.64 48.17
C VAL A 567 25.74 4.52 47.15
N LEU A 568 26.71 3.61 47.23
CA LEU A 568 26.72 2.49 46.29
C LEU A 568 25.39 1.75 46.34
N GLU A 569 24.93 1.43 47.55
CA GLU A 569 23.66 0.74 47.70
C GLU A 569 22.53 1.56 47.11
N ALA A 570 22.53 2.87 47.39
CA ALA A 570 21.49 3.77 46.84
C ALA A 570 21.46 3.70 45.30
N ILE A 571 22.66 3.70 44.70
CA ILE A 571 22.83 3.61 43.27
C ILE A 571 22.21 2.29 42.82
N GLU A 572 22.74 1.20 43.37
CA GLU A 572 22.27 -0.13 43.02
C GLU A 572 20.75 -0.15 43.09
N ARG A 573 20.21 0.31 44.20
CA ARG A 573 18.76 0.31 44.33
C ARG A 573 18.11 1.12 43.19
N CYS A 574 18.51 2.38 43.02
CA CYS A 574 17.91 3.20 41.98
C CYS A 574 18.09 2.68 40.56
N TRP A 575 19.25 2.09 40.29
CA TRP A 575 19.53 1.56 38.97
C TRP A 575 18.55 0.40 38.75
N TRP A 576 18.32 -0.42 39.77
CA TRP A 576 17.35 -1.52 39.65
C TRP A 576 16.01 -0.95 39.29
N ASN A 577 15.55 0.03 40.06
CA ASN A 577 14.27 0.67 39.75
C ASN A 577 14.20 1.23 38.35
N ALA A 578 15.34 1.54 37.75
CA ALA A 578 15.24 2.16 36.44
C ALA A 578 15.65 1.35 35.24
N PHE A 579 16.35 0.26 35.49
CA PHE A 579 16.83 -0.55 34.38
C PHE A 579 16.48 -2.01 34.57
N GLY A 580 16.21 -2.39 35.81
CA GLY A 580 15.90 -3.77 36.07
C GLY A 580 17.17 -4.60 35.97
N GLU A 581 18.32 -3.93 36.10
CA GLU A 581 19.63 -4.59 36.05
C GLU A 581 20.38 -4.13 37.30
N SER A 582 21.48 -4.82 37.58
CA SER A 582 22.37 -4.50 38.70
C SER A 582 23.52 -3.61 38.21
N TYR A 583 23.64 -2.43 38.81
CA TYR A 583 24.70 -1.54 38.42
C TYR A 583 26.04 -2.25 38.68
N ARG A 584 26.21 -2.83 39.87
CA ARG A 584 27.46 -3.54 40.18
C ARG A 584 27.84 -4.51 39.04
N ALA A 585 26.86 -5.29 38.60
CA ALA A 585 27.13 -6.24 37.53
C ALA A 585 27.61 -5.50 36.24
N TYR A 586 26.80 -4.54 35.84
CA TYR A 586 27.07 -3.71 34.67
C TYR A 586 28.54 -3.28 34.68
N ARG A 587 28.97 -2.74 35.83
CA ARG A 587 30.32 -2.25 35.94
C ARG A 587 31.36 -3.34 35.91
N GLU A 588 31.08 -4.47 36.54
CA GLU A 588 32.08 -5.52 36.53
C GLU A 588 32.27 -5.98 35.09
N ASP A 589 31.17 -6.02 34.34
CA ASP A 589 31.32 -6.39 32.91
C ASP A 589 32.22 -5.37 32.23
N MET A 590 31.83 -4.09 32.29
CA MET A 590 32.61 -3.04 31.66
C MET A 590 34.05 -3.15 32.09
N LEU A 591 34.24 -3.43 33.37
CA LEU A 591 35.59 -3.59 33.90
C LEU A 591 36.35 -4.73 33.23
N LYS A 592 35.74 -5.91 33.15
CA LYS A 592 36.44 -7.02 32.54
C LYS A 592 36.80 -6.65 31.12
N ARG A 593 35.79 -6.17 30.41
CA ARG A 593 35.95 -5.80 29.01
C ARG A 593 37.08 -4.79 28.80
N ASP A 594 37.07 -3.72 29.58
CA ASP A 594 38.10 -2.73 29.39
C ASP A 594 39.44 -3.26 29.82
N THR A 595 39.50 -4.04 30.90
CA THR A 595 40.80 -4.58 31.34
C THR A 595 41.41 -5.32 30.15
N LEU A 596 40.57 -6.06 29.43
CA LEU A 596 41.03 -6.84 28.29
C LEU A 596 41.54 -6.00 27.16
N GLU A 597 40.71 -5.05 26.75
CA GLU A 597 41.07 -4.16 25.68
C GLU A 597 42.43 -3.47 25.97
N LEU A 598 42.63 -3.06 27.22
CA LEU A 598 43.85 -2.38 27.65
C LEU A 598 45.15 -3.09 27.28
N SER A 599 45.19 -4.37 27.59
CA SER A 599 46.36 -5.20 27.30
C SER A 599 46.79 -5.04 25.84
N ARG A 600 45.85 -4.69 24.97
CA ARG A 600 46.18 -4.49 23.57
C ARG A 600 47.16 -3.30 23.42
N TYR A 601 46.92 -2.26 24.20
CA TYR A 601 47.73 -1.07 24.13
C TYR A 601 49.01 -1.09 24.95
N VAL A 602 49.05 -1.94 25.96
CA VAL A 602 50.24 -2.00 26.78
C VAL A 602 51.18 -3.11 26.30
N ALA A 603 52.37 -2.70 25.82
CA ALA A 603 53.37 -3.63 25.31
C ALA A 603 53.85 -4.64 26.35
N SER A 604 53.90 -4.18 27.61
CA SER A 604 54.34 -5.01 28.74
C SER A 604 53.25 -5.77 29.48
N MET A 605 52.00 -5.65 29.02
CA MET A 605 50.91 -6.37 29.65
C MET A 605 50.72 -7.68 28.94
N ALA A 606 50.72 -8.79 29.68
CA ALA A 606 50.49 -10.08 29.06
C ALA A 606 49.10 -9.92 28.42
N ARG A 607 48.91 -10.47 27.22
CA ARG A 607 47.62 -10.35 26.50
C ARG A 607 46.42 -10.96 27.25
N GLN A 608 46.30 -10.65 28.54
CA GLN A 608 45.22 -11.12 29.42
C GLN A 608 45.64 -11.02 30.88
N ALA A 609 46.78 -10.38 31.12
CA ALA A 609 47.29 -10.20 32.48
C ALA A 609 46.26 -9.35 33.19
N GLY A 610 46.50 -9.04 34.45
CA GLY A 610 45.53 -8.24 35.15
C GLY A 610 45.98 -6.81 35.38
N LEU A 611 45.14 -6.08 36.09
CA LEU A 611 45.39 -4.69 36.47
C LEU A 611 46.34 -4.83 37.65
N ALA A 612 46.98 -5.99 37.67
CA ALA A 612 47.91 -6.41 38.70
C ALA A 612 48.84 -5.30 39.16
N GLU A 613 49.69 -4.82 38.27
CA GLU A 613 50.61 -3.79 38.70
C GLU A 613 50.26 -2.38 38.27
N LEU A 614 49.02 -1.99 38.52
CA LEU A 614 48.57 -0.66 38.16
C LEU A 614 48.08 0.12 39.36
N THR A 615 48.57 1.36 39.47
CA THR A 615 48.22 2.27 40.55
C THR A 615 46.75 2.59 40.41
N PRO A 616 46.11 3.02 41.49
CA PRO A 616 44.70 3.39 41.43
C PRO A 616 44.68 4.65 40.56
N ILE A 617 45.78 5.40 40.64
CA ILE A 617 45.94 6.61 39.84
C ILE A 617 45.98 6.18 38.36
N ASP A 618 46.77 5.16 38.07
CA ASP A 618 46.85 4.68 36.70
C ASP A 618 45.45 4.45 36.13
N LEU A 619 44.63 3.77 36.92
CA LEU A 619 43.28 3.48 36.50
C LEU A 619 42.42 4.71 36.30
N GLU A 620 42.41 5.65 37.25
CA GLU A 620 41.59 6.84 37.08
C GLU A 620 42.04 7.63 35.84
N VAL A 621 43.33 7.66 35.57
CA VAL A 621 43.81 8.40 34.42
C VAL A 621 43.41 7.75 33.10
N LEU A 622 43.44 6.44 33.08
CA LEU A 622 43.08 5.74 31.87
C LEU A 622 41.57 5.92 31.60
N ALA A 623 40.81 6.17 32.66
CA ALA A 623 39.37 6.32 32.52
C ALA A 623 39.07 7.77 32.23
N ASP A 624 39.98 8.64 32.66
CA ASP A 624 39.81 10.06 32.43
C ASP A 624 41.11 10.82 32.38
N PRO A 625 41.72 10.91 31.21
CA PRO A 625 42.99 11.64 31.08
C PRO A 625 42.96 13.12 31.50
N ASN A 626 41.76 13.69 31.64
CA ASN A 626 41.63 15.09 32.11
C ASN A 626 42.32 15.22 33.48
N LYS A 627 42.19 14.15 34.27
CA LYS A 627 42.76 14.09 35.60
C LYS A 627 44.27 14.38 35.53
N LEU A 628 44.87 14.14 34.36
CA LEU A 628 46.30 14.35 34.14
C LEU A 628 46.73 15.80 33.95
N GLN A 629 45.76 16.69 33.88
CA GLN A 629 46.00 18.11 33.68
C GLN A 629 45.22 18.88 34.72
N TYR A 630 45.24 18.41 35.96
CA TYR A 630 44.50 19.12 36.99
C TYR A 630 44.58 18.47 38.36
N LYS A 631 44.85 17.18 38.39
CA LYS A 631 44.93 16.43 39.64
C LYS A 631 46.32 15.85 39.85
N TRP A 632 46.93 15.38 38.77
CA TRP A 632 48.24 14.75 38.84
C TRP A 632 49.11 15.12 37.66
N THR A 633 50.26 14.47 37.54
CA THR A 633 51.15 14.79 36.46
C THR A 633 51.99 13.58 36.00
N GLU A 634 52.62 13.72 34.83
CA GLU A 634 53.46 12.65 34.27
C GLU A 634 54.12 11.85 35.38
N ALA A 635 54.54 12.58 36.40
CA ALA A 635 55.22 11.98 37.54
C ALA A 635 54.51 10.79 38.20
N ASP A 636 53.30 11.03 38.72
CA ASP A 636 52.49 10.06 39.45
C ASP A 636 51.96 8.84 38.68
N VAL A 637 52.10 8.90 37.36
CA VAL A 637 51.62 7.84 36.51
C VAL A 637 52.70 6.87 36.05
N SER A 638 52.49 5.58 36.31
CA SER A 638 53.41 4.55 35.86
C SER A 638 53.87 4.78 34.42
N ALA A 639 55.15 4.62 34.16
CA ALA A 639 55.65 4.84 32.82
C ALA A 639 54.99 3.99 31.75
N ASN A 640 54.56 2.77 32.10
CA ASN A 640 53.90 1.88 31.13
C ASN A 640 52.71 2.66 30.62
N ILE A 641 51.83 2.99 31.55
CA ILE A 641 50.61 3.72 31.28
C ILE A 641 50.89 5.01 30.55
N HIS A 642 51.82 5.80 31.06
CA HIS A 642 52.20 7.06 30.44
C HIS A 642 52.38 6.92 28.90
N GLU A 643 53.11 5.90 28.44
CA GLU A 643 53.29 5.71 26.99
C GLU A 643 51.96 5.47 26.23
N VAL A 644 50.96 4.96 26.91
CA VAL A 644 49.68 4.74 26.26
C VAL A 644 49.07 6.08 25.84
N LEU A 645 49.17 7.06 26.71
CA LEU A 645 48.60 8.38 26.52
C LEU A 645 49.48 9.42 25.86
N MET A 646 50.77 9.34 26.11
CA MET A 646 51.66 10.35 25.56
C MET A 646 52.72 9.77 24.67
N HIS A 647 53.34 10.64 23.90
CA HIS A 647 54.42 10.28 23.01
C HIS A 647 55.39 11.47 23.03
N GLY A 648 56.69 11.22 23.08
CA GLY A 648 57.59 12.35 23.13
C GLY A 648 58.50 12.65 21.96
N VAL A 649 59.23 13.76 22.09
CA VAL A 649 60.20 14.19 21.11
C VAL A 649 61.51 13.80 21.76
N SER A 650 62.53 13.48 20.96
CA SER A 650 63.85 13.06 21.48
C SER A 650 64.49 13.99 22.52
N VAL A 651 64.95 13.42 23.63
CA VAL A 651 65.62 14.26 24.63
C VAL A 651 66.79 15.00 23.98
N GLU A 652 67.47 14.37 23.03
CA GLU A 652 68.61 14.98 22.38
C GLU A 652 68.16 16.31 21.84
N LYS A 653 67.03 16.32 21.16
CA LYS A 653 66.54 17.54 20.58
C LYS A 653 66.11 18.61 21.56
N THR A 654 65.46 18.24 22.67
CA THR A 654 65.06 19.26 23.67
C THR A 654 66.30 19.80 24.40
N GLU A 655 67.21 18.90 24.72
CA GLU A 655 68.44 19.23 25.41
C GLU A 655 69.19 20.31 24.64
N ARG A 656 69.32 20.13 23.34
CA ARG A 656 70.00 21.13 22.55
C ARG A 656 69.22 22.45 22.58
N PHE A 657 67.89 22.35 22.46
CA PHE A 657 67.03 23.53 22.48
C PHE A 657 67.16 24.25 23.80
N LEU A 658 66.94 23.51 24.88
CA LEU A 658 67.00 24.09 26.20
C LEU A 658 68.35 24.75 26.53
N ARG A 659 69.45 24.16 26.06
CA ARG A 659 70.76 24.70 26.32
C ARG A 659 70.86 26.12 25.75
N SER A 660 70.17 26.39 24.65
CA SER A 660 70.20 27.74 24.10
C SER A 660 69.22 28.74 24.77
N VAL A 661 68.32 28.24 25.60
CA VAL A 661 67.32 29.12 26.20
C VAL A 661 67.80 29.53 27.57
N MET A 662 68.10 28.48 28.34
CA MET A 662 68.60 28.57 29.70
C MET A 662 69.78 29.52 29.81
N PRO A 663 69.83 30.23 30.93
CA PRO A 663 70.91 31.19 31.17
C PRO A 663 72.21 30.42 31.36
N ARG A 664 72.17 29.43 32.26
CA ARG A 664 73.30 28.56 32.58
C ARG A 664 72.71 27.15 32.71
N PRO B 1 -32.52 2.50 1.99
CA PRO B 1 -32.31 1.10 1.48
C PRO B 1 -31.69 0.31 2.61
N ARG B 2 -31.90 0.86 3.81
CA ARG B 2 -31.44 0.40 5.12
C ARG B 2 -30.43 1.49 5.44
N ARG B 3 -30.66 2.17 6.55
CA ARG B 3 -29.79 3.25 6.89
C ARG B 3 -28.71 2.92 7.91
N ALA B 4 -28.80 1.79 8.60
CA ALA B 4 -27.73 1.51 9.58
C ALA B 4 -27.92 2.41 10.77
N PRO B 5 -28.29 1.81 11.88
CA PRO B 5 -28.48 2.66 13.06
C PRO B 5 -27.13 3.27 13.47
N ALA B 6 -27.16 4.48 13.98
CA ALA B 6 -25.97 5.17 14.44
C ALA B 6 -26.28 5.67 15.86
N PHE B 7 -25.33 5.54 16.77
CA PHE B 7 -25.56 5.99 18.13
C PHE B 7 -24.41 6.84 18.65
N PRO B 8 -24.74 7.90 19.37
CA PRO B 8 -23.65 8.73 19.88
C PRO B 8 -23.11 8.09 21.17
N LEU B 9 -21.88 8.46 21.49
CA LEU B 9 -21.17 7.93 22.64
C LEU B 9 -22.05 7.91 23.88
N SER B 10 -22.84 8.96 24.05
CA SER B 10 -23.70 9.06 25.22
C SER B 10 -24.80 8.01 25.25
N ASP B 11 -25.09 7.38 24.12
CA ASP B 11 -26.12 6.37 24.13
C ASP B 11 -25.70 5.11 24.84
N ILE B 12 -26.63 4.53 25.55
CA ILE B 12 -26.37 3.32 26.29
C ILE B 12 -25.66 2.23 25.47
N LYS B 13 -26.02 2.10 24.20
CA LYS B 13 -25.42 1.07 23.37
C LYS B 13 -23.91 1.26 23.15
N ALA B 14 -23.51 2.52 23.07
CA ALA B 14 -22.11 2.89 22.89
C ALA B 14 -21.45 2.78 24.26
N GLN B 15 -22.12 3.27 25.27
CA GLN B 15 -21.57 3.21 26.61
C GLN B 15 -21.20 1.78 27.00
N MET B 16 -22.03 0.79 26.64
CA MET B 16 -21.75 -0.59 27.01
C MET B 16 -20.49 -1.14 26.34
N LEU B 17 -19.93 -0.37 25.39
CA LEU B 17 -18.72 -0.76 24.65
C LEU B 17 -17.45 -0.55 25.45
N PHE B 18 -17.53 0.35 26.41
CA PHE B 18 -16.38 0.69 27.25
C PHE B 18 -16.54 0.37 28.74
N ALA B 19 -15.62 -0.47 29.23
CA ALA B 19 -15.63 -0.87 30.63
C ALA B 19 -15.33 0.28 31.58
N ASN B 20 -15.73 0.09 32.84
CA ASN B 20 -15.58 1.08 33.89
C ASN B 20 -14.13 1.22 34.29
N ASN B 21 -13.33 1.72 33.40
CA ASN B 21 -11.94 1.92 33.71
C ASN B 21 -11.37 3.05 32.87
N ILE B 22 -10.31 3.63 33.40
CA ILE B 22 -9.67 4.80 32.83
C ILE B 22 -9.30 4.62 31.36
N LYS B 23 -8.49 3.62 31.07
CA LYS B 23 -8.09 3.37 29.71
C LYS B 23 -9.30 3.28 28.76
N ALA B 24 -10.25 2.42 29.11
CA ALA B 24 -11.40 2.27 28.26
C ALA B 24 -12.10 3.61 28.06
N GLN B 25 -12.42 4.27 29.17
CA GLN B 25 -13.13 5.53 29.05
C GLN B 25 -12.42 6.50 28.16
N GLN B 26 -11.11 6.61 28.34
CA GLN B 26 -10.32 7.51 27.52
C GLN B 26 -10.40 7.17 26.05
N ALA B 27 -10.33 5.88 25.73
CA ALA B 27 -10.43 5.48 24.34
C ALA B 27 -11.80 5.87 23.74
N SER B 28 -12.87 5.77 24.51
CA SER B 28 -14.16 6.15 23.96
C SER B 28 -14.23 7.65 23.66
N LYS B 29 -13.54 8.45 24.46
CA LYS B 29 -13.56 9.89 24.32
C LYS B 29 -12.39 10.48 23.52
N ARG B 30 -11.31 9.70 23.32
CA ARG B 30 -10.13 10.21 22.61
C ARG B 30 -10.52 11.17 21.51
N SER B 31 -10.03 12.39 21.60
CA SER B 31 -10.33 13.40 20.58
C SER B 31 -9.29 13.33 19.47
N PHE B 32 -9.55 14.04 18.37
CA PHE B 32 -8.62 14.05 17.23
C PHE B 32 -7.22 14.51 17.68
N LYS B 33 -6.17 13.80 17.27
CA LYS B 33 -4.81 14.16 17.68
C LYS B 33 -3.89 14.36 16.46
N GLU B 34 -2.82 15.14 16.63
CA GLU B 34 -1.92 15.47 15.53
C GLU B 34 -0.57 15.87 16.12
N GLY B 35 0.51 15.63 15.39
CA GLY B 35 1.81 16.02 15.91
C GLY B 35 2.98 15.35 15.25
N ALA B 36 4.09 16.06 15.13
CA ALA B 36 5.26 15.49 14.48
C ALA B 36 5.63 14.19 15.14
N ILE B 37 6.16 13.28 14.35
CA ILE B 37 6.56 12.01 14.87
C ILE B 37 8.06 12.08 15.22
N GLU B 38 8.49 11.33 16.22
CA GLU B 38 9.92 11.31 16.58
C GLU B 38 10.51 10.24 15.66
N THR B 39 10.94 10.68 14.48
CA THR B 39 11.48 9.76 13.47
C THR B 39 12.58 8.85 13.95
N TYR B 40 13.49 9.41 14.74
CA TYR B 40 14.61 8.73 15.35
C TYR B 40 14.79 9.48 16.66
N GLU B 41 15.36 8.85 17.69
CA GLU B 41 15.49 9.60 18.95
C GLU B 41 16.19 10.92 18.72
N GLY B 42 15.52 11.99 19.14
CA GLY B 42 16.09 13.31 18.97
C GLY B 42 15.75 13.94 17.63
N LEU B 43 15.07 13.21 16.77
CA LEU B 43 14.76 13.81 15.47
C LEU B 43 13.29 13.89 15.11
N LEU B 44 12.79 15.10 15.03
CA LEU B 44 11.41 15.31 14.69
C LEU B 44 11.18 15.25 13.19
N SER B 45 10.18 14.49 12.78
CA SER B 45 9.87 14.33 11.36
C SER B 45 9.71 15.65 10.63
N VAL B 46 9.36 16.69 11.36
CA VAL B 46 9.13 17.95 10.70
C VAL B 46 10.27 18.99 10.90
N ASP B 47 11.38 18.56 11.48
CA ASP B 47 12.59 19.38 11.70
C ASP B 47 13.09 19.93 10.34
N PRO B 48 13.43 21.22 10.27
CA PRO B 48 13.91 21.84 9.03
C PRO B 48 15.07 21.15 8.35
N ARG B 49 16.07 20.72 9.12
CA ARG B 49 17.20 20.00 8.51
C ARG B 49 16.72 18.79 7.72
N PHE B 50 15.85 18.02 8.36
CA PHE B 50 15.29 16.82 7.78
C PHE B 50 14.44 17.07 6.53
N LEU B 51 13.59 18.11 6.58
CA LEU B 51 12.75 18.40 5.41
C LEU B 51 13.62 18.88 4.28
N SER B 52 14.67 19.60 4.63
CA SER B 52 15.58 20.08 3.63
C SER B 52 16.19 18.84 2.97
N PHE B 53 16.72 17.95 3.82
CA PHE B 53 17.32 16.71 3.32
C PHE B 53 16.32 15.98 2.44
N LYS B 54 15.08 15.89 2.91
CA LYS B 54 14.08 15.21 2.11
C LYS B 54 13.84 15.91 0.78
N ASN B 55 13.79 17.24 0.79
CA ASN B 55 13.57 17.94 -0.47
C ASN B 55 14.72 17.69 -1.44
N GLU B 56 15.96 17.77 -0.96
CA GLU B 56 17.07 17.56 -1.86
C GLU B 56 17.13 16.11 -2.35
N LEU B 57 17.04 15.17 -1.44
CA LEU B 57 17.12 13.77 -1.85
C LEU B 57 16.05 13.34 -2.84
N SER B 58 14.80 13.70 -2.55
CA SER B 58 13.71 13.34 -3.44
C SER B 58 13.89 13.92 -4.82
N ARG B 59 14.27 15.21 -4.90
CA ARG B 59 14.42 15.84 -6.20
C ARG B 59 15.56 15.20 -6.95
N TYR B 60 16.70 15.03 -6.29
CA TYR B 60 17.84 14.41 -6.91
C TYR B 60 17.51 13.03 -7.46
N LEU B 61 17.18 12.07 -6.59
CA LEU B 61 16.85 10.72 -7.04
C LEU B 61 15.86 10.71 -8.23
N THR B 62 14.75 11.43 -8.08
CA THR B 62 13.76 11.49 -9.14
C THR B 62 14.42 11.94 -10.44
N ASP B 63 15.21 12.99 -10.38
CA ASP B 63 15.89 13.49 -11.56
C ASP B 63 16.90 12.50 -12.18
N HIS B 64 17.73 11.85 -11.37
CA HIS B 64 18.70 10.92 -11.92
C HIS B 64 18.26 9.50 -12.09
N PHE B 65 17.07 9.17 -11.59
CA PHE B 65 16.63 7.81 -11.74
C PHE B 65 15.17 7.74 -12.01
N PRO B 66 14.79 8.22 -13.19
CA PRO B 66 13.39 8.19 -13.58
C PRO B 66 13.01 6.71 -13.72
N ALA B 67 11.74 6.40 -13.62
CA ALA B 67 11.28 5.01 -13.70
C ALA B 67 11.67 4.25 -14.97
N ASN B 68 11.69 2.93 -14.87
CA ASN B 68 12.02 2.03 -15.98
C ASN B 68 10.91 1.01 -16.02
N VAL B 69 9.73 1.45 -16.47
CA VAL B 69 8.58 0.55 -16.56
C VAL B 69 7.99 0.55 -17.96
N ASP B 70 8.03 -0.61 -18.63
CA ASP B 70 7.51 -0.69 -19.99
C ASP B 70 5.97 -0.60 -20.11
N GLU B 71 5.47 -0.63 -21.34
CA GLU B 71 4.04 -0.55 -21.66
C GLU B 71 3.20 -1.56 -20.87
N TYR B 72 3.81 -2.71 -20.55
CA TYR B 72 3.15 -3.79 -19.81
C TYR B 72 3.40 -3.81 -18.31
N GLY B 73 3.86 -2.68 -17.78
CA GLY B 73 4.14 -2.61 -16.37
C GLY B 73 5.31 -3.46 -15.89
N ARG B 74 6.15 -3.95 -16.80
CA ARG B 74 7.31 -4.71 -16.33
C ARG B 74 8.40 -3.67 -16.04
N VAL B 75 9.13 -3.86 -14.95
CA VAL B 75 10.19 -2.90 -14.69
C VAL B 75 11.51 -3.56 -15.00
N TYR B 76 12.36 -2.77 -15.62
CA TYR B 76 13.66 -3.22 -16.06
C TYR B 76 14.63 -2.13 -15.67
N GLY B 77 15.87 -2.27 -16.13
CA GLY B 77 16.88 -1.26 -15.90
C GLY B 77 17.28 -1.00 -14.46
N ASN B 78 17.00 0.23 -14.01
CA ASN B 78 17.33 0.68 -12.66
C ASN B 78 16.46 0.11 -11.52
N GLY B 79 15.29 -0.43 -11.85
CA GLY B 79 14.42 -0.99 -10.82
C GLY B 79 13.60 0.06 -10.12
N VAL B 80 13.50 1.23 -10.72
CA VAL B 80 12.73 2.31 -10.15
C VAL B 80 11.42 2.31 -10.87
N ARG B 81 10.30 2.21 -10.16
CA ARG B 81 9.02 2.22 -10.84
C ARG B 81 8.19 3.50 -10.68
N THR B 82 8.73 4.50 -9.99
CA THR B 82 8.06 5.78 -9.85
C THR B 82 8.98 6.84 -9.22
N ASN B 83 8.54 8.09 -9.20
CA ASN B 83 9.36 9.13 -8.61
C ASN B 83 9.59 8.89 -7.12
N PHE B 84 10.36 9.77 -6.49
CA PHE B 84 10.68 9.60 -5.08
C PHE B 84 10.04 10.67 -4.20
N PHE B 85 9.09 11.39 -4.78
CA PHE B 85 8.39 12.46 -4.08
C PHE B 85 7.51 11.97 -2.93
N GLY B 86 7.33 10.66 -2.88
CA GLY B 86 6.51 10.06 -1.84
C GLY B 86 6.92 10.41 -0.44
N MET B 87 8.21 10.67 -0.23
CA MET B 87 8.76 11.00 1.07
C MET B 87 8.45 12.41 1.52
N ARG B 88 7.91 13.23 0.62
CA ARG B 88 7.60 14.60 0.97
C ARG B 88 6.36 14.83 1.83
N HIS B 89 6.28 14.18 2.99
CA HIS B 89 5.12 14.41 3.88
C HIS B 89 5.53 14.81 5.30
N MET B 90 4.70 15.66 5.90
CA MET B 90 4.89 16.13 7.28
C MET B 90 4.34 14.97 8.14
N ASN B 91 5.13 13.90 8.28
CA ASN B 91 4.69 12.72 9.03
C ASN B 91 4.12 13.00 10.39
N GLY B 92 2.96 12.44 10.72
CA GLY B 92 2.37 12.72 12.01
C GLY B 92 1.18 13.68 11.92
N PHE B 93 1.00 14.32 10.76
CA PHE B 93 -0.10 15.24 10.49
C PHE B 93 -1.00 14.68 9.35
N PRO B 94 -2.20 14.21 9.70
CA PRO B 94 -3.10 13.66 8.68
C PRO B 94 -3.83 14.59 7.77
N MET B 95 -4.26 13.99 6.66
CA MET B 95 -5.09 14.66 5.70
C MET B 95 -6.40 14.80 6.50
N ILE B 96 -7.17 15.82 6.21
CA ILE B 96 -8.39 16.02 6.95
C ILE B 96 -9.53 16.10 5.98
N PRO B 97 -10.63 15.40 6.26
CA PRO B 97 -10.85 14.52 7.42
C PRO B 97 -10.54 13.08 6.96
N ALA B 98 -10.50 12.13 7.88
CA ALA B 98 -10.28 10.74 7.47
C ALA B 98 -11.64 10.29 7.00
N THR B 99 -11.71 9.15 6.36
CA THR B 99 -13.00 8.72 5.87
C THR B 99 -13.83 8.08 6.95
N TRP B 100 -15.13 8.08 6.75
CA TRP B 100 -15.96 7.35 7.66
C TRP B 100 -16.07 5.98 7.00
N PRO B 101 -16.02 4.94 7.79
CA PRO B 101 -16.11 3.55 7.32
C PRO B 101 -17.53 3.28 6.80
N LEU B 102 -17.66 2.66 5.63
CA LEU B 102 -18.98 2.36 5.08
C LEU B 102 -19.68 1.24 5.84
N ALA B 103 -20.93 1.45 6.22
CA ALA B 103 -21.65 0.42 6.98
C ALA B 103 -22.07 -0.76 6.13
N SER B 104 -22.25 -0.53 4.83
CA SER B 104 -22.62 -1.59 3.92
C SER B 104 -21.92 -1.33 2.61
N ASN B 105 -21.40 -2.40 2.01
CA ASN B 105 -20.72 -2.25 0.74
C ASN B 105 -21.50 -2.87 -0.39
N LEU B 106 -22.75 -3.31 -0.12
CA LEU B 106 -23.58 -3.91 -1.17
C LEU B 106 -23.75 -2.98 -2.37
N LYS B 107 -24.18 -1.74 -2.13
CA LYS B 107 -24.36 -0.80 -3.25
C LYS B 107 -23.06 -0.57 -3.94
N LYS B 108 -22.02 -0.34 -3.15
CA LYS B 108 -20.70 -0.11 -3.72
C LYS B 108 -20.32 -1.25 -4.68
N ARG B 109 -20.52 -2.51 -4.26
CA ARG B 109 -20.14 -3.63 -5.09
C ARG B 109 -20.98 -3.66 -6.34
N ALA B 110 -22.27 -3.56 -6.13
CA ALA B 110 -23.19 -3.59 -7.24
C ALA B 110 -22.87 -2.47 -8.26
N ASP B 111 -22.75 -1.24 -7.80
CA ASP B 111 -22.47 -0.19 -8.75
C ASP B 111 -21.16 -0.41 -9.48
N ALA B 112 -20.30 -1.26 -8.94
CA ALA B 112 -19.00 -1.51 -9.57
C ALA B 112 -19.07 -2.76 -10.44
N ASP B 113 -20.28 -3.27 -10.60
CA ASP B 113 -20.51 -4.44 -11.41
C ASP B 113 -19.90 -5.72 -10.97
N LEU B 114 -19.83 -5.89 -9.66
CA LEU B 114 -19.27 -7.09 -9.08
C LEU B 114 -20.47 -7.91 -8.67
N ALA B 115 -20.30 -9.23 -8.68
CA ALA B 115 -21.35 -10.20 -8.34
C ALA B 115 -21.79 -10.31 -6.89
N ASP B 116 -23.04 -10.70 -6.67
CA ASP B 116 -23.49 -10.86 -5.30
C ASP B 116 -23.53 -12.33 -4.87
N GLY B 117 -22.70 -13.11 -5.57
CA GLY B 117 -22.55 -14.53 -5.24
C GLY B 117 -21.68 -15.24 -6.26
N PRO B 118 -21.39 -16.54 -6.03
CA PRO B 118 -20.57 -17.30 -7.00
C PRO B 118 -21.42 -17.15 -8.27
N VAL B 119 -20.84 -16.86 -9.43
CA VAL B 119 -21.68 -16.68 -10.59
C VAL B 119 -22.02 -17.98 -11.31
N SER B 120 -21.10 -18.91 -11.28
CA SER B 120 -21.29 -20.20 -11.92
C SER B 120 -21.23 -21.26 -10.84
N GLU B 121 -21.67 -22.49 -11.14
CA GLU B 121 -21.59 -23.56 -10.14
C GLU B 121 -20.14 -23.97 -9.90
N ARG B 122 -19.31 -23.86 -10.93
CA ARG B 122 -17.91 -24.20 -10.79
C ARG B 122 -17.30 -23.28 -9.73
N ASP B 123 -17.54 -21.99 -9.91
CA ASP B 123 -17.01 -21.02 -8.98
C ASP B 123 -17.47 -21.38 -7.57
N ASN B 124 -18.76 -21.66 -7.42
CA ASN B 124 -19.28 -22.03 -6.12
C ASN B 124 -18.52 -23.24 -5.56
N LEU B 125 -18.14 -24.15 -6.44
CA LEU B 125 -17.42 -25.31 -5.95
C LEU B 125 -15.98 -24.96 -5.54
N LEU B 126 -15.27 -24.15 -6.33
CA LEU B 126 -13.91 -23.79 -6.02
C LEU B 126 -13.81 -23.02 -4.69
N PHE B 127 -14.71 -22.05 -4.49
CA PHE B 127 -14.70 -21.31 -3.25
C PHE B 127 -14.93 -22.32 -2.10
N ARG B 128 -15.91 -23.22 -2.26
CA ARG B 128 -16.14 -24.18 -1.18
C ARG B 128 -15.01 -25.17 -1.06
N ALA B 129 -14.27 -25.38 -2.13
CA ALA B 129 -13.18 -26.33 -2.05
C ALA B 129 -12.08 -25.63 -1.30
N ALA B 130 -11.87 -24.36 -1.61
CA ALA B 130 -10.85 -23.58 -0.93
C ALA B 130 -11.07 -23.73 0.59
N VAL B 131 -12.32 -23.57 0.99
CA VAL B 131 -12.63 -23.73 2.39
C VAL B 131 -12.29 -25.13 2.89
N ARG B 132 -12.66 -26.15 2.12
CA ARG B 132 -12.38 -27.51 2.54
C ARG B 132 -10.90 -27.79 2.69
N LEU B 133 -10.10 -27.43 1.70
CA LEU B 133 -8.66 -27.64 1.81
C LEU B 133 -8.05 -26.86 2.95
N MET B 134 -8.44 -25.60 3.12
CA MET B 134 -7.87 -24.77 4.16
C MET B 134 -8.23 -25.12 5.60
N PHE B 135 -9.45 -25.57 5.87
CA PHE B 135 -9.83 -25.82 7.24
C PHE B 135 -9.90 -27.26 7.70
N SER B 136 -9.21 -28.15 7.02
CA SER B 136 -9.36 -29.56 7.41
C SER B 136 -8.45 -30.12 8.53
N ASP B 137 -7.51 -30.98 8.17
CA ASP B 137 -6.61 -31.61 9.13
C ASP B 137 -5.61 -30.60 9.69
N LEU B 138 -6.09 -29.86 10.70
CA LEU B 138 -5.33 -28.81 11.37
C LEU B 138 -4.77 -29.28 12.68
N GLU B 139 -3.56 -28.82 12.98
CA GLU B 139 -2.86 -29.15 14.21
C GLU B 139 -2.90 -28.02 15.23
N PRO B 140 -3.15 -28.36 16.50
CA PRO B 140 -3.20 -27.32 17.54
C PRO B 140 -1.86 -26.61 17.75
N VAL B 141 -1.90 -25.34 18.12
CA VAL B 141 -0.69 -24.61 18.43
C VAL B 141 -0.94 -23.57 19.50
N PRO B 142 0.13 -23.12 20.12
CA PRO B 142 -0.24 -22.13 21.11
C PRO B 142 -0.77 -20.87 20.43
N LEU B 143 -1.69 -20.21 21.10
CA LEU B 143 -2.27 -18.98 20.62
C LEU B 143 -1.27 -17.87 21.00
N LYS B 144 -0.44 -17.44 20.05
CA LYS B 144 0.54 -16.39 20.32
C LYS B 144 -0.12 -15.01 20.25
N ILE B 145 0.31 -14.15 21.16
CA ILE B 145 -0.22 -12.82 21.30
C ILE B 145 0.85 -11.75 21.21
N ARG B 146 0.60 -10.71 20.43
CA ARG B 146 1.58 -9.67 20.28
C ARG B 146 1.77 -8.86 21.58
N LYS B 147 3.01 -8.51 21.91
CA LYS B 147 3.23 -7.79 23.16
C LYS B 147 2.87 -6.33 23.05
N GLY B 148 2.20 -5.83 24.09
CA GLY B 148 1.80 -4.44 24.11
C GLY B 148 0.56 -4.20 23.29
N SER B 149 0.07 -5.23 22.59
CA SER B 149 -1.13 -5.13 21.76
C SER B 149 -2.33 -4.87 22.67
N SER B 150 -3.43 -4.36 22.10
CA SER B 150 -4.60 -4.08 22.92
C SER B 150 -5.76 -5.09 22.90
N THR B 151 -6.49 -5.09 23.99
CA THR B 151 -7.67 -5.91 24.19
C THR B 151 -8.86 -5.25 23.52
N CYS B 152 -8.70 -3.99 23.16
CA CYS B 152 -9.75 -3.19 22.55
C CYS B 152 -11.10 -3.38 23.31
N ILE B 153 -12.26 -3.26 22.65
CA ILE B 153 -13.52 -3.40 23.39
C ILE B 153 -13.73 -4.73 24.12
N PRO B 154 -14.18 -4.68 25.36
CA PRO B 154 -14.50 -3.50 26.16
C PRO B 154 -13.44 -3.05 27.20
N TYR B 155 -12.40 -3.84 27.46
CA TYR B 155 -11.43 -3.40 28.49
C TYR B 155 -10.24 -2.53 28.09
N PHE B 156 -9.83 -2.61 26.84
CA PHE B 156 -8.71 -1.81 26.42
C PHE B 156 -7.46 -2.06 27.27
N SER B 157 -7.25 -3.29 27.73
CA SER B 157 -6.04 -3.54 28.50
C SER B 157 -4.85 -3.76 27.57
N ASN B 158 -3.61 -3.51 28.04
CA ASN B 158 -2.41 -3.77 27.24
C ASN B 158 -1.47 -4.65 28.03
N ASP B 159 -2.00 -5.15 29.15
CA ASP B 159 -1.28 -6.01 30.05
C ASP B 159 -1.25 -7.46 29.59
N MET B 160 -0.04 -7.98 29.31
CA MET B 160 0.07 -9.36 28.83
C MET B 160 -0.65 -10.35 29.74
N GLY B 161 -0.52 -10.15 31.04
CA GLY B 161 -1.18 -11.04 31.97
C GLY B 161 -2.66 -11.05 31.79
N THR B 162 -3.24 -9.85 31.75
CA THR B 162 -4.67 -9.70 31.58
C THR B 162 -5.09 -10.24 30.23
N LYS B 163 -4.23 -10.09 29.22
CA LYS B 163 -4.62 -10.59 27.91
C LYS B 163 -4.75 -12.11 27.95
N ILE B 164 -3.72 -12.77 28.50
CA ILE B 164 -3.72 -14.21 28.62
C ILE B 164 -4.95 -14.69 29.43
N GLU B 165 -5.32 -13.93 30.45
CA GLU B 165 -6.47 -14.29 31.29
C GLU B 165 -7.66 -14.35 30.32
N ILE B 166 -7.99 -13.18 29.80
CA ILE B 166 -9.09 -12.97 28.87
C ILE B 166 -9.18 -14.06 27.80
N ALA B 167 -8.05 -14.34 27.15
CA ALA B 167 -7.99 -15.37 26.13
C ALA B 167 -8.33 -16.78 26.63
N GLU B 168 -7.73 -17.19 27.73
CA GLU B 168 -8.00 -18.50 28.27
C GLU B 168 -9.49 -18.58 28.62
N ARG B 169 -9.96 -17.53 29.26
CA ARG B 169 -11.36 -17.46 29.65
C ARG B 169 -12.24 -17.55 28.41
N ALA B 170 -11.76 -16.94 27.33
CA ALA B 170 -12.52 -16.95 26.09
C ALA B 170 -12.58 -18.34 25.47
N LEU B 171 -11.46 -19.06 25.43
CA LEU B 171 -11.51 -20.39 24.84
C LEU B 171 -12.33 -21.33 25.70
N GLU B 172 -12.48 -20.99 26.97
CA GLU B 172 -13.27 -21.82 27.85
C GLU B 172 -14.74 -21.55 27.62
N LYS B 173 -15.06 -20.29 27.37
CA LYS B 173 -16.43 -19.91 27.24
C LYS B 173 -16.98 -19.59 25.83
N ALA B 174 -16.14 -19.75 24.81
CA ALA B 174 -16.56 -19.46 23.43
C ALA B 174 -17.83 -20.24 23.07
N GLU B 175 -17.83 -21.52 23.45
CA GLU B 175 -18.94 -22.37 23.15
C GLU B 175 -20.29 -21.86 23.69
N GLU B 176 -20.33 -21.37 24.90
CA GLU B 176 -21.59 -20.86 25.47
C GLU B 176 -21.96 -19.58 24.74
N ALA B 177 -20.93 -18.82 24.42
CA ALA B 177 -21.14 -17.56 23.74
C ALA B 177 -21.81 -17.80 22.39
N GLY B 178 -21.20 -18.67 21.59
CA GLY B 178 -21.78 -18.99 20.30
C GLY B 178 -23.19 -19.53 20.37
N ASN B 179 -23.46 -20.45 21.30
CA ASN B 179 -24.81 -20.99 21.37
C ASN B 179 -25.78 -19.92 21.73
N LEU B 180 -25.31 -18.99 22.54
CA LEU B 180 -26.15 -17.87 22.94
C LEU B 180 -26.46 -17.04 21.70
N MET B 181 -25.45 -16.93 20.85
CA MET B 181 -25.57 -16.18 19.63
C MET B 181 -26.49 -16.97 18.68
N LEU B 182 -26.28 -18.27 18.55
CA LEU B 182 -27.16 -19.05 17.69
C LEU B 182 -28.62 -18.83 18.12
N GLN B 183 -28.88 -18.45 19.38
CA GLN B 183 -30.27 -18.23 19.79
C GLN B 183 -30.68 -16.79 19.63
N GLY B 184 -29.79 -16.00 19.06
CA GLY B 184 -30.09 -14.59 18.84
C GLY B 184 -29.88 -13.69 20.03
N LYS B 185 -29.21 -14.20 21.05
CA LYS B 185 -28.98 -13.44 22.26
C LYS B 185 -27.61 -12.82 22.29
N PHE B 186 -27.33 -11.91 21.36
CA PHE B 186 -26.00 -11.28 21.31
C PHE B 186 -25.67 -10.47 22.51
N ASP B 187 -26.63 -9.65 22.94
CA ASP B 187 -26.40 -8.86 24.12
C ASP B 187 -25.92 -9.76 25.28
N ASP B 188 -26.58 -10.89 25.48
CA ASP B 188 -26.12 -11.77 26.55
C ASP B 188 -24.71 -12.24 26.25
N ALA B 189 -24.46 -12.68 25.03
CA ALA B 189 -23.15 -13.17 24.68
C ALA B 189 -22.10 -12.14 25.05
N TYR B 190 -22.36 -10.89 24.70
CA TYR B 190 -21.45 -9.80 24.99
C TYR B 190 -21.35 -9.45 26.50
N GLN B 191 -22.49 -9.26 27.13
CA GLN B 191 -22.49 -8.94 28.56
C GLN B 191 -21.77 -9.96 29.41
N LEU B 192 -21.99 -11.23 29.11
CA LEU B 192 -21.39 -12.34 29.82
C LEU B 192 -19.97 -12.70 29.45
N HIS B 193 -19.59 -12.53 28.19
CA HIS B 193 -18.25 -12.97 27.82
C HIS B 193 -17.48 -12.03 26.95
N GLN B 194 -18.07 -10.84 26.76
CA GLN B 194 -17.52 -9.78 25.92
C GLN B 194 -17.23 -10.25 24.53
N MET B 195 -18.05 -11.18 24.00
CA MET B 195 -17.85 -11.64 22.63
C MET B 195 -18.98 -10.93 21.88
N GLY B 196 -18.61 -9.84 21.21
CA GLY B 196 -19.57 -9.04 20.51
C GLY B 196 -19.17 -7.59 20.60
N GLY B 197 -20.17 -6.72 20.62
CA GLY B 197 -19.86 -5.33 20.75
C GLY B 197 -19.63 -4.60 19.47
N ALA B 198 -18.36 -4.36 19.13
CA ALA B 198 -18.00 -3.58 17.94
C ALA B 198 -16.51 -3.54 17.76
N TYR B 199 -16.09 -3.11 16.58
CA TYR B 199 -14.68 -2.95 16.29
C TYR B 199 -14.42 -1.49 16.68
N TYR B 200 -13.19 -1.20 17.07
CA TYR B 200 -12.84 0.15 17.45
C TYR B 200 -12.04 0.77 16.31
N VAL B 201 -12.51 1.89 15.77
CA VAL B 201 -11.80 2.46 14.65
C VAL B 201 -10.67 3.38 15.02
N VAL B 202 -9.53 3.08 14.44
CA VAL B 202 -8.31 3.84 14.64
C VAL B 202 -7.72 4.19 13.29
N TYR B 203 -7.38 5.44 13.10
CA TYR B 203 -6.79 5.82 11.83
C TYR B 203 -5.27 5.68 11.82
N ARG B 204 -4.75 4.96 10.84
CA ARG B 204 -3.32 4.73 10.72
C ARG B 204 -2.78 5.52 9.55
N ALA B 205 -1.48 5.71 9.55
CA ALA B 205 -0.88 6.49 8.50
C ALA B 205 -0.25 5.65 7.44
N GLN B 206 -0.37 6.15 6.21
CA GLN B 206 0.26 5.58 5.03
C GLN B 206 1.29 6.68 4.96
N SER B 207 2.49 6.45 5.47
CA SER B 207 3.41 7.58 5.54
C SER B 207 3.84 8.16 4.22
N THR B 208 3.68 7.40 3.17
CA THR B 208 4.09 7.89 1.88
C THR B 208 2.94 7.60 0.95
N ASP B 209 2.71 8.51 0.04
CA ASP B 209 1.66 8.36 -0.94
C ASP B 209 2.13 9.18 -2.14
N ALA B 210 1.57 8.89 -3.31
CA ALA B 210 1.97 9.54 -4.54
C ALA B 210 1.93 11.05 -4.60
N ILE B 211 3.01 11.62 -5.12
CA ILE B 211 3.10 13.05 -5.32
C ILE B 211 3.72 13.26 -6.68
N THR B 212 3.21 14.25 -7.39
CA THR B 212 3.64 14.55 -8.74
C THR B 212 4.19 15.97 -8.88
N LEU B 213 5.13 16.12 -9.80
CA LEU B 213 5.72 17.44 -10.06
C LEU B 213 5.25 17.86 -11.43
N ASP B 214 4.25 18.76 -11.47
CA ASP B 214 3.73 19.25 -12.76
C ASP B 214 4.73 20.21 -13.41
N PRO B 215 5.28 19.83 -14.58
CA PRO B 215 6.26 20.64 -15.31
C PRO B 215 5.83 22.08 -15.60
N LYS B 216 4.55 22.27 -15.92
CA LYS B 216 3.99 23.60 -16.24
C LYS B 216 4.17 24.63 -15.11
N THR B 217 3.59 24.35 -13.95
CA THR B 217 3.68 25.26 -12.80
C THR B 217 4.93 25.09 -11.95
N GLY B 218 5.62 23.96 -12.09
CA GLY B 218 6.80 23.75 -11.28
C GLY B 218 6.41 23.54 -9.83
N LYS B 219 5.11 23.33 -9.60
CA LYS B 219 4.58 23.09 -8.25
C LYS B 219 4.23 21.62 -8.08
N PHE B 220 4.22 21.15 -6.84
CA PHE B 220 3.91 19.73 -6.60
C PHE B 220 2.43 19.57 -6.35
N VAL B 221 1.92 18.39 -6.70
CA VAL B 221 0.52 18.08 -6.48
C VAL B 221 0.38 16.66 -5.89
N SER B 222 -0.37 16.56 -4.78
CA SER B 222 -0.58 15.28 -4.09
C SER B 222 -1.77 14.45 -4.61
N LYS B 223 -1.62 13.13 -4.63
CA LYS B 223 -2.73 12.29 -5.09
C LYS B 223 -3.96 12.54 -4.24
N ASP B 224 -5.07 12.92 -4.87
CA ASP B 224 -6.26 13.15 -4.08
C ASP B 224 -6.73 11.82 -3.51
N ARG B 225 -7.17 11.84 -2.26
CA ARG B 225 -7.70 10.64 -1.62
C ARG B 225 -9.15 10.90 -1.22
N MET B 226 -10.03 10.09 -1.78
CA MET B 226 -11.43 10.23 -1.54
C MET B 226 -11.88 9.66 -0.20
N VAL B 227 -12.68 10.44 0.52
CA VAL B 227 -13.21 9.96 1.77
C VAL B 227 -14.70 10.17 1.79
N ALA B 228 -15.36 9.44 2.66
CA ALA B 228 -16.80 9.51 2.82
C ALA B 228 -17.18 10.21 4.10
N ASP B 229 -18.26 10.98 4.04
CA ASP B 229 -18.72 11.64 5.24
C ASP B 229 -19.69 10.72 5.96
N PHE B 230 -20.10 11.12 7.15
CA PHE B 230 -21.00 10.29 7.92
C PHE B 230 -22.26 9.84 7.16
N GLU B 231 -22.85 10.77 6.40
CA GLU B 231 -24.04 10.43 5.64
C GLU B 231 -23.78 9.31 4.66
N TYR B 232 -22.74 9.51 3.88
CA TYR B 232 -22.38 8.51 2.90
C TYR B 232 -22.16 7.16 3.60
N ALA B 233 -21.37 7.15 4.66
CA ALA B 233 -21.08 5.89 5.32
C ALA B 233 -22.28 5.13 5.86
N VAL B 234 -23.23 5.85 6.46
CA VAL B 234 -24.38 5.11 6.97
C VAL B 234 -25.38 4.68 5.90
N THR B 235 -25.37 5.36 4.76
CA THR B 235 -26.34 5.03 3.70
C THR B 235 -25.76 4.16 2.60
N GLY B 236 -24.56 3.62 2.85
CA GLY B 236 -23.95 2.77 1.85
C GLY B 236 -23.69 3.53 0.56
N GLY B 237 -23.57 4.85 0.67
CA GLY B 237 -23.33 5.67 -0.50
C GLY B 237 -24.61 6.22 -1.11
N GLU B 238 -25.81 5.85 -0.62
CA GLU B 238 -27.06 6.39 -1.19
C GLU B 238 -27.14 7.91 -1.05
N GLN B 239 -27.11 8.41 0.18
CA GLN B 239 -27.13 9.85 0.45
C GLN B 239 -25.68 10.28 0.70
N GLY B 240 -25.50 11.51 1.18
CA GLY B 240 -24.17 12.01 1.51
C GLY B 240 -23.24 12.19 0.33
N SER B 241 -22.04 12.68 0.61
CA SER B 241 -21.08 12.86 -0.46
C SER B 241 -19.74 12.19 -0.20
N LEU B 242 -18.97 12.10 -1.27
CA LEU B 242 -17.68 11.45 -1.26
C LEU B 242 -16.62 12.30 -1.92
N PHE B 243 -15.98 13.15 -1.12
CA PHE B 243 -14.95 14.08 -1.57
C PHE B 243 -13.51 13.73 -1.25
N ALA B 244 -12.62 14.57 -1.76
CA ALA B 244 -11.18 14.44 -1.56
C ALA B 244 -10.81 15.09 -0.24
N ALA B 245 -9.99 14.40 0.55
CA ALA B 245 -9.56 14.97 1.82
C ALA B 245 -8.56 16.11 1.50
N SER B 246 -8.26 16.97 2.47
CA SER B 246 -7.29 18.01 2.18
C SER B 246 -5.90 17.60 2.70
N LYS B 247 -4.93 17.52 1.80
CA LYS B 247 -3.59 17.15 2.23
C LYS B 247 -2.73 18.38 2.41
N ASP B 248 -3.34 19.53 2.19
CA ASP B 248 -2.65 20.81 2.30
C ASP B 248 -2.07 20.99 3.69
N ALA B 249 -0.74 21.16 3.77
CA ALA B 249 -0.05 21.33 5.05
C ALA B 249 0.12 22.77 5.59
N SER B 250 -0.18 23.77 4.75
CA SER B 250 -0.08 25.18 5.13
C SER B 250 -0.63 25.44 6.51
N ARG B 251 -1.80 24.89 6.80
CA ARG B 251 -2.40 25.04 8.11
C ARG B 251 -1.38 24.82 9.24
N LEU B 252 -0.42 23.92 9.03
CA LEU B 252 0.56 23.66 10.07
C LEU B 252 1.31 24.95 10.50
N LYS B 253 1.49 25.87 9.57
CA LYS B 253 2.16 27.11 9.92
C LYS B 253 1.34 27.92 10.93
N GLU B 254 0.07 28.20 10.65
CA GLU B 254 -0.76 28.96 11.61
C GLU B 254 -1.02 28.17 12.86
N GLN B 255 -1.55 26.97 12.71
CA GLN B 255 -1.87 26.19 13.89
C GLN B 255 -0.71 25.95 14.83
N TYR B 256 0.42 25.51 14.31
CA TYR B 256 1.55 25.17 15.17
C TYR B 256 2.82 25.94 14.91
N GLY B 257 2.79 26.79 13.90
CA GLY B 257 3.97 27.56 13.57
C GLY B 257 5.11 26.63 13.23
N ILE B 258 4.88 25.82 12.21
CA ILE B 258 5.89 24.88 11.77
C ILE B 258 6.11 25.32 10.33
N ASP B 259 7.37 25.49 9.96
CA ASP B 259 7.65 25.90 8.60
C ASP B 259 7.47 24.75 7.68
N VAL B 260 6.42 24.83 6.88
CA VAL B 260 6.18 23.76 5.94
C VAL B 260 6.77 24.22 4.61
N PRO B 261 7.85 23.57 4.18
CA PRO B 261 8.48 23.95 2.92
C PRO B 261 7.57 23.65 1.74
N ASP B 262 7.92 24.18 0.58
CA ASP B 262 7.08 23.97 -0.57
C ASP B 262 7.07 22.54 -1.06
N GLY B 263 5.88 22.03 -1.36
CA GLY B 263 5.78 20.69 -1.87
C GLY B 263 5.79 19.59 -0.83
N PHE B 264 5.25 19.90 0.35
CA PHE B 264 5.15 18.92 1.42
C PHE B 264 3.70 18.86 1.87
N PHE B 265 3.25 17.65 2.15
CA PHE B 265 1.85 17.49 2.52
C PHE B 265 1.57 16.64 3.69
N CYS B 266 0.32 16.77 4.14
CA CYS B 266 -0.21 15.99 5.24
C CYS B 266 -0.36 14.56 4.72
N GLU B 267 -0.25 13.59 5.63
CA GLU B 267 -0.31 12.20 5.20
C GLU B 267 -1.67 11.55 5.06
N ARG B 268 -1.70 10.55 4.20
CA ARG B 268 -2.89 9.78 3.95
C ARG B 268 -3.24 8.94 5.15
N ARG B 269 -4.52 8.88 5.50
CA ARG B 269 -4.87 8.03 6.63
C ARG B 269 -5.84 6.94 6.24
N ARG B 270 -5.56 5.75 6.74
CA ARG B 270 -6.34 4.58 6.44
C ARG B 270 -7.11 4.11 7.64
N THR B 271 -8.36 3.75 7.49
CA THR B 271 -9.03 3.28 8.68
C THR B 271 -8.54 1.86 9.01
N ALA B 272 -8.36 1.62 10.30
CA ALA B 272 -7.92 0.35 10.86
C ALA B 272 -8.90 -0.01 12.00
N MET B 273 -9.19 -1.28 12.18
CA MET B 273 -10.13 -1.59 13.23
C MET B 273 -9.64 -2.65 14.18
N GLY B 274 -9.67 -2.27 15.45
CA GLY B 274 -9.27 -3.16 16.53
C GLY B 274 -10.48 -3.97 16.94
N GLY B 275 -10.28 -5.28 17.00
CA GLY B 275 -11.39 -6.15 17.34
C GLY B 275 -11.46 -6.47 18.79
N PRO B 276 -12.66 -6.82 19.25
CA PRO B 276 -12.93 -7.18 20.63
C PRO B 276 -12.20 -8.52 20.84
N PHE B 277 -11.19 -8.48 21.68
CA PHE B 277 -10.32 -9.61 21.91
C PHE B 277 -10.95 -10.89 22.38
N ALA B 278 -11.98 -10.83 23.21
CA ALA B 278 -12.64 -12.09 23.65
C ALA B 278 -13.22 -12.88 22.46
N LEU B 279 -13.61 -12.14 21.43
CA LEU B 279 -14.18 -12.73 20.24
C LEU B 279 -13.08 -13.21 19.30
N ASN B 280 -12.01 -12.44 19.17
CA ASN B 280 -10.90 -12.86 18.29
C ASN B 280 -10.11 -14.09 18.78
N ALA B 281 -10.06 -14.29 20.09
CA ALA B 281 -9.32 -15.42 20.63
C ALA B 281 -9.78 -16.75 20.05
N PRO B 282 -11.07 -17.08 20.19
CA PRO B 282 -11.62 -18.34 19.65
C PRO B 282 -11.25 -18.45 18.19
N ILE B 283 -11.30 -17.31 17.51
CA ILE B 283 -10.98 -17.26 16.08
C ILE B 283 -9.49 -17.49 15.80
N MET B 284 -8.65 -16.73 16.49
CA MET B 284 -7.22 -16.90 16.28
C MET B 284 -6.75 -18.33 16.57
N ALA B 285 -7.45 -19.01 17.48
CA ALA B 285 -7.11 -20.38 17.83
C ALA B 285 -7.22 -21.33 16.62
N VAL B 286 -8.06 -20.95 15.68
CA VAL B 286 -8.23 -21.78 14.50
C VAL B 286 -7.36 -21.20 13.37
N ALA B 287 -7.33 -19.88 13.29
CA ALA B 287 -6.61 -19.20 12.24
C ALA B 287 -5.14 -19.56 12.10
N GLN B 288 -4.45 -19.64 13.23
CA GLN B 288 -3.03 -19.95 13.16
C GLN B 288 -2.82 -21.35 12.56
N PRO B 289 -3.58 -22.35 13.04
CA PRO B 289 -3.43 -23.69 12.46
C PRO B 289 -3.65 -23.63 10.95
N VAL B 290 -4.70 -22.94 10.53
CA VAL B 290 -4.96 -22.81 9.12
C VAL B 290 -3.75 -22.20 8.39
N ARG B 291 -3.11 -21.20 8.99
CA ARG B 291 -1.95 -20.58 8.32
C ARG B 291 -0.85 -21.60 8.14
N ASN B 292 -0.59 -22.31 9.24
CA ASN B 292 0.42 -23.33 9.24
C ASN B 292 0.14 -24.32 8.15
N LYS B 293 -1.12 -24.73 8.02
CA LYS B 293 -1.44 -25.68 6.96
C LYS B 293 -1.14 -25.12 5.58
N ILE B 294 -1.85 -24.09 5.17
CA ILE B 294 -1.58 -23.61 3.84
C ILE B 294 -0.12 -23.20 3.62
N TYR B 295 0.58 -22.67 4.63
CA TYR B 295 1.98 -22.27 4.38
C TYR B 295 2.87 -23.50 4.27
N SER B 296 2.39 -24.64 4.78
CA SER B 296 3.13 -25.90 4.66
C SER B 296 2.63 -26.68 3.41
N LYS B 297 1.51 -27.40 3.47
CA LYS B 297 1.05 -28.14 2.29
C LYS B 297 0.86 -27.26 1.06
N TYR B 298 0.52 -25.99 1.20
CA TYR B 298 0.36 -25.23 -0.03
C TYR B 298 1.38 -24.10 -0.21
N ALA B 299 2.56 -24.39 0.33
CA ALA B 299 3.68 -23.47 0.26
C ALA B 299 3.94 -22.87 -1.12
N TYR B 300 3.68 -23.63 -2.19
CA TYR B 300 3.97 -23.07 -3.48
C TYR B 300 3.28 -21.74 -3.71
N THR B 301 1.98 -21.66 -3.42
CA THR B 301 1.34 -20.40 -3.76
C THR B 301 1.18 -19.44 -2.60
N PHE B 302 1.27 -19.98 -1.40
CA PHE B 302 1.08 -19.16 -0.21
C PHE B 302 2.24 -18.70 0.64
N HIS B 303 3.24 -19.56 0.83
CA HIS B 303 4.41 -19.27 1.67
C HIS B 303 5.62 -18.61 0.97
N HIS B 304 5.85 -17.34 1.26
CA HIS B 304 6.94 -16.58 0.63
C HIS B 304 7.94 -15.95 1.59
N THR B 305 9.21 -16.04 1.23
CA THR B 305 10.22 -15.50 2.10
C THR B 305 11.20 -14.55 1.44
N THR B 306 12.30 -15.12 0.96
CA THR B 306 13.37 -14.33 0.35
C THR B 306 13.10 -13.90 -1.06
N ARG B 307 13.96 -13.03 -1.57
CA ARG B 307 13.80 -12.59 -2.94
C ARG B 307 14.05 -13.81 -3.84
N LEU B 308 14.88 -14.75 -3.39
CA LEU B 308 15.19 -15.92 -4.21
C LEU B 308 14.15 -17.00 -4.16
N ASN B 309 13.47 -17.09 -3.03
CA ASN B 309 12.37 -18.06 -2.84
C ASN B 309 11.33 -17.81 -3.95
N LYS B 310 11.02 -16.54 -4.16
CA LYS B 310 10.08 -16.10 -5.19
C LYS B 310 10.69 -16.34 -6.56
N GLU B 311 11.95 -15.97 -6.76
CA GLU B 311 12.58 -16.21 -8.05
C GLU B 311 12.48 -17.66 -8.51
N GLU B 312 12.83 -18.60 -7.63
CA GLU B 312 12.76 -19.98 -8.05
C GLU B 312 11.45 -20.25 -8.77
N LYS B 313 10.31 -20.08 -8.09
CA LYS B 313 9.00 -20.32 -8.70
C LYS B 313 8.66 -19.55 -10.03
N VAL B 314 8.91 -18.26 -10.08
CA VAL B 314 8.58 -17.51 -11.27
C VAL B 314 9.46 -17.79 -12.49
N LYS B 315 10.74 -18.04 -12.26
CA LYS B 315 11.72 -18.27 -13.34
C LYS B 315 11.29 -19.35 -14.31
N GLU B 316 10.57 -20.30 -13.78
CA GLU B 316 10.07 -21.44 -14.48
C GLU B 316 8.79 -21.17 -15.31
N TRP B 317 8.25 -19.95 -15.21
CA TRP B 317 7.02 -19.62 -15.93
C TRP B 317 7.37 -19.04 -17.28
N SER B 318 6.44 -19.11 -18.22
CA SER B 318 6.66 -18.55 -19.56
C SER B 318 6.04 -17.19 -19.55
N LEU B 319 5.07 -17.02 -18.67
CA LEU B 319 4.37 -15.74 -18.54
C LEU B 319 4.08 -15.44 -17.09
N CYS B 320 4.35 -14.19 -16.70
CA CYS B 320 4.10 -13.74 -15.35
C CYS B 320 3.23 -12.48 -15.38
N VAL B 321 2.05 -12.56 -14.80
CA VAL B 321 1.21 -11.39 -14.77
C VAL B 321 1.10 -10.88 -13.35
N ALA B 322 1.49 -9.62 -13.17
CA ALA B 322 1.42 -8.99 -11.84
C ALA B 322 0.13 -8.16 -11.69
N THR B 323 -0.81 -8.75 -10.96
CA THR B 323 -2.13 -8.17 -10.73
C THR B 323 -2.16 -7.07 -9.69
N ASP B 324 -3.31 -6.42 -9.65
CA ASP B 324 -3.59 -5.29 -8.77
C ASP B 324 -5.07 -5.21 -8.44
N VAL B 325 -5.42 -5.22 -7.16
CA VAL B 325 -6.81 -5.18 -6.77
C VAL B 325 -7.20 -3.84 -6.21
N SER B 326 -8.32 -3.31 -6.63
CA SER B 326 -8.72 -2.02 -6.11
C SER B 326 -9.48 -2.11 -4.79
N ASP B 327 -8.97 -1.41 -3.76
CA ASP B 327 -9.61 -1.32 -2.43
C ASP B 327 -10.17 -2.67 -1.91
N HIS B 328 -9.27 -3.65 -1.81
CA HIS B 328 -9.65 -5.00 -1.42
C HIS B 328 -10.58 -5.13 -0.24
N ASP B 329 -10.13 -4.60 0.89
CA ASP B 329 -10.89 -4.72 2.12
C ASP B 329 -12.32 -4.21 2.08
N THR B 330 -12.54 -3.08 1.43
CA THR B 330 -13.87 -2.55 1.45
C THR B 330 -14.79 -3.21 0.44
N PHE B 331 -14.22 -3.92 -0.54
CA PHE B 331 -15.05 -4.61 -1.53
C PHE B 331 -15.34 -6.04 -1.13
N TRP B 332 -14.52 -6.58 -0.22
CA TRP B 332 -14.66 -7.98 0.19
C TRP B 332 -16.13 -8.30 0.41
N PRO B 333 -16.64 -9.32 -0.27
CA PRO B 333 -18.05 -9.71 -0.16
C PRO B 333 -18.55 -10.50 1.01
N GLY B 334 -19.61 -9.99 1.59
CA GLY B 334 -20.23 -10.65 2.71
C GLY B 334 -20.78 -11.99 2.29
N TRP B 335 -21.08 -12.11 0.99
CA TRP B 335 -21.63 -13.38 0.55
C TRP B 335 -20.57 -14.45 0.72
N LEU B 336 -19.29 -14.07 0.60
CA LEU B 336 -18.23 -15.03 0.78
C LEU B 336 -18.16 -15.47 2.22
N ARG B 337 -18.48 -14.53 3.13
CA ARG B 337 -18.46 -14.84 4.57
C ARG B 337 -19.48 -15.93 4.81
N ASP B 338 -20.69 -15.66 4.34
CA ASP B 338 -21.77 -16.61 4.48
C ASP B 338 -21.47 -17.95 3.80
N LEU B 339 -20.78 -17.91 2.66
CA LEU B 339 -20.46 -19.12 1.91
C LEU B 339 -19.53 -19.95 2.79
N ILE B 340 -18.46 -19.29 3.26
CA ILE B 340 -17.50 -19.96 4.10
C ILE B 340 -18.11 -20.60 5.37
N CYS B 341 -19.01 -19.87 6.01
CA CYS B 341 -19.64 -20.42 7.20
C CYS B 341 -20.47 -21.64 6.87
N ASP B 342 -21.19 -21.53 5.75
CA ASP B 342 -22.01 -22.62 5.30
C ASP B 342 -21.16 -23.86 5.06
N GLU B 343 -20.08 -23.71 4.31
CA GLU B 343 -19.24 -24.86 4.07
C GLU B 343 -18.62 -25.40 5.34
N LEU B 344 -18.19 -24.50 6.23
CA LEU B 344 -17.56 -24.93 7.47
C LEU B 344 -18.54 -25.84 8.19
N LEU B 345 -19.78 -25.38 8.27
CA LEU B 345 -20.84 -26.14 8.93
C LEU B 345 -20.93 -27.52 8.27
N ASN B 346 -20.94 -27.55 6.94
CA ASN B 346 -20.99 -28.83 6.22
C ASN B 346 -19.83 -29.74 6.60
N MET B 347 -18.60 -29.23 6.62
CA MET B 347 -17.44 -30.06 6.95
C MET B 347 -17.53 -30.65 8.34
N GLY B 348 -18.41 -30.08 9.17
CA GLY B 348 -18.55 -30.56 10.54
C GLY B 348 -18.05 -29.70 11.70
N TYR B 349 -17.84 -28.40 11.48
CA TYR B 349 -17.39 -27.50 12.53
C TYR B 349 -18.52 -27.21 13.55
N ALA B 350 -18.18 -27.14 14.82
CA ALA B 350 -19.18 -26.79 15.84
C ALA B 350 -19.96 -25.55 15.36
N PRO B 351 -21.30 -25.64 15.34
CA PRO B 351 -22.02 -24.45 14.88
C PRO B 351 -21.77 -23.23 15.74
N TRP B 352 -21.60 -23.45 17.04
CA TRP B 352 -21.34 -22.33 17.93
C TRP B 352 -20.09 -21.58 17.52
N TRP B 353 -19.06 -22.31 17.10
CA TRP B 353 -17.84 -21.62 16.67
C TRP B 353 -18.07 -20.90 15.36
N VAL B 354 -18.71 -21.57 14.43
CA VAL B 354 -18.97 -20.97 13.13
C VAL B 354 -19.79 -19.74 13.35
N LYS B 355 -20.70 -19.82 14.31
CA LYS B 355 -21.52 -18.66 14.52
C LYS B 355 -20.69 -17.47 15.01
N LEU B 356 -19.65 -17.76 15.81
CA LEU B 356 -18.78 -16.71 16.33
C LEU B 356 -18.08 -16.10 15.12
N PHE B 357 -17.48 -16.98 14.31
CA PHE B 357 -16.76 -16.53 13.12
C PHE B 357 -17.63 -15.59 12.30
N GLU B 358 -18.84 -16.04 11.95
CA GLU B 358 -19.78 -15.24 11.17
C GLU B 358 -20.00 -13.85 11.78
N THR B 359 -20.36 -13.85 13.04
CA THR B 359 -20.61 -12.63 13.76
C THR B 359 -19.42 -11.69 13.75
N SER B 360 -18.22 -12.24 13.84
CA SER B 360 -17.06 -11.37 13.80
C SER B 360 -16.93 -10.63 12.47
N LEU B 361 -17.68 -11.08 11.46
CA LEU B 361 -17.60 -10.45 10.16
C LEU B 361 -18.78 -9.55 9.80
N LYS B 362 -19.65 -9.30 10.77
CA LYS B 362 -20.80 -8.41 10.57
C LYS B 362 -21.01 -7.47 11.75
N LEU B 363 -19.97 -7.34 12.55
CA LEU B 363 -20.03 -6.53 13.76
C LEU B 363 -20.03 -5.02 13.56
N PRO B 364 -20.72 -4.31 14.46
CA PRO B 364 -20.79 -2.85 14.38
C PRO B 364 -19.40 -2.25 14.53
N VAL B 365 -19.32 -0.98 14.22
CA VAL B 365 -18.07 -0.29 14.22
C VAL B 365 -18.17 1.04 15.00
N TYR B 366 -17.25 1.27 15.93
CA TYR B 366 -17.27 2.51 16.71
C TYR B 366 -16.22 3.41 16.12
N VAL B 367 -16.70 4.57 15.70
CA VAL B 367 -15.81 5.50 15.05
C VAL B 367 -15.31 6.47 16.05
N GLY B 368 -13.99 6.54 16.10
CA GLY B 368 -13.34 7.43 17.01
C GLY B 368 -13.29 8.88 16.53
N ALA B 369 -12.15 9.25 16.00
CA ALA B 369 -11.97 10.63 15.60
C ALA B 369 -11.35 10.84 14.26
N PRO B 370 -12.18 10.81 13.22
CA PRO B 370 -11.79 11.00 11.83
C PRO B 370 -11.33 12.43 11.58
N ALA B 371 -11.70 13.35 12.47
CA ALA B 371 -11.33 14.76 12.29
C ALA B 371 -11.68 15.53 13.53
N PRO B 372 -11.17 16.76 13.63
CA PRO B 372 -11.43 17.63 14.79
C PRO B 372 -12.95 17.77 14.96
N GLU B 373 -13.45 17.56 16.17
CA GLU B 373 -14.88 17.66 16.46
C GLU B 373 -15.74 16.77 15.57
N GLN B 374 -15.36 15.51 15.47
CA GLN B 374 -16.07 14.54 14.66
C GLN B 374 -15.90 13.12 15.21
N GLY B 375 -16.97 12.34 15.14
CA GLY B 375 -16.87 10.97 15.59
C GLY B 375 -17.55 10.61 16.86
N HIS B 376 -16.94 9.66 17.58
CA HIS B 376 -17.48 9.18 18.84
C HIS B 376 -18.90 8.80 18.54
N THR B 377 -19.06 7.96 17.53
CA THR B 377 -20.36 7.50 17.08
C THR B 377 -20.28 6.02 16.73
N LEU B 378 -21.25 5.25 17.20
CA LEU B 378 -21.29 3.83 16.95
C LEU B 378 -22.18 3.55 15.71
N LEU B 379 -21.68 2.76 14.76
CA LEU B 379 -22.43 2.41 13.56
C LEU B 379 -22.89 0.96 13.69
N GLY B 380 -24.20 0.75 13.55
CA GLY B 380 -24.79 -0.58 13.65
C GLY B 380 -25.20 -0.98 15.05
N ASP B 381 -26.20 -1.81 15.17
CA ASP B 381 -26.66 -2.20 16.49
C ASP B 381 -26.02 -3.50 16.98
N PRO B 382 -25.24 -3.45 18.06
CA PRO B 382 -24.61 -4.67 18.58
C PRO B 382 -25.59 -5.74 19.00
N SER B 383 -26.86 -5.37 19.21
CA SER B 383 -27.87 -6.36 19.61
C SER B 383 -28.20 -7.31 18.46
N ASN B 384 -28.07 -6.81 17.25
CA ASN B 384 -28.32 -7.65 16.10
C ASN B 384 -27.28 -7.32 15.02
N PRO B 385 -26.05 -7.81 15.20
CA PRO B 385 -24.98 -7.53 14.22
C PRO B 385 -25.34 -7.85 12.78
N ASP B 386 -25.24 -6.83 11.93
CA ASP B 386 -25.60 -6.96 10.53
C ASP B 386 -24.94 -5.91 9.61
N LEU B 387 -23.73 -5.52 9.92
CA LEU B 387 -23.04 -4.55 9.08
C LEU B 387 -22.47 -5.31 7.91
N GLU B 388 -21.99 -4.62 6.90
CA GLU B 388 -21.51 -5.31 5.72
C GLU B 388 -20.41 -4.37 5.19
N VAL B 389 -19.37 -4.23 6.01
CA VAL B 389 -18.22 -3.31 5.79
C VAL B 389 -17.14 -3.87 4.93
N GLY B 390 -17.25 -5.15 4.65
CA GLY B 390 -16.23 -5.79 3.89
C GLY B 390 -15.47 -6.59 4.93
N LEU B 391 -14.15 -6.47 4.86
CA LEU B 391 -13.23 -7.14 5.80
C LEU B 391 -12.76 -6.15 6.87
N SER B 392 -12.81 -6.51 8.15
CA SER B 392 -12.35 -5.59 9.22
C SER B 392 -10.91 -5.87 9.43
N SER B 393 -10.06 -4.88 9.22
CA SER B 393 -8.64 -5.16 9.38
C SER B 393 -8.26 -5.88 10.69
N GLY B 394 -9.08 -5.83 11.73
CA GLY B 394 -8.66 -6.49 12.94
C GLY B 394 -9.43 -7.73 13.32
N GLN B 395 -10.05 -8.36 12.34
CA GLN B 395 -10.77 -9.59 12.64
C GLN B 395 -9.71 -10.66 12.73
N GLY B 396 -9.97 -11.66 13.56
CA GLY B 396 -8.97 -12.72 13.75
C GLY B 396 -8.32 -13.41 12.57
N ALA B 397 -9.06 -13.52 11.47
CA ALA B 397 -8.56 -14.19 10.31
C ALA B 397 -8.50 -13.32 9.05
N THR B 398 -8.46 -12.01 9.22
CA THR B 398 -8.43 -11.16 8.05
C THR B 398 -7.56 -11.65 6.91
N ASP B 399 -6.30 -11.98 7.14
CA ASP B 399 -5.48 -12.44 6.01
C ASP B 399 -6.02 -13.67 5.26
N LEU B 400 -6.56 -14.65 6.00
CA LEU B 400 -7.14 -15.85 5.41
C LEU B 400 -8.34 -15.47 4.55
N MET B 401 -9.21 -14.59 5.04
CA MET B 401 -10.38 -14.20 4.26
C MET B 401 -9.99 -13.56 2.94
N GLY B 402 -8.92 -12.78 2.96
CA GLY B 402 -8.49 -12.11 1.75
C GLY B 402 -7.76 -13.09 0.83
N THR B 403 -7.04 -14.00 1.44
CA THR B 403 -6.35 -14.97 0.65
C THR B 403 -7.33 -15.98 0.03
N LEU B 404 -8.33 -16.45 0.80
CA LEU B 404 -9.34 -17.42 0.32
C LEU B 404 -10.04 -16.73 -0.83
N LEU B 405 -10.57 -15.52 -0.62
CA LEU B 405 -11.09 -14.79 -1.78
C LEU B 405 -9.80 -14.57 -2.59
N MET B 406 -9.72 -13.59 -3.48
CA MET B 406 -8.52 -13.41 -4.32
C MET B 406 -7.85 -14.68 -4.90
N SER B 407 -7.41 -15.65 -4.09
CA SER B 407 -6.79 -16.87 -4.67
C SER B 407 -7.79 -17.52 -5.63
N ILE B 408 -9.00 -17.85 -5.17
CA ILE B 408 -10.00 -18.42 -6.07
C ILE B 408 -10.35 -17.40 -7.18
N THR B 409 -10.49 -16.14 -6.83
CA THR B 409 -10.75 -15.16 -7.87
C THR B 409 -9.73 -15.23 -9.00
N TYR B 410 -8.43 -15.23 -8.66
CA TYR B 410 -7.38 -15.30 -9.69
C TYR B 410 -7.49 -16.58 -10.52
N LEU B 411 -7.66 -17.72 -9.86
CA LEU B 411 -7.83 -18.99 -10.57
C LEU B 411 -8.99 -18.85 -11.57
N VAL B 412 -10.15 -18.36 -11.10
CA VAL B 412 -11.29 -18.18 -11.98
C VAL B 412 -10.89 -17.28 -13.16
N MET B 413 -10.21 -16.19 -12.88
CA MET B 413 -9.75 -15.31 -13.95
C MET B 413 -8.98 -16.19 -14.95
N GLN B 414 -8.07 -17.03 -14.46
CA GLN B 414 -7.28 -17.90 -15.35
C GLN B 414 -8.14 -18.91 -16.11
N LEU B 415 -9.02 -19.59 -15.40
CA LEU B 415 -9.92 -20.53 -16.04
C LEU B 415 -10.69 -19.76 -17.11
N ASP B 416 -11.46 -18.76 -16.70
CA ASP B 416 -12.22 -18.01 -17.67
C ASP B 416 -11.54 -17.52 -18.91
N HIS B 417 -10.37 -16.92 -18.81
CA HIS B 417 -9.78 -16.38 -20.02
C HIS B 417 -8.65 -17.14 -20.64
N THR B 418 -8.25 -18.27 -20.06
CA THR B 418 -7.09 -18.94 -20.64
C THR B 418 -7.13 -20.43 -20.58
N ALA B 419 -7.99 -21.00 -19.73
CA ALA B 419 -7.93 -22.45 -19.58
C ALA B 419 -9.25 -23.20 -19.56
N PRO B 420 -10.19 -22.80 -20.44
CA PRO B 420 -11.52 -23.41 -20.54
C PRO B 420 -11.41 -24.92 -20.55
N HIS B 421 -10.31 -25.42 -21.13
CA HIS B 421 -10.08 -26.86 -21.18
C HIS B 421 -9.90 -27.51 -19.83
N LEU B 422 -9.93 -26.73 -18.75
CA LEU B 422 -9.78 -27.37 -17.48
C LEU B 422 -11.12 -27.57 -16.78
N ASN B 423 -12.14 -26.85 -17.23
CA ASN B 423 -13.40 -26.92 -16.54
C ASN B 423 -13.94 -28.29 -16.26
N SER B 424 -13.70 -29.22 -17.19
CA SER B 424 -14.20 -30.58 -17.08
C SER B 424 -13.63 -31.27 -15.85
N ARG B 425 -12.53 -30.74 -15.34
CA ARG B 425 -11.91 -31.31 -14.14
C ARG B 425 -12.71 -30.86 -12.89
N ILE B 426 -13.51 -29.81 -13.04
CA ILE B 426 -14.29 -29.32 -11.91
C ILE B 426 -15.77 -29.61 -12.11
N LYS B 427 -16.15 -30.81 -11.65
CA LYS B 427 -17.50 -31.32 -11.82
C LYS B 427 -18.31 -31.36 -10.55
N ASP B 428 -17.64 -31.67 -9.44
CA ASP B 428 -18.27 -31.76 -8.14
C ASP B 428 -17.26 -31.48 -7.01
N MET B 429 -17.71 -31.47 -5.76
CA MET B 429 -16.79 -31.19 -4.67
C MET B 429 -15.49 -32.00 -4.73
N PRO B 430 -15.61 -33.32 -4.84
CA PRO B 430 -14.39 -34.11 -4.89
C PRO B 430 -13.43 -33.72 -6.01
N SER B 431 -13.94 -33.61 -7.23
CA SER B 431 -13.08 -33.24 -8.32
C SER B 431 -12.51 -31.84 -8.05
N ALA B 432 -13.35 -30.97 -7.51
CA ALA B 432 -12.92 -29.61 -7.21
C ALA B 432 -11.74 -29.59 -6.24
N CYS B 433 -11.92 -30.26 -5.09
CA CYS B 433 -10.85 -30.35 -4.10
C CYS B 433 -9.58 -30.90 -4.76
N ARG B 434 -9.72 -32.01 -5.48
CA ARG B 434 -8.61 -32.65 -6.17
C ARG B 434 -7.87 -31.65 -7.05
N PHE B 435 -8.65 -30.90 -7.81
CA PHE B 435 -8.08 -29.93 -8.70
C PHE B 435 -7.39 -28.77 -7.97
N LEU B 436 -8.09 -28.18 -6.99
CA LEU B 436 -7.52 -27.05 -6.30
C LEU B 436 -6.22 -27.45 -5.64
N ASP B 437 -6.25 -28.63 -5.02
CA ASP B 437 -5.10 -29.16 -4.32
C ASP B 437 -3.89 -29.17 -5.25
N SER B 438 -4.12 -29.68 -6.45
CA SER B 438 -3.05 -29.74 -7.41
C SER B 438 -2.56 -28.34 -7.79
N TYR B 439 -3.52 -27.46 -8.01
CA TYR B 439 -3.22 -26.12 -8.42
C TYR B 439 -2.41 -25.36 -7.37
N TRP B 440 -2.85 -25.42 -6.13
CA TRP B 440 -2.15 -24.70 -5.08
C TRP B 440 -0.77 -25.27 -4.87
N GLN B 441 -0.52 -26.50 -5.31
CA GLN B 441 0.83 -27.04 -5.14
C GLN B 441 1.79 -26.74 -6.28
N GLY B 442 1.38 -25.84 -7.20
CA GLY B 442 2.21 -25.46 -8.34
C GLY B 442 2.25 -26.46 -9.50
N HIS B 443 1.52 -27.56 -9.31
CA HIS B 443 1.43 -28.67 -10.26
C HIS B 443 0.52 -28.51 -11.50
N GLU B 444 0.34 -27.31 -12.02
CA GLU B 444 -0.51 -27.17 -13.19
C GLU B 444 0.05 -26.14 -14.14
N GLU B 445 -0.54 -26.10 -15.32
CA GLU B 445 -0.11 -25.25 -16.41
C GLU B 445 -0.34 -23.80 -16.06
N ILE B 446 -1.28 -23.59 -15.12
CA ILE B 446 -1.55 -22.24 -14.62
C ILE B 446 -1.14 -22.18 -13.13
N ARG B 447 -0.52 -21.09 -12.71
CA ARG B 447 -0.06 -21.00 -11.33
C ARG B 447 -0.20 -19.62 -10.74
N GLN B 448 -0.11 -19.54 -9.43
CA GLN B 448 -0.17 -18.24 -8.80
C GLN B 448 0.67 -18.23 -7.54
N ILE B 449 1.08 -17.05 -7.15
CA ILE B 449 1.74 -16.92 -5.88
C ILE B 449 1.01 -15.69 -5.38
N SER B 450 0.50 -15.79 -4.16
CA SER B 450 -0.24 -14.66 -3.61
C SER B 450 -0.35 -14.60 -2.11
N LYS B 451 -0.79 -13.42 -1.67
CA LYS B 451 -1.07 -13.12 -0.27
C LYS B 451 -2.12 -12.04 -0.41
N SER B 452 -3.39 -12.40 -0.21
CA SER B 452 -4.49 -11.43 -0.37
C SER B 452 -4.41 -10.74 -1.74
N ASP B 453 -4.40 -9.41 -1.70
CA ASP B 453 -4.37 -8.62 -2.93
C ASP B 453 -3.04 -8.56 -3.66
N ASP B 454 -2.02 -9.21 -3.10
CA ASP B 454 -0.77 -9.22 -3.85
C ASP B 454 -0.64 -10.59 -4.54
N ALA B 455 -0.42 -10.55 -5.86
CA ALA B 455 -0.23 -11.78 -6.65
C ALA B 455 0.53 -11.62 -7.97
N MET B 456 1.13 -12.74 -8.30
CA MET B 456 1.92 -12.92 -9.49
C MET B 456 1.12 -14.12 -10.06
N LEU B 457 0.55 -13.94 -11.25
CA LEU B 457 -0.22 -15.00 -11.90
C LEU B 457 0.65 -15.60 -13.01
N GLY B 458 0.81 -16.93 -13.01
CA GLY B 458 1.66 -17.53 -14.05
C GLY B 458 1.15 -18.60 -15.01
N TRP B 459 1.81 -18.66 -16.17
CA TRP B 459 1.52 -19.68 -17.18
C TRP B 459 2.83 -20.37 -17.62
N THR B 460 2.80 -21.71 -17.66
CA THR B 460 3.92 -22.53 -18.11
C THR B 460 3.67 -22.73 -19.63
N LYS B 461 4.36 -23.69 -20.24
CA LYS B 461 4.16 -23.98 -21.68
C LYS B 461 2.86 -24.75 -21.80
N GLY B 462 2.08 -24.46 -22.84
CA GLY B 462 0.82 -25.19 -22.98
C GLY B 462 -0.35 -24.48 -23.62
N ARG B 463 -1.46 -25.21 -23.62
CA ARG B 463 -2.71 -24.74 -24.19
C ARG B 463 -3.18 -23.40 -23.65
N ALA B 464 -3.15 -23.26 -22.33
CA ALA B 464 -3.57 -22.03 -21.64
C ALA B 464 -2.65 -20.85 -21.89
N LEU B 465 -1.39 -21.12 -22.24
CA LEU B 465 -0.44 -20.04 -22.45
C LEU B 465 -0.85 -19.00 -23.51
N VAL B 466 -1.52 -19.43 -24.54
CA VAL B 466 -1.88 -18.41 -25.50
C VAL B 466 -2.95 -17.54 -24.85
N GLY B 467 -3.79 -18.17 -24.02
CA GLY B 467 -4.84 -17.47 -23.34
C GLY B 467 -4.29 -16.41 -22.41
N GLY B 468 -3.24 -16.82 -21.70
CA GLY B 468 -2.56 -15.94 -20.76
C GLY B 468 -2.10 -14.66 -21.43
N HIS B 469 -1.52 -14.76 -22.62
CA HIS B 469 -1.08 -13.54 -23.28
C HIS B 469 -2.28 -12.67 -23.63
N ARG B 470 -3.38 -13.30 -24.04
CA ARG B 470 -4.56 -12.53 -24.42
C ARG B 470 -5.05 -11.76 -23.19
N LEU B 471 -5.05 -12.44 -22.05
CA LEU B 471 -5.47 -11.86 -20.77
C LEU B 471 -4.68 -10.63 -20.38
N PHE B 472 -3.35 -10.79 -20.42
CA PHE B 472 -2.39 -9.72 -20.11
C PHE B 472 -2.67 -8.52 -20.99
N GLU B 473 -3.07 -8.81 -22.22
CA GLU B 473 -3.38 -7.76 -23.17
C GLU B 473 -4.72 -7.12 -22.75
N MET B 474 -5.66 -7.93 -22.25
CA MET B 474 -6.96 -7.39 -21.81
C MET B 474 -6.64 -6.35 -20.74
N LEU B 475 -5.74 -6.75 -19.83
CA LEU B 475 -5.32 -5.90 -18.74
C LEU B 475 -4.66 -4.62 -19.22
N LYS B 476 -3.69 -4.70 -20.16
CA LYS B 476 -3.08 -3.45 -20.63
C LYS B 476 -4.14 -2.50 -21.19
N GLU B 477 -5.05 -3.01 -22.01
CA GLU B 477 -6.06 -2.10 -22.58
C GLU B 477 -6.86 -1.51 -21.46
N GLY B 478 -6.98 -2.27 -20.38
CA GLY B 478 -7.74 -1.83 -19.21
C GLY B 478 -9.13 -1.21 -19.42
N LYS B 479 -9.95 -1.78 -20.30
CA LYS B 479 -11.28 -1.26 -20.55
C LYS B 479 -12.31 -2.25 -20.04
N VAL B 480 -11.86 -3.43 -19.66
CA VAL B 480 -12.80 -4.46 -19.22
C VAL B 480 -12.30 -5.25 -18.04
N ASN B 481 -13.10 -5.28 -16.99
CA ASN B 481 -12.71 -6.01 -15.82
C ASN B 481 -12.77 -7.52 -16.12
N PRO B 482 -11.63 -8.22 -15.96
CA PRO B 482 -11.42 -9.67 -16.17
C PRO B 482 -12.12 -10.56 -15.14
N SER B 483 -12.73 -9.93 -14.14
CA SER B 483 -13.43 -10.70 -13.13
C SER B 483 -14.76 -10.11 -12.73
N PRO B 484 -15.68 -10.98 -12.29
CA PRO B 484 -17.03 -10.65 -11.82
C PRO B 484 -16.96 -10.39 -10.29
N TYR B 485 -15.88 -10.82 -9.66
CA TYR B 485 -15.76 -10.66 -8.20
C TYR B 485 -15.13 -9.44 -7.56
N MET B 486 -14.08 -8.90 -8.16
CA MET B 486 -13.36 -7.77 -7.57
C MET B 486 -12.82 -6.97 -8.73
N LYS B 487 -12.60 -5.67 -8.56
CA LYS B 487 -12.04 -4.88 -9.65
C LYS B 487 -10.53 -5.16 -9.80
N ILE B 488 -10.18 -5.77 -10.93
CA ILE B 488 -8.82 -6.16 -11.18
C ILE B 488 -8.09 -5.49 -12.34
N SER B 489 -6.80 -5.25 -12.12
CA SER B 489 -5.91 -4.60 -13.07
C SER B 489 -4.49 -5.20 -13.02
N TYR B 490 -3.55 -4.62 -13.78
CA TYR B 490 -2.17 -5.10 -13.69
C TYR B 490 -1.43 -4.02 -12.93
N GLU B 491 -0.46 -4.43 -12.09
CA GLU B 491 0.36 -3.50 -11.28
C GLU B 491 1.38 -2.85 -12.23
N HIS B 492 1.41 -1.52 -12.25
CA HIS B 492 2.32 -0.75 -13.12
C HIS B 492 3.70 -0.67 -12.45
N GLY B 493 4.52 -1.67 -12.72
CA GLY B 493 5.82 -1.78 -12.10
C GLY B 493 5.57 -2.94 -11.17
N GLY B 494 5.42 -4.10 -11.79
CA GLY B 494 5.12 -5.27 -11.01
C GLY B 494 6.11 -5.65 -9.95
N ALA B 495 5.57 -6.10 -8.83
CA ALA B 495 6.41 -6.54 -7.74
C ALA B 495 5.54 -7.43 -6.89
N PHE B 496 6.19 -8.22 -6.04
CA PHE B 496 5.44 -9.12 -5.19
C PHE B 496 6.04 -9.13 -3.79
N LEU B 497 5.16 -8.93 -2.83
CA LEU B 497 5.52 -8.93 -1.44
C LEU B 497 6.78 -8.14 -1.16
N GLY B 498 6.84 -6.96 -1.77
CA GLY B 498 7.96 -6.05 -1.56
C GLY B 498 9.16 -6.09 -2.49
N ASP B 499 9.34 -7.19 -3.20
CA ASP B 499 10.46 -7.23 -4.11
C ASP B 499 9.99 -7.00 -5.52
N ILE B 500 10.71 -6.12 -6.20
CA ILE B 500 10.37 -5.76 -7.56
C ILE B 500 10.89 -6.85 -8.45
N LEU B 501 10.09 -7.20 -9.45
CA LEU B 501 10.48 -8.22 -10.42
C LEU B 501 11.25 -7.48 -11.52
N LEU B 502 12.56 -7.71 -11.61
CA LEU B 502 13.40 -7.04 -12.60
C LEU B 502 13.65 -7.85 -13.87
N TYR B 503 13.00 -7.41 -14.92
CA TYR B 503 13.05 -8.03 -16.25
C TYR B 503 14.22 -7.40 -16.98
N ASP B 504 14.80 -8.13 -17.94
CA ASP B 504 15.89 -7.57 -18.75
C ASP B 504 15.36 -7.30 -20.16
N SER B 505 16.26 -7.26 -21.12
CA SER B 505 15.81 -6.99 -22.48
C SER B 505 14.80 -7.99 -23.05
N ARG B 506 15.02 -9.30 -22.81
CA ARG B 506 14.15 -10.40 -23.26
C ARG B 506 12.70 -10.12 -22.85
N ARG B 507 12.55 -9.71 -21.59
CA ARG B 507 11.26 -9.41 -20.98
C ARG B 507 10.47 -10.69 -20.73
N GLU B 508 11.13 -11.66 -20.08
CA GLU B 508 10.51 -12.93 -19.79
C GLU B 508 10.93 -13.42 -18.42
N PRO B 509 10.00 -14.06 -17.70
CA PRO B 509 10.21 -14.60 -16.35
C PRO B 509 11.51 -15.35 -16.11
N GLY B 510 11.97 -16.12 -17.08
CA GLY B 510 13.21 -16.88 -16.88
C GLY B 510 14.46 -16.05 -16.71
N SER B 511 14.55 -14.96 -17.47
CA SER B 511 15.72 -14.11 -17.40
C SER B 511 15.49 -12.94 -16.48
N ALA B 512 14.42 -12.99 -15.68
CA ALA B 512 14.16 -11.91 -14.74
C ALA B 512 14.58 -12.33 -13.34
N ILE B 513 14.65 -11.34 -12.45
CA ILE B 513 15.05 -11.58 -11.07
C ILE B 513 14.34 -10.64 -10.12
N PHE B 514 14.30 -11.05 -8.85
CA PHE B 514 13.65 -10.28 -7.80
C PHE B 514 14.57 -9.42 -6.93
N VAL B 515 14.53 -8.12 -7.13
CA VAL B 515 15.33 -7.23 -6.31
C VAL B 515 14.47 -6.49 -5.26
N GLY B 516 15.08 -6.12 -4.13
CA GLY B 516 14.32 -5.39 -3.13
C GLY B 516 13.92 -4.04 -3.68
N ASN B 517 12.79 -3.49 -3.21
CA ASN B 517 12.35 -2.20 -3.73
C ASN B 517 13.09 -1.12 -2.99
N ILE B 518 14.01 -0.43 -3.66
CA ILE B 518 14.72 0.58 -2.90
C ILE B 518 13.88 1.75 -2.38
N ASN B 519 12.76 2.03 -3.04
CA ASN B 519 11.86 3.09 -2.59
C ASN B 519 11.33 2.68 -1.20
N SER B 520 11.21 1.37 -0.97
CA SER B 520 10.78 0.85 0.34
C SER B 520 11.81 1.19 1.41
N MET B 521 13.09 1.02 1.08
CA MET B 521 14.16 1.34 2.04
C MET B 521 13.95 2.83 2.36
N LEU B 522 13.87 3.66 1.33
CA LEU B 522 13.62 5.07 1.59
C LEU B 522 12.39 5.30 2.50
N ASN B 523 11.27 4.63 2.21
CA ASN B 523 10.09 4.81 3.07
C ASN B 523 10.39 4.42 4.49
N ASN B 524 10.93 3.21 4.66
CA ASN B 524 11.26 2.73 5.99
C ASN B 524 12.25 3.58 6.77
N GLN B 525 13.30 4.05 6.10
CA GLN B 525 14.27 4.85 6.83
C GLN B 525 13.89 6.29 7.10
N PHE B 526 13.18 6.96 6.18
CA PHE B 526 12.84 8.36 6.46
C PHE B 526 11.35 8.71 6.64
N SER B 527 10.46 7.73 6.51
CA SER B 527 9.05 8.03 6.71
C SER B 527 8.39 6.88 7.46
N PRO B 528 8.85 6.59 8.65
CA PRO B 528 8.27 5.50 9.44
C PRO B 528 6.81 5.83 9.76
N GLU B 529 6.00 4.81 9.96
CA GLU B 529 4.62 5.09 10.27
C GLU B 529 4.49 5.55 11.72
N TYR B 530 5.45 5.17 12.54
CA TYR B 530 5.40 5.55 13.94
C TYR B 530 6.71 6.11 14.45
N GLY B 531 6.62 6.88 15.53
CA GLY B 531 7.80 7.44 16.14
C GLY B 531 8.51 6.36 16.96
N VAL B 532 9.67 6.72 17.52
CA VAL B 532 10.41 5.74 18.30
C VAL B 532 9.85 5.52 19.69
N GLN B 533 8.88 6.32 20.13
CA GLN B 533 8.28 6.13 21.45
C GLN B 533 9.35 5.96 22.54
N SER B 534 10.39 6.79 22.49
CA SER B 534 11.46 6.66 23.48
C SER B 534 10.91 6.69 24.90
N GLY B 535 9.67 7.14 25.04
CA GLY B 535 9.07 7.14 26.36
C GLY B 535 8.56 5.77 26.81
N VAL B 536 8.80 4.71 26.05
CA VAL B 536 8.32 3.42 26.50
C VAL B 536 9.49 2.56 26.88
N ARG B 537 9.60 2.26 28.16
CA ARG B 537 10.72 1.48 28.63
C ARG B 537 10.87 0.15 27.97
N ASP B 538 9.80 -0.61 28.00
CA ASP B 538 9.84 -1.94 27.42
C ASP B 538 9.85 -1.86 25.90
N ARG B 539 11.02 -2.01 25.33
CA ARG B 539 11.11 -1.88 23.89
C ARG B 539 10.30 -2.88 23.09
N SER B 540 10.04 -4.02 23.70
CA SER B 540 9.30 -5.05 23.00
C SER B 540 7.85 -4.57 22.76
N LYS B 541 7.37 -3.68 23.60
CA LYS B 541 6.01 -3.17 23.46
C LYS B 541 5.94 -1.96 22.49
N ARG B 542 7.07 -1.56 21.92
CA ARG B 542 7.08 -0.44 21.00
C ARG B 542 6.69 -0.79 19.57
N LYS B 543 6.14 0.17 18.83
CA LYS B 543 5.81 -0.13 17.46
C LYS B 543 7.12 -0.33 16.70
N ARG B 544 8.20 0.32 17.12
CA ARG B 544 9.50 0.08 16.48
C ARG B 544 10.54 -0.20 17.57
N PRO B 545 10.56 -1.42 18.10
CA PRO B 545 11.50 -1.83 19.17
C PRO B 545 12.98 -1.53 19.00
N PHE B 546 13.56 -1.86 17.85
CA PHE B 546 15.00 -1.65 17.65
C PHE B 546 15.32 -1.12 16.27
N PRO B 547 14.90 0.11 16.01
CA PRO B 547 15.09 0.83 14.73
C PRO B 547 16.46 0.67 14.12
N GLY B 548 17.48 0.68 14.96
CA GLY B 548 18.84 0.58 14.46
C GLY B 548 19.24 -0.72 13.78
N LEU B 549 18.62 -1.81 14.20
CA LEU B 549 18.96 -3.09 13.61
C LEU B 549 18.76 -3.17 12.09
N ALA B 550 17.96 -2.26 11.52
CA ALA B 550 17.74 -2.36 10.07
C ALA B 550 18.98 -2.04 9.26
N TRP B 551 19.95 -1.36 9.88
CA TRP B 551 21.15 -1.02 9.14
C TRP B 551 21.86 -2.32 8.79
N ALA B 552 21.83 -3.22 9.76
CA ALA B 552 22.44 -4.54 9.64
C ALA B 552 21.86 -5.40 8.52
N SER B 553 20.58 -5.24 8.23
CA SER B 553 19.98 -6.04 7.17
C SER B 553 19.87 -5.29 5.85
N MET B 554 19.96 -3.96 5.88
CA MET B 554 19.87 -3.16 4.66
C MET B 554 20.48 -3.80 3.36
N LYS B 555 21.79 -4.09 3.37
CA LYS B 555 22.47 -4.69 2.22
C LYS B 555 21.76 -5.96 1.75
N ASP B 556 21.53 -6.88 2.67
CA ASP B 556 20.85 -8.12 2.33
C ASP B 556 19.41 -7.89 1.75
N THR B 557 18.66 -6.99 2.38
CA THR B 557 17.33 -6.69 1.90
C THR B 557 17.33 -5.94 0.58
N TYR B 558 18.15 -4.91 0.45
CA TYR B 558 18.12 -4.13 -0.78
C TYR B 558 19.33 -4.16 -1.74
N GLY B 559 20.39 -4.86 -1.34
CA GLY B 559 21.60 -4.93 -2.15
C GLY B 559 21.41 -5.22 -3.62
N ALA B 560 20.56 -6.18 -3.93
CA ALA B 560 20.30 -6.55 -5.32
C ALA B 560 19.72 -5.44 -6.17
N CYS B 561 19.24 -4.37 -5.55
CA CYS B 561 18.69 -3.30 -6.36
C CYS B 561 19.75 -2.59 -7.20
N PRO B 562 19.52 -2.50 -8.51
CA PRO B 562 20.44 -1.85 -9.44
C PRO B 562 21.12 -0.54 -8.99
N ILE B 563 20.40 0.35 -8.32
CA ILE B 563 21.04 1.59 -7.91
C ILE B 563 21.20 1.70 -6.40
N TYR B 564 21.37 0.54 -5.77
CA TYR B 564 21.55 0.52 -4.33
C TYR B 564 22.67 1.47 -3.90
N SER B 565 23.90 1.15 -4.31
CA SER B 565 25.07 1.97 -3.99
C SER B 565 24.85 3.47 -4.30
N ASP B 566 24.24 3.78 -5.44
CA ASP B 566 24.04 5.20 -5.79
C ASP B 566 23.15 5.93 -4.79
N VAL B 567 22.05 5.29 -4.41
CA VAL B 567 21.12 5.89 -3.46
C VAL B 567 21.81 6.16 -2.13
N LEU B 568 22.55 5.17 -1.62
CA LEU B 568 23.24 5.37 -0.36
C LEU B 568 24.13 6.60 -0.43
N GLU B 569 24.93 6.69 -1.51
CA GLU B 569 25.79 7.84 -1.68
C GLU B 569 24.98 9.12 -1.75
N ALA B 570 23.88 9.10 -2.50
CA ALA B 570 23.00 10.29 -2.60
C ALA B 570 22.52 10.74 -1.20
N ILE B 571 22.13 9.76 -0.39
CA ILE B 571 21.69 10.00 0.97
C ILE B 571 22.83 10.66 1.73
N GLU B 572 23.96 9.95 1.78
CA GLU B 572 25.14 10.44 2.47
C GLU B 572 25.40 11.88 2.05
N ARG B 573 25.44 12.11 0.76
CA ARG B 573 25.69 13.46 0.30
C ARG B 573 24.62 14.43 0.85
N CYS B 574 23.35 14.15 0.62
CA CYS B 574 22.30 15.05 1.08
C CYS B 574 22.25 15.25 2.60
N TRP B 575 22.53 14.19 3.34
CA TRP B 575 22.52 14.27 4.78
C TRP B 575 23.65 15.23 5.19
N TRP B 576 24.81 15.13 4.53
CA TRP B 576 25.92 16.05 4.82
C TRP B 576 25.45 17.46 4.60
N ASN B 577 24.88 17.72 3.43
CA ASN B 577 24.37 19.06 3.15
C ASN B 577 23.36 19.54 4.18
N ALA B 578 22.70 18.63 4.87
CA ALA B 578 21.68 19.11 5.77
C ALA B 578 21.95 19.02 7.25
N PHE B 579 22.93 18.23 7.62
CA PHE B 579 23.22 18.05 9.02
C PHE B 579 24.68 18.27 9.33
N GLY B 580 25.51 18.17 8.30
CA GLY B 580 26.93 18.35 8.52
C GLY B 580 27.48 17.12 9.23
N GLU B 581 26.75 16.01 9.14
CA GLU B 581 27.15 14.74 9.76
C GLU B 581 27.07 13.69 8.65
N SER B 582 27.64 12.52 8.92
CA SER B 582 27.62 11.37 8.02
C SER B 582 26.46 10.44 8.39
N TYR B 583 25.57 10.20 7.44
CA TYR B 583 24.45 9.34 7.71
C TYR B 583 25.02 7.94 8.07
N ARG B 584 25.95 7.43 7.28
CA ARG B 584 26.53 6.11 7.58
C ARG B 584 26.97 6.04 9.05
N ALA B 585 27.67 7.06 9.50
CA ALA B 585 28.13 7.06 10.88
C ALA B 585 26.94 6.99 11.86
N TYR B 586 26.01 7.93 11.67
CA TYR B 586 24.79 8.03 12.46
C TYR B 586 24.19 6.63 12.64
N ARG B 587 24.03 5.92 11.52
CA ARG B 587 23.42 4.60 11.56
C ARG B 587 24.28 3.57 12.26
N GLU B 588 25.59 3.62 12.05
CA GLU B 588 26.42 2.62 12.71
C GLU B 588 26.31 2.82 14.21
N ASP B 589 26.23 4.09 14.63
CA ASP B 589 26.03 4.32 16.08
C ASP B 589 24.72 3.69 16.53
N MET B 590 23.61 4.09 15.88
CA MET B 590 22.31 3.57 16.23
C MET B 590 22.36 2.06 16.25
N LEU B 591 23.05 1.51 15.25
CA LEU B 591 23.19 0.06 15.17
C LEU B 591 23.89 -0.53 16.39
N LYS B 592 25.06 0.04 16.76
CA LYS B 592 25.77 -0.52 17.90
C LYS B 592 24.87 -0.45 19.11
N ARG B 593 24.30 0.74 19.31
CA ARG B 593 23.45 0.99 20.46
C ARG B 593 22.28 0.01 20.54
N ASP B 594 21.56 -0.15 19.44
CA ASP B 594 20.43 -1.04 19.48
C ASP B 594 20.89 -2.49 19.62
N THR B 595 21.99 -2.87 18.97
CA THR B 595 22.46 -4.26 19.10
C THR B 595 22.63 -4.55 20.59
N LEU B 596 23.18 -3.57 21.30
CA LEU B 596 23.42 -3.72 22.73
C LEU B 596 22.18 -3.87 23.54
N GLU B 597 21.28 -2.92 23.34
CA GLU B 597 20.02 -2.93 24.06
C GLU B 597 19.30 -4.29 23.87
N LEU B 598 19.33 -4.82 22.64
CA LEU B 598 18.68 -6.07 22.30
C LEU B 598 19.03 -7.25 23.21
N SER B 599 20.31 -7.42 23.43
CA SER B 599 20.80 -8.50 24.29
C SER B 599 20.07 -8.49 25.64
N ARG B 600 19.58 -7.33 26.05
CA ARG B 600 18.86 -7.26 27.31
C ARG B 600 17.57 -8.11 27.23
N TYR B 601 16.91 -8.06 26.07
CA TYR B 601 15.67 -8.77 25.88
C TYR B 601 15.80 -10.22 25.46
N VAL B 602 16.94 -10.57 24.89
CA VAL B 602 17.11 -11.95 24.49
C VAL B 602 17.83 -12.77 25.56
N ALA B 603 17.12 -13.75 26.11
CA ALA B 603 17.65 -14.62 27.17
C ALA B 603 18.89 -15.39 26.74
N SER B 604 18.91 -15.77 25.46
CA SER B 604 20.00 -16.55 24.87
C SER B 604 21.12 -15.73 24.24
N MET B 605 21.03 -14.41 24.29
CA MET B 605 22.08 -13.57 23.73
C MET B 605 23.06 -13.24 24.84
N ALA B 606 24.34 -13.49 24.58
CA ALA B 606 25.36 -13.15 25.58
C ALA B 606 25.17 -11.64 25.75
N ARG B 607 25.28 -11.13 26.98
CA ARG B 607 25.11 -9.70 27.28
C ARG B 607 26.10 -8.78 26.54
N GLN B 608 26.29 -9.01 25.24
CA GLN B 608 27.19 -8.23 24.38
C GLN B 608 27.56 -9.04 23.13
N ALA B 609 26.89 -10.18 22.95
CA ALA B 609 27.14 -11.04 21.80
C ALA B 609 26.75 -10.21 20.59
N GLY B 610 26.88 -10.77 19.40
CA GLY B 610 26.52 -10.01 18.23
C GLY B 610 25.23 -10.45 17.60
N LEU B 611 24.92 -9.81 16.48
CA LEU B 611 23.74 -10.10 15.68
C LEU B 611 24.14 -11.35 14.92
N ALA B 612 25.14 -12.01 15.48
CA ALA B 612 25.75 -13.20 14.96
C ALA B 612 24.76 -14.18 14.35
N GLU B 613 23.89 -14.74 15.17
CA GLU B 613 22.95 -15.70 14.61
C GLU B 613 21.54 -15.19 14.38
N LEU B 614 21.45 -14.05 13.70
CA LEU B 614 20.15 -13.47 13.41
C LEU B 614 19.94 -13.30 11.92
N THR B 615 18.75 -13.75 11.47
CA THR B 615 18.35 -13.67 10.07
C THR B 615 18.21 -12.21 9.73
N PRO B 616 18.29 -11.87 8.44
CA PRO B 616 18.13 -10.49 8.00
C PRO B 616 16.66 -10.18 8.31
N ILE B 617 15.84 -11.22 8.22
CA ILE B 617 14.41 -11.12 8.51
C ILE B 617 14.27 -10.75 9.99
N ASP B 618 14.99 -11.47 10.84
CA ASP B 618 14.95 -11.20 12.26
C ASP B 618 15.16 -9.69 12.53
N LEU B 619 16.17 -9.16 11.88
CA LEU B 619 16.49 -7.76 12.04
C LEU B 619 15.40 -6.82 11.53
N GLU B 620 14.88 -7.04 10.33
CA GLU B 620 13.84 -6.16 9.82
C GLU B 620 12.60 -6.20 10.74
N VAL B 621 12.29 -7.37 11.28
CA VAL B 621 11.13 -7.48 12.15
C VAL B 621 11.32 -6.76 13.47
N LEU B 622 12.52 -6.83 14.00
CA LEU B 622 12.78 -6.19 15.24
C LEU B 622 12.74 -4.65 15.06
N ALA B 623 12.99 -4.20 13.84
CA ALA B 623 13.01 -2.78 13.56
C ALA B 623 11.62 -2.35 13.19
N ASP B 624 10.83 -3.30 12.69
CA ASP B 624 9.46 -3.02 12.31
C ASP B 624 8.56 -4.23 12.38
N PRO B 625 7.97 -4.49 13.54
CA PRO B 625 7.07 -5.63 13.70
C PRO B 625 5.87 -5.66 12.74
N ASN B 626 5.55 -4.53 12.11
CA ASN B 626 4.44 -4.48 11.12
C ASN B 626 4.72 -5.52 10.03
N LYS B 627 6.00 -5.66 9.69
CA LYS B 627 6.45 -6.58 8.67
C LYS B 627 5.93 -7.99 8.99
N LEU B 628 5.66 -8.25 10.26
CA LEU B 628 5.19 -9.56 10.73
C LEU B 628 3.71 -9.86 10.46
N GLN B 629 3.00 -8.87 9.94
CA GLN B 629 1.58 -8.99 9.64
C GLN B 629 1.35 -8.49 8.22
N TYR B 630 2.23 -8.87 7.30
CA TYR B 630 2.04 -8.42 5.94
C TYR B 630 3.11 -8.91 4.98
N LYS B 631 4.29 -9.24 5.52
CA LYS B 631 5.41 -9.68 4.70
C LYS B 631 5.81 -11.10 5.07
N TRP B 632 5.79 -11.40 6.36
CA TRP B 632 6.20 -12.71 6.86
C TRP B 632 5.31 -13.20 7.99
N THR B 633 5.72 -14.29 8.61
CA THR B 633 4.91 -14.84 9.67
C THR B 633 5.75 -15.56 10.74
N GLU B 634 5.12 -15.83 11.90
CA GLU B 634 5.78 -16.52 13.00
C GLU B 634 6.82 -17.51 12.48
N ALA B 635 6.46 -18.17 11.39
CA ALA B 635 7.31 -19.15 10.77
C ALA B 635 8.75 -18.70 10.46
N ASP B 636 8.88 -17.69 9.60
CA ASP B 636 10.15 -17.15 9.12
C ASP B 636 11.08 -16.48 10.15
N VAL B 637 10.54 -16.24 11.34
CA VAL B 637 11.29 -15.58 12.40
C VAL B 637 11.87 -16.53 13.43
N SER B 638 13.17 -16.45 13.64
CA SER B 638 13.84 -17.26 14.65
C SER B 638 13.04 -17.27 15.97
N ALA B 639 12.92 -18.45 16.56
CA ALA B 639 12.17 -18.54 17.80
C ALA B 639 12.67 -17.64 18.93
N ASN B 640 13.98 -17.38 18.97
CA ASN B 640 14.56 -16.52 20.01
C ASN B 640 13.82 -15.19 19.89
N ILE B 641 13.98 -14.60 18.71
CA ILE B 641 13.38 -13.34 18.38
C ILE B 641 11.88 -13.34 18.61
N HIS B 642 11.20 -14.34 18.08
CA HIS B 642 9.76 -14.48 18.25
C HIS B 642 9.32 -14.22 19.71
N GLU B 643 9.99 -14.84 20.69
CA GLU B 643 9.63 -14.62 22.10
C GLU B 643 9.77 -13.15 22.54
N VAL B 644 10.63 -12.40 21.88
CA VAL B 644 10.77 -10.99 22.24
C VAL B 644 9.48 -10.23 21.96
N LEU B 645 8.88 -10.53 20.83
CA LEU B 645 7.66 -9.88 20.37
C LEU B 645 6.35 -10.50 20.77
N MET B 646 6.32 -11.82 20.90
CA MET B 646 5.07 -12.47 21.21
C MET B 646 5.14 -13.26 22.48
N HIS B 647 3.97 -13.61 22.99
CA HIS B 647 3.83 -14.41 24.19
C HIS B 647 2.60 -15.30 23.95
N GLY B 648 2.68 -16.57 24.31
CA GLY B 648 1.53 -17.40 24.06
C GLY B 648 0.70 -17.94 25.21
N VAL B 649 -0.39 -18.62 24.86
CA VAL B 649 -1.27 -19.27 25.80
C VAL B 649 -0.86 -20.73 25.68
N SER B 650 -0.99 -21.50 26.76
CA SER B 650 -0.61 -22.92 26.78
C SER B 650 -1.20 -23.79 25.66
N VAL B 651 -0.34 -24.56 24.99
CA VAL B 651 -0.85 -25.45 23.95
C VAL B 651 -1.94 -26.37 24.52
N GLU B 652 -1.79 -26.77 25.78
CA GLU B 652 -2.75 -27.65 26.41
C GLU B 652 -4.11 -27.03 26.27
N LYS B 653 -4.19 -25.75 26.60
CA LYS B 653 -5.46 -25.07 26.55
C LYS B 653 -6.05 -24.89 25.15
N THR B 654 -5.21 -24.58 24.14
CA THR B 654 -5.73 -24.44 22.77
C THR B 654 -6.16 -25.81 22.21
N GLU B 655 -5.34 -26.81 22.49
CA GLU B 655 -5.58 -28.17 22.04
C GLU B 655 -6.96 -28.63 22.51
N ARG B 656 -7.27 -28.40 23.76
CA ARG B 656 -8.57 -28.80 24.25
C ARG B 656 -9.66 -28.00 23.53
N PHE B 657 -9.43 -26.71 23.35
CA PHE B 657 -10.38 -25.83 22.68
C PHE B 657 -10.61 -26.30 21.26
N LEU B 658 -9.50 -26.41 20.53
CA LEU B 658 -9.57 -26.82 19.15
C LEU B 658 -10.26 -28.17 18.93
N ARG B 659 -10.03 -29.13 19.84
CA ARG B 659 -10.64 -30.43 19.71
C ARG B 659 -12.15 -30.31 19.71
N SER B 660 -12.70 -29.32 20.41
CA SER B 660 -14.16 -29.15 20.41
C SER B 660 -14.70 -28.36 19.19
N VAL B 661 -13.81 -27.74 18.42
CA VAL B 661 -14.27 -26.92 17.30
C VAL B 661 -14.23 -27.75 16.04
N MET B 662 -13.03 -28.29 15.84
CA MET B 662 -12.70 -29.14 14.71
C MET B 662 -13.71 -30.26 14.52
N PRO B 663 -13.97 -30.60 13.27
CA PRO B 663 -14.92 -31.66 12.96
C PRO B 663 -14.33 -33.00 13.40
N ARG B 664 -13.10 -33.25 12.96
CA ARG B 664 -12.33 -34.46 13.28
C ARG B 664 -10.91 -33.97 13.55
N PRO C 1 -33.68 -47.34 -30.98
CA PRO C 1 -33.29 -47.21 -32.42
C PRO C 1 -32.33 -46.03 -32.50
N ARG C 2 -31.75 -45.75 -31.33
CA ARG C 2 -30.79 -44.70 -31.01
C ARG C 2 -31.66 -43.82 -30.13
N ARG C 3 -31.21 -43.60 -28.91
CA ARG C 3 -32.00 -42.82 -28.01
C ARG C 3 -31.59 -41.37 -27.86
N ALA C 4 -30.42 -40.99 -28.35
CA ALA C 4 -30.05 -39.56 -28.18
C ALA C 4 -29.70 -39.32 -26.75
N PRO C 5 -28.42 -39.06 -26.51
CA PRO C 5 -28.05 -38.81 -25.12
C PRO C 5 -28.72 -37.51 -24.63
N ALA C 6 -29.09 -37.48 -23.36
CA ALA C 6 -29.69 -36.31 -22.76
C ALA C 6 -28.90 -36.01 -21.49
N PHE C 7 -28.62 -34.75 -21.23
CA PHE C 7 -27.87 -34.41 -20.03
C PHE C 7 -28.51 -33.27 -19.26
N PRO C 8 -28.51 -33.38 -17.94
CA PRO C 8 -29.14 -32.29 -17.18
C PRO C 8 -28.12 -31.15 -17.03
N LEU C 9 -28.66 -29.97 -16.76
CA LEU C 9 -27.88 -28.76 -16.64
C LEU C 9 -26.64 -28.96 -15.78
N SER C 10 -26.81 -29.72 -14.71
CA SER C 10 -25.71 -29.98 -13.80
C SER C 10 -24.58 -30.79 -14.42
N ASP C 11 -24.85 -31.48 -15.53
CA ASP C 11 -23.79 -32.24 -16.15
C ASP C 11 -22.75 -31.38 -16.81
N ILE C 12 -21.52 -31.81 -16.69
CA ILE C 12 -20.40 -31.07 -17.26
C ILE C 12 -20.62 -30.67 -18.73
N LYS C 13 -21.24 -31.54 -19.51
CA LYS C 13 -21.46 -31.25 -20.92
C LYS C 13 -22.38 -30.04 -21.16
N ALA C 14 -23.37 -29.89 -20.27
CA ALA C 14 -24.32 -28.79 -20.33
C ALA C 14 -23.62 -27.57 -19.74
N GLN C 15 -22.92 -27.78 -18.64
CA GLN C 15 -22.22 -26.67 -18.01
C GLN C 15 -21.27 -25.97 -18.98
N MET C 16 -20.56 -26.74 -19.83
CA MET C 16 -19.62 -26.15 -20.76
C MET C 16 -20.30 -25.26 -21.81
N LEU C 17 -21.64 -25.30 -21.86
CA LEU C 17 -22.44 -24.51 -22.80
C LEU C 17 -22.58 -23.06 -22.39
N PHE C 18 -22.43 -22.82 -21.10
CA PHE C 18 -22.56 -21.47 -20.55
C PHE C 18 -21.29 -20.89 -19.91
N ALA C 19 -20.86 -19.75 -20.45
CA ALA C 19 -19.67 -19.07 -19.96
C ALA C 19 -19.84 -18.53 -18.53
N ASN C 20 -18.70 -18.31 -17.89
CA ASN C 20 -18.66 -17.82 -16.52
C ASN C 20 -19.09 -16.38 -16.43
N ASN C 21 -20.35 -16.14 -16.69
CA ASN C 21 -20.86 -14.80 -16.60
C ASN C 21 -22.35 -14.83 -16.29
N ILE C 22 -22.79 -13.74 -15.69
CA ILE C 22 -24.15 -13.59 -15.22
C ILE C 22 -25.20 -13.91 -16.27
N LYS C 23 -25.16 -13.18 -17.39
CA LYS C 23 -26.11 -13.42 -18.46
C LYS C 23 -26.17 -14.89 -18.85
N ALA C 24 -25.01 -15.45 -19.17
CA ALA C 24 -24.99 -16.83 -19.58
C ALA C 24 -25.61 -17.72 -18.52
N GLN C 25 -25.12 -17.59 -17.30
CA GLN C 25 -25.63 -18.44 -16.24
C GLN C 25 -27.12 -18.35 -16.11
N GLN C 26 -27.63 -17.13 -16.15
CA GLN C 26 -29.07 -16.92 -16.04
C GLN C 26 -29.82 -17.61 -17.15
N ALA C 27 -29.31 -17.52 -18.38
CA ALA C 27 -29.96 -18.19 -19.49
C ALA C 27 -30.00 -19.71 -19.28
N SER C 28 -28.96 -20.30 -18.72
CA SER C 28 -28.98 -21.74 -18.51
C SER C 28 -30.06 -22.13 -17.50
N LYS C 29 -30.28 -21.27 -16.52
CA LYS C 29 -31.24 -21.54 -15.44
C LYS C 29 -32.63 -20.95 -15.66
N ARG C 30 -32.77 -19.99 -16.58
CA ARG C 30 -34.07 -19.32 -16.79
C ARG C 30 -35.21 -20.31 -16.60
N SER C 31 -36.10 -20.00 -15.66
CA SER C 31 -37.25 -20.86 -15.40
C SER C 31 -38.41 -20.44 -16.29
N PHE C 32 -39.46 -21.25 -16.32
CA PHE C 32 -40.66 -20.95 -17.14
C PHE C 32 -41.23 -19.57 -16.76
N LYS C 33 -41.55 -18.74 -17.75
CA LYS C 33 -42.08 -17.40 -17.47
C LYS C 33 -43.43 -17.17 -18.18
N GLU C 34 -44.24 -16.25 -17.66
CA GLU C 34 -45.57 -15.99 -18.18
C GLU C 34 -45.99 -14.60 -17.76
N GLY C 35 -46.82 -13.94 -18.57
CA GLY C 35 -47.27 -12.61 -18.19
C GLY C 35 -47.82 -11.78 -19.31
N ALA C 36 -48.82 -10.95 -18.99
CA ALA C 36 -49.41 -10.13 -20.04
C ALA C 36 -48.37 -9.33 -20.77
N ILE C 37 -48.60 -9.11 -22.04
CA ILE C 37 -47.66 -8.35 -22.81
C ILE C 37 -48.14 -6.87 -22.82
N GLU C 38 -47.19 -5.94 -22.91
CA GLU C 38 -47.56 -4.52 -22.96
C GLU C 38 -47.81 -4.26 -24.44
N THR C 39 -49.05 -4.47 -24.87
CA THR C 39 -49.43 -4.34 -26.27
C THR C 39 -49.04 -3.02 -26.91
N TYR C 40 -49.24 -1.94 -26.16
CA TYR C 40 -48.91 -0.58 -26.55
C TYR C 40 -48.54 0.07 -25.23
N GLU C 41 -47.72 1.12 -25.22
CA GLU C 41 -47.37 1.70 -23.92
C GLU C 41 -48.63 2.03 -23.13
N GLY C 42 -48.69 1.49 -21.91
CA GLY C 42 -49.83 1.74 -21.07
C GLY C 42 -50.95 0.75 -21.30
N LEU C 43 -50.81 -0.15 -22.26
CA LEU C 43 -51.90 -1.08 -22.48
C LEU C 43 -51.55 -2.56 -22.36
N LEU C 44 -52.11 -3.19 -21.36
CA LEU C 44 -51.86 -4.60 -21.15
C LEU C 44 -52.74 -5.46 -22.02
N SER C 45 -52.13 -6.42 -22.69
CA SER C 45 -52.86 -7.31 -23.59
C SER C 45 -54.06 -7.97 -22.93
N VAL C 46 -54.05 -8.09 -21.62
CA VAL C 46 -55.14 -8.76 -20.98
C VAL C 46 -56.11 -7.81 -20.22
N ASP C 47 -55.94 -6.50 -20.43
CA ASP C 47 -56.81 -5.45 -19.87
C ASP C 47 -58.28 -5.69 -20.31
N PRO C 48 -59.23 -5.60 -19.37
CA PRO C 48 -60.66 -5.83 -19.69
C PRO C 48 -61.21 -5.01 -20.85
N ARG C 49 -60.87 -3.72 -20.92
CA ARG C 49 -61.36 -2.90 -22.04
C ARG C 49 -60.96 -3.53 -23.37
N PHE C 50 -59.69 -3.90 -23.46
CA PHE C 50 -59.12 -4.49 -24.66
C PHE C 50 -59.76 -5.83 -25.02
N LEU C 51 -59.96 -6.70 -24.03
CA LEU C 51 -60.56 -8.02 -24.33
C LEU C 51 -61.99 -7.82 -24.76
N SER C 52 -62.63 -6.83 -24.17
CA SER C 52 -64.00 -6.54 -24.54
C SER C 52 -63.97 -6.13 -26.00
N PHE C 53 -63.09 -5.17 -26.31
CA PHE C 53 -62.96 -4.70 -27.69
C PHE C 53 -62.69 -5.88 -28.61
N LYS C 54 -61.77 -6.75 -28.19
CA LYS C 54 -61.47 -7.90 -29.02
C LYS C 54 -62.69 -8.80 -29.19
N ASN C 55 -63.46 -9.02 -28.12
CA ASN C 55 -64.62 -9.89 -28.26
C ASN C 55 -65.63 -9.27 -29.22
N GLU C 56 -65.89 -7.98 -29.10
CA GLU C 56 -66.86 -7.37 -29.98
C GLU C 56 -66.36 -7.34 -31.44
N LEU C 57 -65.15 -6.87 -31.64
CA LEU C 57 -64.63 -6.81 -33.00
C LEU C 57 -64.59 -8.14 -33.72
N SER C 58 -64.05 -9.16 -33.05
CA SER C 58 -63.97 -10.48 -33.67
C SER C 58 -65.33 -11.02 -34.04
N ARG C 59 -66.30 -10.88 -33.13
CA ARG C 59 -67.62 -11.43 -33.41
C ARG C 59 -68.26 -10.68 -34.56
N TYR C 60 -68.19 -9.35 -34.51
CA TYR C 60 -68.75 -8.53 -35.56
C TYR C 60 -68.17 -8.89 -36.91
N LEU C 61 -66.86 -8.66 -37.11
CA LEU C 61 -66.22 -8.98 -38.40
C LEU C 61 -66.58 -10.38 -38.91
N THR C 62 -66.43 -11.39 -38.07
CA THR C 62 -66.75 -12.75 -38.46
C THR C 62 -68.18 -12.81 -38.98
N ASP C 63 -69.11 -12.24 -38.24
CA ASP C 63 -70.50 -12.23 -38.66
C ASP C 63 -70.77 -11.50 -39.98
N HIS C 64 -70.20 -10.31 -40.16
CA HIS C 64 -70.46 -9.56 -41.40
C HIS C 64 -69.52 -9.85 -42.55
N PHE C 65 -68.48 -10.62 -42.31
CA PHE C 65 -67.57 -10.89 -43.40
C PHE C 65 -67.09 -12.29 -43.37
N PRO C 66 -68.00 -13.23 -43.60
CA PRO C 66 -67.64 -14.65 -43.60
C PRO C 66 -66.69 -14.83 -44.79
N ALA C 67 -65.87 -15.87 -44.75
CA ALA C 67 -64.91 -16.12 -45.83
C ALA C 67 -65.50 -16.25 -47.24
N ASN C 68 -64.64 -16.00 -48.22
CA ASN C 68 -65.00 -16.09 -49.64
C ASN C 68 -63.95 -16.95 -50.29
N VAL C 69 -64.00 -18.26 -49.99
CA VAL C 69 -63.02 -19.19 -50.55
C VAL C 69 -63.71 -20.35 -51.27
N ASP C 70 -63.50 -20.44 -52.58
CA ASP C 70 -64.14 -21.51 -53.35
C ASP C 70 -63.59 -22.94 -53.07
N GLU C 71 -64.20 -23.94 -53.72
CA GLU C 71 -63.84 -25.35 -53.60
C GLU C 71 -62.33 -25.60 -53.79
N TYR C 72 -61.70 -24.76 -54.62
CA TYR C 72 -60.28 -24.87 -54.94
C TYR C 72 -59.36 -23.96 -54.12
N GLY C 73 -59.87 -23.47 -53.00
CA GLY C 73 -59.09 -22.59 -52.17
C GLY C 73 -58.76 -21.23 -52.77
N ARG C 74 -59.46 -20.82 -53.84
CA ARG C 74 -59.19 -19.50 -54.37
C ARG C 74 -60.09 -18.55 -53.57
N VAL C 75 -59.57 -17.39 -53.20
CA VAL C 75 -60.41 -16.47 -52.48
C VAL C 75 -60.81 -15.34 -53.42
N TYR C 76 -62.07 -14.98 -53.30
CA TYR C 76 -62.67 -13.98 -54.16
C TYR C 76 -63.47 -13.09 -53.23
N GLY C 77 -64.24 -12.18 -53.83
CA GLY C 77 -65.12 -11.32 -53.07
C GLY C 77 -64.49 -10.35 -52.10
N ASN C 78 -64.79 -10.57 -50.81
CA ASN C 78 -64.28 -9.73 -49.72
C ASN C 78 -62.79 -9.91 -49.35
N GLY C 79 -62.18 -11.02 -49.77
CA GLY C 79 -60.77 -11.24 -49.47
C GLY C 79 -60.56 -11.78 -48.07
N VAL C 80 -61.62 -12.31 -47.49
CA VAL C 80 -61.54 -12.87 -46.15
C VAL C 80 -61.46 -14.36 -46.35
N ARG C 81 -60.42 -15.01 -45.82
CA ARG C 81 -60.33 -16.45 -45.97
C ARG C 81 -60.62 -17.28 -44.72
N THR C 82 -60.98 -16.62 -43.62
CA THR C 82 -61.36 -17.33 -42.40
C THR C 82 -61.96 -16.37 -41.36
N ASN C 83 -62.49 -16.93 -40.27
CA ASN C 83 -63.07 -16.07 -39.25
C ASN C 83 -62.02 -15.16 -38.61
N PHE C 84 -62.45 -14.32 -37.69
CA PHE C 84 -61.54 -13.38 -37.05
C PHE C 84 -61.30 -13.70 -35.59
N PHE C 85 -61.70 -14.89 -35.18
CA PHE C 85 -61.56 -15.34 -33.80
C PHE C 85 -60.11 -15.53 -33.37
N GLY C 86 -59.22 -15.48 -34.34
CA GLY C 86 -57.80 -15.66 -34.07
C GLY C 86 -57.23 -14.72 -33.05
N MET C 87 -57.81 -13.52 -32.96
CA MET C 87 -57.37 -12.49 -32.02
C MET C 87 -57.76 -12.76 -30.59
N ARG C 88 -58.62 -13.75 -30.37
CA ARG C 88 -59.06 -14.05 -29.03
C ARG C 88 -58.08 -14.78 -28.11
N HIS C 89 -56.87 -14.24 -27.94
CA HIS C 89 -55.89 -14.88 -27.05
C HIS C 89 -55.35 -13.95 -25.97
N MET C 90 -55.08 -14.51 -24.80
CA MET C 90 -54.51 -13.79 -23.67
C MET C 90 -53.00 -13.73 -23.98
N ASN C 91 -52.62 -12.83 -24.90
CA ASN C 91 -51.22 -12.73 -25.31
C ASN C 91 -50.22 -12.65 -24.20
N GLY C 92 -49.17 -13.45 -24.25
CA GLY C 92 -48.19 -13.43 -23.16
C GLY C 92 -48.30 -14.65 -22.25
N PHE C 93 -49.39 -15.41 -22.39
CA PHE C 93 -49.64 -16.64 -21.62
C PHE C 93 -49.68 -17.87 -22.56
N PRO C 94 -48.64 -18.71 -22.52
CA PRO C 94 -48.61 -19.88 -23.40
C PRO C 94 -49.47 -21.06 -23.07
N MET C 95 -49.68 -21.85 -24.11
CA MET C 95 -50.36 -23.12 -23.99
C MET C 95 -49.33 -23.93 -23.18
N ILE C 96 -49.80 -24.88 -22.40
CA ILE C 96 -48.88 -25.64 -21.60
C ILE C 96 -49.08 -27.10 -21.90
N PRO C 97 -48.00 -27.85 -22.10
CA PRO C 97 -46.59 -27.40 -22.09
C PRO C 97 -46.18 -27.14 -23.55
N ALA C 98 -45.01 -26.56 -23.78
CA ALA C 98 -44.56 -26.36 -25.16
C ALA C 98 -44.03 -27.72 -25.54
N THR C 99 -43.76 -27.91 -26.81
CA THR C 99 -43.26 -29.22 -27.21
C THR C 99 -41.80 -29.37 -26.95
N TRP C 100 -41.35 -30.61 -26.83
CA TRP C 100 -39.94 -30.83 -26.74
C TRP C 100 -39.54 -31.05 -28.19
N PRO C 101 -38.40 -30.51 -28.57
CA PRO C 101 -37.86 -30.61 -29.93
C PRO C 101 -37.43 -32.06 -30.19
N LEU C 102 -37.80 -32.62 -31.34
CA LEU C 102 -37.42 -33.99 -31.67
C LEU C 102 -35.94 -34.11 -32.00
N ALA C 103 -35.25 -35.07 -31.38
CA ALA C 103 -33.81 -35.23 -31.64
C ALA C 103 -33.50 -35.83 -32.99
N SER C 104 -34.45 -36.59 -33.53
CA SER C 104 -34.27 -37.19 -34.84
C SER C 104 -35.61 -37.19 -35.51
N ASN C 105 -35.62 -36.87 -36.81
CA ASN C 105 -36.87 -36.86 -37.54
C ASN C 105 -36.91 -37.97 -38.57
N LEU C 106 -35.93 -38.89 -38.53
CA LEU C 106 -35.92 -40.02 -39.47
C LEU C 106 -37.21 -40.85 -39.41
N LYS C 107 -37.60 -41.28 -38.20
CA LYS C 107 -38.83 -42.07 -38.07
C LYS C 107 -40.01 -41.26 -38.53
N LYS C 108 -40.07 -40.03 -38.07
CA LYS C 108 -41.15 -39.14 -38.44
C LYS C 108 -41.30 -39.08 -39.98
N ARG C 109 -40.19 -38.90 -40.70
CA ARG C 109 -40.23 -38.79 -42.15
C ARG C 109 -40.71 -40.10 -42.75
N ALA C 110 -40.06 -41.16 -42.31
CA ALA C 110 -40.40 -42.46 -42.82
C ALA C 110 -41.88 -42.78 -42.58
N ASP C 111 -42.35 -42.64 -41.36
CA ASP C 111 -43.74 -42.96 -41.13
C ASP C 111 -44.68 -42.10 -41.95
N ALA C 112 -44.19 -40.99 -42.48
CA ALA C 112 -45.02 -40.10 -43.27
C ALA C 112 -44.86 -40.39 -44.75
N ASP C 113 -44.13 -41.45 -45.03
CA ASP C 113 -43.88 -41.87 -46.39
C ASP C 113 -43.09 -40.95 -47.28
N LEU C 114 -42.13 -40.28 -46.65
CA LEU C 114 -41.27 -39.36 -47.35
C LEU C 114 -39.98 -40.12 -47.56
N ALA C 115 -39.28 -39.80 -48.65
CA ALA C 115 -38.02 -40.44 -49.04
C ALA C 115 -36.78 -40.16 -48.20
N ASP C 116 -35.86 -41.11 -48.16
CA ASP C 116 -34.64 -40.86 -47.40
C ASP C 116 -33.46 -40.50 -48.32
N GLY C 117 -33.82 -39.99 -49.49
CA GLY C 117 -32.83 -39.51 -50.45
C GLY C 117 -33.47 -39.11 -51.77
N PRO C 118 -32.68 -38.57 -52.72
CA PRO C 118 -33.25 -38.19 -54.02
C PRO C 118 -33.82 -39.54 -54.48
N VAL C 119 -35.02 -39.58 -55.05
CA VAL C 119 -35.55 -40.87 -55.43
C VAL C 119 -35.12 -41.31 -56.81
N SER C 120 -34.95 -40.36 -57.71
CA SER C 120 -34.54 -40.65 -59.07
C SER C 120 -33.20 -39.97 -59.30
N GLU C 121 -32.49 -40.33 -60.36
CA GLU C 121 -31.22 -39.66 -60.64
C GLU C 121 -31.43 -38.21 -61.08
N ARG C 122 -32.55 -37.97 -61.75
CA ARG C 122 -32.88 -36.62 -62.18
C ARG C 122 -32.98 -35.74 -60.94
N ASP C 123 -33.75 -36.20 -59.98
CA ASP C 123 -33.93 -35.43 -58.76
C ASP C 123 -32.55 -35.16 -58.14
N ASN C 124 -31.74 -36.19 -58.04
CA ASN C 124 -30.41 -36.01 -57.50
C ASN C 124 -29.64 -34.93 -58.27
N LEU C 125 -29.86 -34.87 -59.57
CA LEU C 125 -29.17 -33.85 -60.33
C LEU C 125 -29.72 -32.44 -60.05
N LEU C 126 -31.04 -32.29 -60.01
CA LEU C 126 -31.64 -31.00 -59.78
C LEU C 126 -31.23 -30.40 -58.41
N PHE C 127 -31.29 -31.24 -57.37
CA PHE C 127 -30.88 -30.78 -56.06
C PHE C 127 -29.41 -30.33 -56.17
N ARG C 128 -28.56 -31.14 -56.79
CA ARG C 128 -27.16 -30.72 -56.89
C ARG C 128 -26.98 -29.54 -57.79
N ALA C 129 -27.91 -29.34 -58.72
CA ALA C 129 -27.77 -28.22 -59.62
C ALA C 129 -28.15 -27.00 -58.82
N ALA C 130 -29.21 -27.13 -58.03
CA ALA C 130 -29.65 -26.02 -57.20
C ALA C 130 -28.45 -25.52 -56.39
N VAL C 131 -27.72 -26.46 -55.81
CA VAL C 131 -26.53 -26.08 -55.07
C VAL C 131 -25.53 -25.36 -55.95
N ARG C 132 -25.28 -25.90 -57.14
CA ARG C 132 -24.31 -25.28 -58.02
C ARG C 132 -24.68 -23.87 -58.43
N LEU C 133 -25.93 -23.67 -58.84
CA LEU C 133 -26.35 -22.32 -59.20
C LEU C 133 -26.31 -21.36 -58.02
N MET C 134 -26.77 -21.80 -56.87
CA MET C 134 -26.80 -20.94 -55.70
C MET C 134 -25.47 -20.56 -55.08
N PHE C 135 -24.49 -21.46 -55.06
CA PHE C 135 -23.24 -21.14 -54.39
C PHE C 135 -22.05 -20.80 -55.25
N SER C 136 -22.28 -20.37 -56.49
CA SER C 136 -21.12 -20.15 -57.34
C SER C 136 -20.43 -18.77 -57.30
N ASP C 137 -20.56 -17.99 -58.36
CA ASP C 137 -19.94 -16.67 -58.46
C ASP C 137 -20.59 -15.66 -57.50
N LEU C 138 -20.15 -15.73 -56.25
CA LEU C 138 -20.64 -14.91 -55.17
C LEU C 138 -19.72 -13.75 -54.87
N GLU C 139 -20.33 -12.62 -54.53
CA GLU C 139 -19.60 -11.39 -54.20
C GLU C 139 -19.55 -11.13 -52.72
N PRO C 140 -18.39 -10.73 -52.20
CA PRO C 140 -18.28 -10.44 -50.76
C PRO C 140 -19.15 -9.26 -50.32
N VAL C 141 -19.62 -9.31 -49.08
CA VAL C 141 -20.38 -8.18 -48.53
C VAL C 141 -20.16 -8.07 -47.04
N PRO C 142 -20.47 -6.91 -46.51
CA PRO C 142 -20.23 -6.93 -45.08
C PRO C 142 -21.22 -7.87 -44.38
N LEU C 143 -20.74 -8.47 -43.31
CA LEU C 143 -21.54 -9.35 -42.51
C LEU C 143 -22.39 -8.45 -41.59
N LYS C 144 -23.65 -8.21 -41.94
CA LYS C 144 -24.52 -7.37 -41.12
C LYS C 144 -25.08 -8.17 -39.95
N ILE C 145 -25.17 -7.50 -38.81
CA ILE C 145 -25.64 -8.07 -37.58
C ILE C 145 -26.81 -7.32 -36.98
N ARG C 146 -27.84 -8.03 -36.56
CA ARG C 146 -28.98 -7.36 -35.99
C ARG C 146 -28.66 -6.73 -34.63
N LYS C 147 -29.18 -5.54 -34.39
CA LYS C 147 -28.86 -4.87 -33.12
C LYS C 147 -29.65 -5.44 -31.95
N GLY C 148 -28.95 -5.62 -30.85
CA GLY C 148 -29.58 -6.15 -29.66
C GLY C 148 -29.74 -7.66 -29.71
N SER C 149 -29.38 -8.26 -30.86
CA SER C 149 -29.48 -9.70 -31.05
C SER C 149 -28.50 -10.40 -30.11
N SER C 150 -28.71 -11.68 -29.84
CA SER C 150 -27.81 -12.40 -28.93
C SER C 150 -26.71 -13.29 -29.54
N THR C 151 -25.65 -13.44 -28.78
CA THR C 151 -24.52 -14.28 -29.11
C THR C 151 -24.84 -15.72 -28.76
N CYS C 152 -25.92 -15.91 -28.00
CA CYS C 152 -26.34 -17.21 -27.54
C CYS C 152 -25.13 -18.04 -27.00
N ILE C 153 -25.12 -19.38 -27.08
CA ILE C 153 -24.00 -20.15 -26.54
C ILE C 153 -22.61 -19.82 -27.15
N PRO C 154 -21.62 -19.65 -26.30
CA PRO C 154 -21.63 -19.73 -24.84
C PRO C 154 -21.66 -18.40 -24.07
N TYR C 155 -21.47 -17.25 -24.73
CA TYR C 155 -21.45 -16.00 -23.96
C TYR C 155 -22.76 -15.25 -23.70
N PHE C 156 -23.75 -15.43 -24.56
CA PHE C 156 -24.99 -14.73 -24.37
C PHE C 156 -24.82 -13.22 -24.30
N SER C 157 -23.86 -12.67 -25.03
CA SER C 157 -23.72 -11.21 -25.00
C SER C 157 -24.75 -10.55 -25.93
N ASN C 158 -25.10 -9.29 -25.67
CA ASN C 158 -26.03 -8.54 -26.56
C ASN C 158 -25.37 -7.24 -26.96
N ASP C 159 -24.10 -7.14 -26.61
CA ASP C 159 -23.29 -5.97 -26.91
C ASP C 159 -22.76 -5.96 -28.33
N MET C 160 -23.17 -4.96 -29.11
CA MET C 160 -22.71 -4.89 -30.51
C MET C 160 -21.20 -4.98 -30.64
N GLY C 161 -20.50 -4.30 -29.75
CA GLY C 161 -19.06 -4.35 -29.79
C GLY C 161 -18.51 -5.74 -29.63
N THR C 162 -19.00 -6.43 -28.60
CA THR C 162 -18.57 -7.78 -28.35
C THR C 162 -19.00 -8.69 -29.48
N LYS C 163 -20.14 -8.41 -30.10
CA LYS C 163 -20.56 -9.28 -31.20
C LYS C 163 -19.57 -9.17 -32.35
N ILE C 164 -19.27 -7.92 -32.73
CA ILE C 164 -18.33 -7.68 -33.81
C ILE C 164 -16.96 -8.32 -33.51
N GLU C 165 -16.55 -8.30 -32.25
CA GLU C 165 -15.27 -8.90 -31.84
C GLU C 165 -15.37 -10.36 -32.24
N ILE C 166 -16.28 -11.05 -31.55
CA ILE C 166 -16.55 -12.47 -31.74
C ILE C 166 -16.59 -12.88 -33.21
N ALA C 167 -17.34 -12.14 -34.01
CA ALA C 167 -17.46 -12.40 -35.43
C ALA C 167 -16.13 -12.30 -36.20
N GLU C 168 -15.41 -11.21 -35.99
CA GLU C 168 -14.15 -11.03 -36.67
C GLU C 168 -13.22 -12.17 -36.26
N ARG C 169 -13.20 -12.43 -34.97
CA ARG C 169 -12.37 -13.51 -34.45
C ARG C 169 -12.78 -14.83 -35.09
N ALA C 170 -14.07 -14.98 -35.31
CA ALA C 170 -14.57 -16.21 -35.91
C ALA C 170 -14.14 -16.36 -37.36
N LEU C 171 -14.23 -15.29 -38.16
CA LEU C 171 -13.82 -15.41 -39.55
C LEU C 171 -12.32 -15.63 -39.65
N GLU C 172 -11.59 -15.23 -38.61
CA GLU C 172 -10.16 -15.41 -38.61
C GLU C 172 -9.85 -16.85 -38.28
N LYS C 173 -10.62 -17.42 -37.37
CA LYS C 173 -10.34 -18.75 -36.90
C LYS C 173 -11.24 -19.90 -37.38
N ALA C 174 -12.20 -19.60 -38.24
CA ALA C 174 -13.12 -20.62 -38.74
C ALA C 174 -12.34 -21.81 -39.35
N GLU C 175 -11.33 -21.47 -40.13
CA GLU C 175 -10.54 -22.47 -40.79
C GLU C 175 -9.90 -23.48 -39.84
N GLU C 176 -9.34 -23.04 -38.74
CA GLU C 176 -8.73 -23.95 -37.78
C GLU C 176 -9.80 -24.79 -37.12
N ALA C 177 -10.93 -24.14 -36.89
CA ALA C 177 -12.05 -24.79 -36.24
C ALA C 177 -12.51 -25.96 -37.11
N GLY C 178 -12.81 -25.66 -38.37
CA GLY C 178 -13.24 -26.71 -39.27
C GLY C 178 -12.26 -27.85 -39.40
N ASN C 179 -10.97 -27.56 -39.54
CA ASN C 179 -10.01 -28.64 -39.70
C ASN C 179 -9.98 -29.47 -38.46
N LEU C 180 -10.19 -28.82 -37.34
CA LEU C 180 -10.21 -29.53 -36.08
C LEU C 180 -11.41 -30.48 -36.09
N MET C 181 -12.49 -29.98 -36.67
CA MET C 181 -13.70 -30.74 -36.75
C MET C 181 -13.47 -31.88 -37.77
N LEU C 182 -12.88 -31.57 -38.92
CA LEU C 182 -12.61 -32.63 -39.89
C LEU C 182 -11.82 -33.75 -39.20
N GLN C 183 -11.09 -33.46 -38.13
CA GLN C 183 -10.33 -34.54 -37.47
C GLN C 183 -11.11 -35.16 -36.34
N GLY C 184 -12.36 -34.74 -36.20
CA GLY C 184 -13.21 -35.30 -35.16
C GLY C 184 -13.02 -34.69 -33.79
N LYS C 185 -12.32 -33.56 -33.72
CA LYS C 185 -12.06 -32.94 -32.45
C LYS C 185 -13.00 -31.79 -32.18
N PHE C 186 -14.30 -32.09 -32.06
CA PHE C 186 -15.28 -31.03 -31.83
C PHE C 186 -15.09 -30.31 -30.53
N ASP C 187 -14.87 -31.06 -29.47
CA ASP C 187 -14.65 -30.43 -28.18
C ASP C 187 -13.53 -29.37 -28.31
N ASP C 188 -12.44 -29.70 -28.98
CA ASP C 188 -11.40 -28.70 -29.13
C ASP C 188 -11.93 -27.52 -29.94
N ALA C 189 -12.61 -27.81 -31.04
CA ALA C 189 -13.13 -26.73 -31.86
C ALA C 189 -13.95 -25.77 -31.01
N TYR C 190 -14.81 -26.34 -30.17
CA TYR C 190 -15.66 -25.55 -29.30
C TYR C 190 -14.89 -24.82 -28.17
N GLN C 191 -14.07 -25.56 -27.43
CA GLN C 191 -13.31 -24.98 -26.35
C GLN C 191 -12.43 -23.81 -26.79
N LEU C 192 -11.78 -23.98 -27.95
CA LEU C 192 -10.91 -22.97 -28.52
C LEU C 192 -11.56 -21.84 -29.26
N HIS C 193 -12.68 -22.10 -29.94
CA HIS C 193 -13.26 -21.03 -30.74
C HIS C 193 -14.74 -20.86 -30.63
N GLN C 194 -15.31 -21.63 -29.69
CA GLN C 194 -16.76 -21.66 -29.43
C GLN C 194 -17.55 -21.98 -30.68
N MET C 195 -17.00 -22.81 -31.58
CA MET C 195 -17.74 -23.19 -32.77
C MET C 195 -18.18 -24.62 -32.44
N GLY C 196 -19.43 -24.74 -32.03
CA GLY C 196 -19.96 -26.02 -31.63
C GLY C 196 -20.92 -25.81 -30.50
N GLY C 197 -21.00 -26.81 -29.63
CA GLY C 197 -21.87 -26.66 -28.50
C GLY C 197 -23.27 -27.14 -28.71
N ALA C 198 -24.20 -26.20 -28.93
CA ALA C 198 -25.63 -26.52 -29.07
C ALA C 198 -26.42 -25.29 -29.40
N TYR C 199 -27.65 -25.52 -29.83
CA TYR C 199 -28.56 -24.43 -30.11
C TYR C 199 -29.27 -24.21 -28.77
N TYR C 200 -29.72 -22.99 -28.54
CA TYR C 200 -30.41 -22.70 -27.30
C TYR C 200 -31.91 -22.60 -27.62
N VAL C 201 -32.73 -23.40 -26.96
CA VAL C 201 -34.13 -23.35 -27.29
C VAL C 201 -34.93 -22.32 -26.53
N VAL C 202 -35.64 -21.52 -27.31
CA VAL C 202 -36.49 -20.46 -26.81
C VAL C 202 -37.86 -20.60 -27.42
N TYR C 203 -38.89 -20.55 -26.60
CA TYR C 203 -40.23 -20.66 -27.13
C TYR C 203 -40.81 -19.29 -27.52
N ARG C 204 -41.26 -19.19 -28.76
CA ARG C 204 -41.85 -17.95 -29.27
C ARG C 204 -43.34 -18.11 -29.42
N ALA C 205 -44.02 -16.98 -29.48
CA ALA C 205 -45.46 -17.03 -29.59
C ALA C 205 -45.95 -16.85 -30.98
N GLN C 206 -47.03 -17.57 -31.28
CA GLN C 206 -47.76 -17.47 -32.53
C GLN C 206 -48.92 -16.74 -31.87
N SER C 207 -48.95 -15.42 -31.97
CA SER C 207 -49.99 -14.73 -31.19
C SER C 207 -51.40 -15.03 -31.57
N THR C 208 -51.59 -15.54 -32.77
CA THR C 208 -52.93 -15.83 -33.20
C THR C 208 -52.89 -17.23 -33.77
N ASP C 209 -53.95 -17.96 -33.54
CA ASP C 209 -54.06 -19.30 -34.04
C ASP C 209 -55.56 -19.53 -34.18
N ALA C 210 -55.93 -20.52 -34.98
CA ALA C 210 -57.33 -20.80 -35.26
C ALA C 210 -58.25 -21.09 -34.09
N ILE C 211 -59.41 -20.44 -34.12
CA ILE C 211 -60.44 -20.65 -33.12
C ILE C 211 -61.75 -20.74 -33.86
N THR C 212 -62.59 -21.65 -33.39
CA THR C 212 -63.88 -21.91 -34.02
C THR C 212 -65.04 -21.68 -33.07
N LEU C 213 -66.17 -21.28 -33.65
CA LEU C 213 -67.39 -21.06 -32.86
C LEU C 213 -68.36 -22.15 -33.23
N ASP C 214 -68.48 -23.17 -32.37
CA ASP C 214 -69.41 -24.27 -32.65
C ASP C 214 -70.87 -23.82 -32.43
N PRO C 215 -71.67 -23.81 -33.50
CA PRO C 215 -73.07 -23.38 -33.47
C PRO C 215 -73.94 -24.09 -32.41
N LYS C 216 -73.71 -25.39 -32.23
CA LYS C 216 -74.46 -26.21 -31.27
C LYS C 216 -74.39 -25.67 -29.82
N THR C 217 -73.18 -25.64 -29.26
CA THR C 217 -72.98 -25.16 -27.88
C THR C 217 -72.87 -23.64 -27.75
N GLY C 218 -72.59 -22.95 -28.85
CA GLY C 218 -72.43 -21.51 -28.75
C GLY C 218 -71.14 -21.17 -28.00
N LYS C 219 -70.30 -22.19 -27.81
CA LYS C 219 -69.02 -22.01 -27.11
C LYS C 219 -67.88 -22.04 -28.12
N PHE C 220 -66.76 -21.44 -27.78
CA PHE C 220 -65.61 -21.41 -28.70
C PHE C 220 -64.70 -22.58 -28.43
N VAL C 221 -64.01 -23.03 -29.47
CA VAL C 221 -63.07 -24.12 -29.35
C VAL C 221 -61.77 -23.79 -30.11
N SER C 222 -60.64 -23.93 -29.41
CA SER C 222 -59.32 -23.64 -29.99
C SER C 222 -58.66 -24.81 -30.75
N LYS C 223 -57.96 -24.51 -31.82
CA LYS C 223 -57.28 -25.58 -32.56
C LYS C 223 -56.32 -26.32 -31.65
N ASP C 224 -56.48 -27.63 -31.53
CA ASP C 224 -55.56 -28.36 -30.67
C ASP C 224 -54.19 -28.33 -31.31
N ARG C 225 -53.16 -28.15 -30.50
CA ARG C 225 -51.79 -28.17 -30.99
C ARG C 225 -51.03 -29.31 -30.29
N MET C 226 -50.55 -30.22 -31.10
CA MET C 226 -49.86 -31.37 -30.61
C MET C 226 -48.42 -31.09 -30.20
N VAL C 227 -48.04 -31.58 -29.03
CA VAL C 227 -46.68 -31.42 -28.58
C VAL C 227 -46.14 -32.75 -28.13
N ALA C 228 -44.83 -32.84 -28.09
CA ALA C 228 -44.15 -34.06 -27.69
C ALA C 228 -43.51 -33.90 -26.32
N ASP C 229 -43.55 -34.98 -25.56
CA ASP C 229 -42.93 -34.93 -24.24
C ASP C 229 -41.47 -35.35 -24.40
N PHE C 230 -40.72 -35.23 -23.32
CA PHE C 230 -39.32 -35.56 -23.36
C PHE C 230 -39.03 -36.95 -23.94
N GLU C 231 -39.82 -37.95 -23.55
CA GLU C 231 -39.61 -39.28 -24.05
C GLU C 231 -39.72 -39.35 -25.55
N TYR C 232 -40.82 -38.81 -26.02
CA TYR C 232 -41.06 -38.81 -27.45
C TYR C 232 -39.88 -38.12 -28.16
N ALA C 233 -39.50 -36.94 -27.69
CA ALA C 233 -38.42 -36.21 -28.36
C ALA C 233 -37.09 -36.93 -28.43
N VAL C 234 -36.70 -37.60 -27.35
CA VAL C 234 -35.41 -38.27 -27.44
C VAL C 234 -35.44 -39.58 -28.21
N THR C 235 -36.62 -40.17 -28.34
CA THR C 235 -36.72 -41.46 -29.06
C THR C 235 -37.21 -41.33 -30.50
N GLY C 236 -37.24 -40.10 -30.98
CA GLY C 236 -37.68 -39.89 -32.35
C GLY C 236 -39.12 -40.33 -32.54
N GLY C 237 -39.87 -40.37 -31.45
CA GLY C 237 -41.26 -40.79 -31.53
C GLY C 237 -41.43 -42.28 -31.21
N GLU C 238 -40.36 -43.06 -31.02
CA GLU C 238 -40.52 -44.50 -30.70
C GLU C 238 -41.29 -44.72 -29.38
N GLN C 239 -40.77 -44.19 -28.28
CA GLN C 239 -41.43 -44.29 -26.98
C GLN C 239 -42.15 -42.95 -26.75
N GLY C 240 -42.63 -42.73 -25.53
CA GLY C 240 -43.29 -41.48 -25.17
C GLY C 240 -44.60 -41.21 -25.88
N SER C 241 -45.23 -40.10 -25.54
CA SER C 241 -46.48 -39.76 -26.18
C SER C 241 -46.48 -38.37 -26.81
N LEU C 242 -47.50 -38.16 -27.63
CA LEU C 242 -47.67 -36.94 -28.37
C LEU C 242 -49.08 -36.41 -28.26
N PHE C 243 -49.32 -35.60 -27.24
CA PHE C 243 -50.63 -35.02 -26.94
C PHE C 243 -50.82 -33.55 -27.29
N ALA C 244 -52.06 -33.10 -27.08
CA ALA C 244 -52.47 -31.73 -27.31
C ALA C 244 -52.13 -30.90 -26.10
N ALA C 245 -51.55 -29.72 -26.32
CA ALA C 245 -51.21 -28.85 -25.21
C ALA C 245 -52.54 -28.27 -24.67
N SER C 246 -52.52 -27.68 -23.48
CA SER C 246 -53.76 -27.09 -22.99
C SER C 246 -53.78 -25.58 -23.25
N LYS C 247 -54.76 -25.11 -24.01
CA LYS C 247 -54.84 -23.69 -24.30
C LYS C 247 -55.82 -23.01 -23.37
N ASP C 248 -56.38 -23.82 -22.47
CA ASP C 248 -57.36 -23.33 -21.52
C ASP C 248 -56.79 -22.21 -20.66
N ALA C 249 -57.41 -21.03 -20.72
CA ALA C 249 -56.95 -19.86 -19.96
C ALA C 249 -57.52 -19.67 -18.52
N SER C 250 -58.54 -20.44 -18.17
CA SER C 250 -59.17 -20.38 -16.85
C SER C 250 -58.14 -20.26 -15.75
N ARG C 251 -57.11 -21.10 -15.82
CA ARG C 251 -56.06 -21.06 -14.82
C ARG C 251 -55.61 -19.62 -14.52
N LEU C 252 -55.63 -18.74 -15.52
CA LEU C 252 -55.20 -17.37 -15.29
C LEU C 252 -56.00 -16.71 -14.16
N LYS C 253 -57.26 -17.08 -14.00
CA LYS C 253 -58.05 -16.49 -12.92
C LYS C 253 -57.48 -16.88 -11.55
N GLU C 254 -57.29 -18.17 -11.27
CA GLU C 254 -56.73 -18.56 -9.95
C GLU C 254 -55.30 -18.12 -9.81
N GLN C 255 -54.45 -18.49 -10.76
CA GLN C 255 -53.05 -18.13 -10.65
C GLN C 255 -52.78 -16.66 -10.48
N TYR C 256 -53.35 -15.83 -11.35
CA TYR C 256 -53.07 -14.41 -11.30
C TYR C 256 -54.27 -13.50 -11.07
N GLY C 257 -55.45 -14.11 -10.98
CA GLY C 257 -56.63 -13.31 -10.76
C GLY C 257 -56.80 -12.34 -11.90
N ILE C 258 -56.92 -12.89 -13.10
CA ILE C 258 -57.11 -12.08 -14.27
C ILE C 258 -58.43 -12.58 -14.81
N ASP C 259 -59.33 -11.67 -15.11
CA ASP C 259 -60.61 -12.08 -15.62
C ASP C 259 -60.48 -12.50 -17.03
N VAL C 260 -60.60 -13.80 -17.26
CA VAL C 260 -60.51 -14.30 -18.61
C VAL C 260 -61.94 -14.44 -19.12
N PRO C 261 -62.31 -13.59 -20.08
CA PRO C 261 -63.66 -13.65 -20.62
C PRO C 261 -63.89 -14.95 -21.39
N ASP C 262 -65.15 -15.23 -21.70
CA ASP C 262 -65.42 -16.46 -22.38
C ASP C 262 -64.91 -16.50 -23.80
N GLY C 263 -64.29 -17.62 -24.17
CA GLY C 263 -63.80 -17.76 -25.53
C GLY C 263 -62.44 -17.12 -25.79
N PHE C 264 -61.60 -17.11 -24.76
CA PHE C 264 -60.25 -16.59 -24.90
C PHE C 264 -59.27 -17.66 -24.42
N PHE C 265 -58.17 -17.77 -25.15
CA PHE C 265 -57.22 -18.81 -24.82
C PHE C 265 -55.81 -18.41 -24.75
N CYS C 266 -55.03 -19.33 -24.18
CA CYS C 266 -53.59 -19.19 -24.06
C CYS C 266 -53.02 -19.36 -25.47
N GLU C 267 -51.88 -18.73 -25.73
CA GLU C 267 -51.32 -18.79 -27.07
C GLU C 267 -50.43 -19.97 -27.43
N ARG C 268 -50.41 -20.24 -28.72
CA ARG C 268 -49.60 -21.30 -29.27
C ARG C 268 -48.14 -20.97 -29.18
N ARG C 269 -47.32 -21.92 -28.80
CA ARG C 269 -45.90 -21.61 -28.75
C ARG C 269 -45.09 -22.50 -29.66
N ARG C 270 -44.17 -21.86 -30.37
CA ARG C 270 -43.33 -22.52 -31.35
C ARG C 270 -41.90 -22.59 -30.88
N THR C 271 -41.24 -23.73 -31.03
CA THR C 271 -39.87 -23.71 -30.60
C THR C 271 -39.02 -22.94 -31.62
N ALA C 272 -38.08 -22.16 -31.09
CA ALA C 272 -37.14 -21.36 -31.85
C ALA C 272 -35.73 -21.65 -31.30
N MET C 273 -34.73 -21.65 -32.15
CA MET C 273 -33.43 -21.97 -31.62
C MET C 273 -32.37 -20.97 -32.00
N GLY C 274 -31.72 -20.46 -30.95
CA GLY C 274 -30.64 -19.51 -31.10
C GLY C 274 -29.36 -20.29 -31.29
N GLY C 275 -28.61 -19.91 -32.33
CA GLY C 275 -27.39 -20.61 -32.63
C GLY C 275 -26.18 -19.98 -32.03
N PRO C 276 -25.16 -20.79 -31.82
CA PRO C 276 -23.87 -20.35 -31.26
C PRO C 276 -23.27 -19.44 -32.32
N PHE C 277 -23.17 -18.17 -31.98
CA PHE C 277 -22.71 -17.14 -32.91
C PHE C 277 -21.36 -17.32 -33.54
N ALA C 278 -20.38 -17.86 -32.82
CA ALA C 278 -19.06 -18.07 -33.44
C ALA C 278 -19.15 -19.01 -34.66
N LEU C 279 -20.09 -19.92 -34.62
CA LEU C 279 -20.31 -20.88 -35.67
C LEU C 279 -21.14 -20.28 -36.79
N ASN C 280 -22.15 -19.48 -36.44
CA ASN C 280 -22.98 -18.85 -37.48
C ASN C 280 -22.28 -17.77 -38.32
N ALA C 281 -21.29 -17.10 -37.72
CA ALA C 281 -20.58 -16.05 -38.43
C ALA C 281 -19.98 -16.55 -39.75
N PRO C 282 -19.13 -17.57 -39.71
CA PRO C 282 -18.50 -18.12 -40.92
C PRO C 282 -19.59 -18.44 -41.93
N ILE C 283 -20.70 -18.96 -41.41
CA ILE C 283 -21.83 -19.33 -42.25
C ILE C 283 -22.54 -18.10 -42.85
N MET C 284 -22.89 -17.15 -42.00
CA MET C 284 -23.56 -15.96 -42.51
C MET C 284 -22.72 -15.22 -43.57
N ALA C 285 -21.39 -15.34 -43.45
CA ALA C 285 -20.49 -14.69 -44.39
C ALA C 285 -20.69 -15.21 -45.83
N VAL C 286 -21.19 -16.43 -45.93
CA VAL C 286 -21.43 -17.00 -47.24
C VAL C 286 -22.91 -16.82 -47.59
N ALA C 287 -23.76 -17.01 -46.59
CA ALA C 287 -25.19 -16.94 -46.79
C ALA C 287 -25.72 -15.66 -47.41
N GLN C 288 -25.21 -14.53 -46.95
CA GLN C 288 -25.69 -13.26 -47.48
C GLN C 288 -25.35 -13.16 -48.98
N PRO C 289 -24.10 -13.48 -49.36
CA PRO C 289 -23.77 -13.42 -50.79
C PRO C 289 -24.73 -14.31 -51.59
N VAL C 290 -24.96 -15.52 -51.10
CA VAL C 290 -25.89 -16.40 -51.77
C VAL C 290 -27.26 -15.75 -51.92
N ARG C 291 -27.73 -15.05 -50.90
CA ARG C 291 -29.06 -14.40 -50.99
C ARG C 291 -29.05 -13.38 -52.10
N ASN C 292 -28.01 -12.57 -52.08
CA ASN C 292 -27.84 -11.53 -53.06
C ASN C 292 -27.87 -12.13 -54.44
N LYS C 293 -27.17 -13.25 -54.61
CA LYS C 293 -27.18 -13.89 -55.92
C LYS C 293 -28.58 -14.33 -56.33
N ILE C 294 -29.15 -15.27 -55.63
CA ILE C 294 -30.47 -15.69 -56.07
C ILE C 294 -31.49 -14.56 -56.14
N TYR C 295 -31.43 -13.56 -55.25
CA TYR C 295 -32.44 -12.50 -55.32
C TYR C 295 -32.18 -11.58 -56.51
N SER C 296 -30.94 -11.63 -57.04
CA SER C 296 -30.60 -10.86 -58.23
C SER C 296 -30.78 -11.75 -59.50
N LYS C 297 -29.80 -12.62 -59.84
CA LYS C 297 -29.96 -13.46 -61.03
C LYS C 297 -31.24 -14.29 -61.02
N TYR C 298 -31.75 -14.71 -59.86
CA TYR C 298 -32.97 -15.51 -59.94
C TYR C 298 -34.19 -14.84 -59.34
N ALA C 299 -34.17 -13.52 -59.46
CA ALA C 299 -35.26 -12.69 -58.98
C ALA C 299 -36.66 -13.17 -59.35
N TYR C 300 -36.82 -13.76 -60.52
CA TYR C 300 -38.15 -14.17 -60.89
C TYR C 300 -38.79 -15.06 -59.85
N THR C 301 -38.09 -16.09 -59.37
CA THR C 301 -38.78 -16.98 -58.46
C THR C 301 -38.49 -16.73 -57.00
N PHE C 302 -37.40 -16.02 -56.75
CA PHE C 302 -36.99 -15.78 -55.37
C PHE C 302 -37.19 -14.42 -54.71
N HIS C 303 -37.00 -13.35 -55.46
CA HIS C 303 -37.11 -11.98 -54.95
C HIS C 303 -38.51 -11.31 -55.04
N HIS C 304 -39.16 -11.15 -53.89
CA HIS C 304 -40.52 -10.58 -53.85
C HIS C 304 -40.69 -9.34 -52.98
N THR C 305 -41.43 -8.38 -53.48
CA THR C 305 -41.60 -7.17 -52.72
C THR C 305 -43.03 -6.72 -52.53
N THR C 306 -43.51 -5.89 -53.45
CA THR C 306 -44.86 -5.33 -53.37
C THR C 306 -45.93 -6.27 -53.79
N ARG C 307 -47.18 -5.85 -53.55
CA ARG C 307 -48.30 -6.67 -53.98
C ARG C 307 -48.28 -6.69 -55.52
N LEU C 308 -47.78 -5.63 -56.14
CA LEU C 308 -47.79 -5.56 -57.60
C LEU C 308 -46.66 -6.32 -58.26
N ASN C 309 -45.54 -6.39 -57.55
CA ASN C 309 -44.36 -7.14 -58.01
C ASN C 309 -44.80 -8.60 -58.28
N LYS C 310 -45.57 -9.14 -57.34
CA LYS C 310 -46.12 -10.48 -57.42
C LYS C 310 -47.17 -10.54 -58.52
N GLU C 311 -48.06 -9.56 -58.56
CA GLU C 311 -49.08 -9.56 -59.61
C GLU C 311 -48.47 -9.67 -61.01
N GLU C 312 -47.48 -8.83 -61.31
CA GLU C 312 -46.92 -8.89 -62.64
C GLU C 312 -46.68 -10.35 -63.04
N LYS C 313 -45.82 -11.06 -62.31
CA LYS C 313 -45.52 -12.47 -62.62
C LYS C 313 -46.71 -13.46 -62.72
N VAL C 314 -47.63 -13.44 -61.76
CA VAL C 314 -48.74 -14.37 -61.81
C VAL C 314 -49.78 -14.11 -62.90
N LYS C 315 -50.04 -12.84 -63.19
CA LYS C 315 -51.06 -12.42 -64.17
C LYS C 315 -50.90 -13.11 -65.52
N GLU C 316 -49.64 -13.37 -65.84
CA GLU C 316 -49.23 -13.97 -67.08
C GLU C 316 -49.40 -15.51 -67.11
N TRP C 317 -49.81 -16.11 -65.99
CA TRP C 317 -49.96 -17.56 -65.93
C TRP C 317 -51.37 -17.94 -66.30
N SER C 318 -51.56 -19.18 -66.75
CA SER C 318 -52.89 -19.66 -67.12
C SER C 318 -53.42 -20.39 -65.93
N LEU C 319 -52.50 -20.87 -65.11
CA LEU C 319 -52.86 -21.59 -63.90
C LEU C 319 -51.94 -21.24 -62.76
N CYS C 320 -52.54 -21.00 -61.59
CA CYS C 320 -51.77 -20.67 -60.41
C CYS C 320 -52.16 -21.62 -59.27
N VAL C 321 -51.20 -22.39 -58.78
CA VAL C 321 -51.52 -23.27 -57.69
C VAL C 321 -50.80 -22.81 -56.44
N ALA C 322 -51.60 -22.54 -55.40
CA ALA C 322 -51.06 -22.09 -54.12
C ALA C 322 -50.87 -23.26 -53.15
N THR C 323 -49.61 -23.70 -53.03
CA THR C 323 -49.23 -24.83 -52.19
C THR C 323 -49.17 -24.54 -50.71
N ASP C 324 -49.02 -25.63 -49.97
CA ASP C 324 -48.97 -25.62 -48.51
C ASP C 324 -48.16 -26.80 -48.00
N VAL C 325 -47.13 -26.52 -47.20
CA VAL C 325 -46.28 -27.59 -46.69
C VAL C 325 -46.52 -27.85 -45.24
N SER C 326 -46.63 -29.10 -44.87
CA SER C 326 -46.88 -29.39 -43.47
C SER C 326 -45.60 -29.46 -42.63
N ASP C 327 -45.54 -28.63 -41.57
CA ASP C 327 -44.41 -28.62 -40.62
C ASP C 327 -43.01 -28.69 -41.28
N HIS C 328 -42.75 -27.73 -42.16
CA HIS C 328 -41.53 -27.70 -42.93
C HIS C 328 -40.24 -27.97 -42.19
N ASP C 329 -39.99 -27.13 -41.19
CA ASP C 329 -38.76 -27.24 -40.45
C ASP C 329 -38.47 -28.57 -39.80
N THR C 330 -39.48 -29.22 -39.24
CA THR C 330 -39.20 -30.46 -38.59
C THR C 330 -39.09 -31.64 -39.53
N PHE C 331 -39.57 -31.47 -40.76
CA PHE C 331 -39.47 -32.57 -41.74
C PHE C 331 -38.23 -32.45 -42.59
N TRP C 332 -37.65 -31.25 -42.65
CA TRP C 332 -36.49 -30.99 -43.49
C TRP C 332 -35.50 -32.14 -43.35
N PRO C 333 -35.14 -32.76 -44.47
CA PRO C 333 -34.22 -33.90 -44.45
C PRO C 333 -32.74 -33.71 -44.33
N GLY C 334 -32.18 -34.46 -43.39
CA GLY C 334 -30.76 -34.41 -43.15
C GLY C 334 -30.02 -34.91 -44.36
N TRP C 335 -30.69 -35.73 -45.17
CA TRP C 335 -29.99 -36.24 -46.34
C TRP C 335 -29.71 -35.09 -47.28
N LEU C 336 -30.58 -34.06 -47.26
CA LEU C 336 -30.34 -32.92 -48.12
C LEU C 336 -29.14 -32.15 -47.63
N ARG C 337 -28.94 -32.14 -46.31
CA ARG C 337 -27.80 -31.45 -45.71
C ARG C 337 -26.54 -32.08 -46.27
N ASP C 338 -26.49 -33.40 -46.11
CA ASP C 338 -25.36 -34.16 -46.59
C ASP C 338 -25.16 -34.03 -48.10
N LEU C 339 -26.26 -33.94 -48.85
CA LEU C 339 -26.18 -33.83 -50.31
C LEU C 339 -25.50 -32.49 -50.61
N ILE C 340 -26.03 -31.43 -50.01
CA ILE C 340 -25.49 -30.11 -50.22
C ILE C 340 -24.00 -30.00 -49.88
N CYS C 341 -23.59 -30.59 -48.77
CA CYS C 341 -22.19 -30.54 -48.41
C CYS C 341 -21.32 -31.26 -49.42
N ASP C 342 -21.84 -32.41 -49.86
CA ASP C 342 -21.13 -33.19 -50.84
C ASP C 342 -20.94 -32.38 -52.12
N GLU C 343 -22.01 -31.79 -52.62
CA GLU C 343 -21.85 -31.00 -53.83
C GLU C 343 -20.93 -29.81 -53.62
N LEU C 344 -21.06 -29.15 -52.46
CA LEU C 344 -20.25 -27.98 -52.20
C LEU C 344 -18.79 -28.39 -52.32
N LEU C 345 -18.46 -29.51 -51.70
CA LEU C 345 -17.11 -30.05 -51.72
C LEU C 345 -16.70 -30.24 -53.19
N ASN C 346 -17.57 -30.84 -53.99
CA ASN C 346 -17.29 -31.04 -55.42
C ASN C 346 -16.98 -29.73 -56.12
N MET C 347 -17.82 -28.70 -55.92
CA MET C 347 -17.61 -27.41 -56.59
C MET C 347 -16.28 -26.78 -56.24
N GLY C 348 -15.67 -27.26 -55.14
CA GLY C 348 -14.39 -26.70 -54.71
C GLY C 348 -14.34 -25.86 -53.43
N TYR C 349 -15.34 -25.96 -52.58
CA TYR C 349 -15.36 -25.20 -51.33
C TYR C 349 -14.36 -25.78 -50.30
N ALA C 350 -13.68 -24.90 -49.55
CA ALA C 350 -12.78 -25.38 -48.51
C ALA C 350 -13.48 -26.45 -47.67
N PRO C 351 -12.87 -27.62 -47.52
CA PRO C 351 -13.56 -28.64 -46.71
C PRO C 351 -13.82 -28.19 -45.28
N TRP C 352 -12.88 -27.41 -44.74
CA TRP C 352 -13.05 -26.95 -43.38
C TRP C 352 -14.32 -26.12 -43.25
N TRP C 353 -14.63 -25.30 -44.25
CA TRP C 353 -15.85 -24.52 -44.16
C TRP C 353 -17.08 -25.41 -44.30
N VAL C 354 -17.03 -26.31 -45.28
CA VAL C 354 -18.15 -27.20 -45.51
C VAL C 354 -18.36 -28.00 -44.26
N LYS C 355 -17.26 -28.36 -43.60
CA LYS C 355 -17.46 -29.14 -42.41
C LYS C 355 -18.19 -28.35 -41.34
N LEU C 356 -17.93 -27.03 -41.28
CA LEU C 356 -18.60 -26.16 -40.30
C LEU C 356 -20.08 -26.17 -40.64
N PHE C 357 -20.36 -25.89 -41.91
CA PHE C 357 -21.74 -25.86 -42.37
C PHE C 357 -22.48 -27.12 -41.96
N GLU C 358 -21.92 -28.28 -42.31
CA GLU C 358 -22.51 -29.57 -41.96
C GLU C 358 -22.83 -29.68 -40.46
N THR C 359 -21.82 -29.43 -39.66
CA THR C 359 -21.94 -29.49 -38.23
C THR C 359 -23.04 -28.57 -37.69
N SER C 360 -23.17 -27.40 -38.29
CA SER C 360 -24.21 -26.50 -37.83
C SER C 360 -25.61 -27.10 -38.04
N LEU C 361 -25.71 -28.15 -38.85
CA LEU C 361 -26.99 -28.75 -39.13
C LEU C 361 -27.25 -30.07 -38.40
N LYS C 362 -26.37 -30.44 -37.49
CA LYS C 362 -26.53 -31.66 -36.71
C LYS C 362 -26.19 -31.45 -35.24
N LEU C 363 -26.17 -30.19 -34.84
CA LEU C 363 -25.82 -29.80 -33.50
C LEU C 363 -26.84 -30.10 -32.41
N PRO C 364 -26.36 -30.39 -31.21
CA PRO C 364 -27.24 -30.69 -30.07
C PRO C 364 -28.11 -29.47 -29.76
N VAL C 365 -29.10 -29.72 -28.94
CA VAL C 365 -30.06 -28.71 -28.61
C VAL C 365 -30.27 -28.63 -27.09
N TYR C 366 -30.18 -27.43 -26.53
CA TYR C 366 -30.38 -27.25 -25.08
C TYR C 366 -31.78 -26.72 -24.90
N VAL C 367 -32.54 -27.48 -24.13
CA VAL C 367 -33.91 -27.12 -23.92
C VAL C 367 -34.03 -26.36 -22.66
N GLY C 368 -34.61 -25.18 -22.81
CA GLY C 368 -34.81 -24.32 -21.70
C GLY C 368 -36.01 -24.68 -20.83
N ALA C 369 -37.10 -23.96 -21.04
CA ALA C 369 -38.25 -24.18 -20.22
C ALA C 369 -39.56 -24.26 -20.95
N PRO C 370 -39.89 -25.46 -21.42
CA PRO C 370 -41.11 -25.77 -22.15
C PRO C 370 -42.34 -25.67 -21.24
N ALA C 371 -42.11 -25.72 -19.93
CA ALA C 371 -43.23 -25.66 -18.98
C ALA C 371 -42.70 -25.51 -17.58
N PRO C 372 -43.58 -25.19 -16.64
CA PRO C 372 -43.19 -25.01 -15.24
C PRO C 372 -42.50 -26.29 -14.76
N GLU C 373 -41.34 -26.16 -14.12
CA GLU C 373 -40.57 -27.30 -13.63
C GLU C 373 -40.28 -28.35 -14.69
N GLN C 374 -39.76 -27.89 -15.82
CA GLN C 374 -39.42 -28.75 -16.94
C GLN C 374 -38.28 -28.16 -17.78
N GLY C 375 -37.40 -29.03 -18.25
CA GLY C 375 -36.33 -28.55 -19.10
C GLY C 375 -34.96 -28.53 -18.52
N HIS C 376 -34.18 -27.54 -18.97
CA HIS C 376 -32.81 -27.38 -18.52
C HIS C 376 -32.17 -28.72 -18.73
N THR C 377 -32.28 -29.20 -19.96
CA THR C 377 -31.74 -30.49 -20.36
C THR C 377 -31.14 -30.38 -21.75
N LEU C 378 -29.94 -30.92 -21.91
CA LEU C 378 -29.25 -30.87 -23.20
C LEU C 378 -29.53 -32.16 -23.97
N LEU C 379 -29.93 -32.06 -25.24
CA LEU C 379 -30.20 -33.22 -26.09
C LEU C 379 -29.05 -33.36 -27.08
N GLY C 380 -28.45 -34.56 -27.10
CA GLY C 380 -27.34 -34.86 -27.99
C GLY C 380 -25.97 -34.54 -27.42
N ASP C 381 -24.96 -35.24 -27.83
CA ASP C 381 -23.64 -35.00 -27.31
C ASP C 381 -22.81 -34.05 -28.16
N PRO C 382 -22.46 -32.87 -27.62
CA PRO C 382 -21.66 -31.93 -28.41
C PRO C 382 -20.30 -32.45 -28.84
N SER C 383 -19.84 -33.52 -28.20
CA SER C 383 -18.53 -34.10 -28.57
C SER C 383 -18.61 -34.78 -29.94
N ASN C 384 -19.79 -35.28 -30.26
CA ASN C 384 -19.95 -35.90 -31.55
C ASN C 384 -21.33 -35.53 -32.11
N PRO C 385 -21.46 -34.29 -32.61
CA PRO C 385 -22.75 -33.82 -33.14
C PRO C 385 -23.37 -34.75 -34.18
N ASP C 386 -24.61 -35.18 -33.87
CA ASP C 386 -25.32 -36.11 -34.74
C ASP C 386 -26.85 -36.10 -34.55
N LEU C 387 -27.40 -34.93 -34.26
CA LEU C 387 -28.85 -34.83 -34.11
C LEU C 387 -29.42 -34.76 -35.51
N GLU C 388 -30.73 -34.88 -35.62
CA GLU C 388 -31.33 -34.90 -36.95
C GLU C 388 -32.72 -34.30 -36.70
N VAL C 389 -32.72 -33.02 -36.28
CA VAL C 389 -33.90 -32.24 -35.89
C VAL C 389 -34.63 -31.58 -37.03
N GLY C 390 -34.01 -31.66 -38.18
CA GLY C 390 -34.59 -31.00 -39.32
C GLY C 390 -33.76 -29.76 -39.48
N LEU C 391 -34.45 -28.64 -39.65
CA LEU C 391 -33.81 -27.31 -39.80
C LEU C 391 -33.89 -26.55 -38.48
N SER C 392 -32.77 -25.97 -38.00
CA SER C 392 -32.80 -25.20 -36.73
C SER C 392 -33.12 -23.79 -37.09
N SER C 393 -34.22 -23.27 -36.58
CA SER C 393 -34.56 -21.92 -36.95
C SER C 393 -33.43 -20.89 -36.83
N GLY C 394 -32.39 -21.16 -36.04
CA GLY C 394 -31.36 -20.15 -35.94
C GLY C 394 -30.03 -20.48 -36.56
N GLN C 395 -30.04 -21.39 -37.53
CA GLN C 395 -28.80 -21.74 -38.20
C GLN C 395 -28.56 -20.60 -39.18
N GLY C 396 -27.30 -20.32 -39.45
CA GLY C 396 -26.98 -19.22 -40.35
C GLY C 396 -27.65 -19.08 -41.71
N ALA C 397 -28.01 -20.21 -42.30
CA ALA C 397 -28.62 -20.20 -43.60
C ALA C 397 -30.01 -20.83 -43.65
N THR C 398 -30.69 -20.90 -42.52
CA THR C 398 -32.00 -21.51 -42.53
C THR C 398 -32.86 -21.21 -43.74
N ASP C 399 -33.06 -19.93 -44.09
CA ASP C 399 -33.91 -19.66 -45.26
C ASP C 399 -33.45 -20.32 -46.57
N LEU C 400 -32.13 -20.32 -46.83
CA LEU C 400 -31.57 -20.94 -48.01
C LEU C 400 -31.85 -22.44 -48.01
N MET C 401 -31.66 -23.10 -46.87
CA MET C 401 -31.91 -24.54 -46.81
C MET C 401 -33.36 -24.87 -47.13
N GLY C 402 -34.27 -24.03 -46.70
CA GLY C 402 -35.68 -24.29 -46.95
C GLY C 402 -36.02 -23.93 -48.37
N THR C 403 -35.39 -22.89 -48.88
CA THR C 403 -35.65 -22.51 -50.23
C THR C 403 -35.05 -23.51 -51.22
N LEU C 404 -33.82 -23.98 -50.97
CA LEU C 404 -33.11 -24.96 -51.84
C LEU C 404 -34.01 -26.19 -51.84
N LEU C 405 -34.34 -26.73 -50.67
CA LEU C 405 -35.33 -27.81 -50.67
C LEU C 405 -36.58 -27.06 -51.19
N MET C 406 -37.80 -27.53 -50.94
CA MET C 406 -39.00 -26.87 -51.50
C MET C 406 -38.93 -26.38 -52.96
N SER C 407 -38.00 -25.49 -53.34
CA SER C 407 -37.94 -25.03 -54.75
C SER C 407 -37.77 -26.26 -55.66
N ILE C 408 -36.73 -27.09 -55.44
CA ILE C 408 -36.55 -28.29 -56.24
C ILE C 408 -37.77 -29.24 -56.01
N THR C 409 -38.22 -29.38 -54.79
CA THR C 409 -39.39 -30.21 -54.56
C THR C 409 -40.56 -29.80 -55.46
N TYR C 410 -40.89 -28.51 -55.49
CA TYR C 410 -42.01 -28.04 -56.33
C TYR C 410 -41.76 -28.33 -57.81
N LEU C 411 -40.56 -28.03 -58.30
CA LEU C 411 -40.21 -28.33 -59.69
C LEU C 411 -40.47 -29.83 -59.96
N VAL C 412 -39.94 -30.70 -59.09
CA VAL C 412 -40.15 -32.12 -59.26
C VAL C 412 -41.65 -32.43 -59.29
N MET C 413 -42.40 -31.84 -58.39
CA MET C 413 -43.85 -32.05 -58.40
C MET C 413 -44.34 -31.70 -59.82
N GLN C 414 -43.90 -30.56 -60.36
CA GLN C 414 -44.34 -30.14 -61.70
C GLN C 414 -43.88 -31.11 -62.80
N LEU C 415 -42.61 -31.48 -62.76
CA LEU C 415 -42.09 -32.43 -63.74
C LEU C 415 -42.94 -33.70 -63.61
N ASP C 416 -42.91 -34.32 -62.44
CA ASP C 416 -43.68 -35.54 -62.27
C ASP C 416 -45.12 -35.57 -62.73
N HIS C 417 -45.91 -34.57 -62.40
CA HIS C 417 -47.31 -34.67 -62.78
C HIS C 417 -47.77 -33.84 -63.94
N THR C 418 -46.88 -33.08 -64.57
CA THR C 418 -47.38 -32.23 -65.64
C THR C 418 -46.43 -32.03 -66.77
N ALA C 419 -45.16 -32.32 -66.58
CA ALA C 419 -44.22 -32.02 -67.67
C ALA C 419 -43.18 -33.07 -68.01
N PRO C 420 -43.61 -34.34 -68.04
CA PRO C 420 -42.73 -35.49 -68.35
C PRO C 420 -41.90 -35.20 -69.58
N HIS C 421 -42.47 -34.42 -70.50
CA HIS C 421 -41.75 -34.03 -71.71
C HIS C 421 -40.53 -33.19 -71.47
N LEU C 422 -40.25 -32.83 -70.23
CA LEU C 422 -39.07 -32.03 -70.03
C LEU C 422 -37.90 -32.87 -69.53
N ASN C 423 -38.19 -34.08 -69.05
CA ASN C 423 -37.12 -34.87 -68.48
C ASN C 423 -35.88 -35.03 -69.31
N SER C 424 -36.07 -35.12 -70.62
CA SER C 424 -34.96 -35.31 -71.57
C SER C 424 -33.98 -34.18 -71.49
N ARG C 425 -34.43 -33.04 -70.96
CA ARG C 425 -33.55 -31.88 -70.82
C ARG C 425 -32.61 -32.08 -69.61
N ILE C 426 -32.99 -33.00 -68.71
CA ILE C 426 -32.18 -33.24 -67.53
C ILE C 426 -31.50 -34.60 -67.63
N LYS C 427 -30.31 -34.57 -68.24
CA LYS C 427 -29.53 -35.76 -68.50
C LYS C 427 -28.29 -35.90 -67.65
N ASP C 428 -27.67 -34.76 -67.37
CA ASP C 428 -26.44 -34.72 -66.58
C ASP C 428 -26.29 -33.36 -65.87
N MET C 429 -25.25 -33.20 -65.06
CA MET C 429 -25.09 -31.92 -64.36
C MET C 429 -25.22 -30.70 -65.26
N PRO C 430 -24.45 -30.67 -66.36
CA PRO C 430 -24.55 -29.52 -67.24
C PRO C 430 -25.96 -29.23 -67.75
N SER C 431 -26.62 -30.24 -68.28
CA SER C 431 -27.96 -30.03 -68.78
C SER C 431 -28.84 -29.59 -67.61
N ALA C 432 -28.63 -30.20 -66.44
CA ALA C 432 -29.44 -29.87 -65.27
C ALA C 432 -29.29 -28.40 -64.90
N CYS C 433 -28.05 -27.95 -64.73
CA CYS C 433 -27.79 -26.54 -64.41
C CYS C 433 -28.47 -25.65 -65.45
N ARG C 434 -28.23 -25.95 -66.74
CA ARG C 434 -28.80 -25.20 -67.84
C ARG C 434 -30.31 -25.07 -67.69
N PHE C 435 -30.93 -26.19 -67.39
CA PHE C 435 -32.37 -26.24 -67.24
C PHE C 435 -32.86 -25.45 -66.02
N LEU C 436 -32.23 -25.70 -64.86
CA LEU C 436 -32.69 -25.05 -63.66
C LEU C 436 -32.56 -23.55 -63.82
N ASP C 437 -31.44 -23.14 -64.39
CA ASP C 437 -31.16 -21.73 -64.60
C ASP C 437 -32.31 -21.09 -65.37
N SER C 438 -32.71 -21.75 -66.43
CA SER C 438 -33.80 -21.24 -67.22
C SER C 438 -35.10 -21.16 -66.42
N TYR C 439 -35.34 -22.23 -65.68
CA TYR C 439 -36.55 -22.33 -64.92
C TYR C 439 -36.64 -21.25 -63.85
N TRP C 440 -35.57 -21.07 -63.08
CA TRP C 440 -35.60 -20.08 -62.03
C TRP C 440 -35.73 -18.68 -62.60
N GLN C 441 -35.40 -18.50 -63.88
CA GLN C 441 -35.55 -17.16 -64.44
C GLN C 441 -36.92 -16.87 -65.03
N GLY C 442 -37.90 -17.76 -64.79
CA GLY C 442 -39.27 -17.59 -65.30
C GLY C 442 -39.45 -17.94 -66.78
N HIS C 443 -38.37 -18.35 -67.41
CA HIS C 443 -38.31 -18.71 -68.82
C HIS C 443 -38.85 -20.08 -69.25
N GLU C 444 -39.84 -20.65 -68.57
CA GLU C 444 -40.35 -21.96 -69.00
C GLU C 444 -41.84 -22.03 -68.83
N GLU C 445 -42.40 -23.08 -69.39
CA GLU C 445 -43.82 -23.31 -69.42
C GLU C 445 -44.35 -23.55 -68.01
N ILE C 446 -43.42 -23.98 -67.15
CA ILE C 446 -43.77 -24.17 -65.73
C ILE C 446 -42.97 -23.15 -64.88
N ARG C 447 -43.62 -22.56 -63.89
CA ARG C 447 -42.93 -21.55 -63.09
C ARG C 447 -43.29 -21.59 -61.63
N GLN C 448 -42.49 -20.93 -60.82
CA GLN C 448 -42.81 -20.87 -59.42
C GLN C 448 -42.33 -19.57 -58.82
N ILE C 449 -42.95 -19.19 -57.73
CA ILE C 449 -42.46 -18.05 -56.99
C ILE C 449 -42.53 -18.64 -55.60
N SER C 450 -41.42 -18.51 -54.88
CA SER C 450 -41.39 -19.08 -53.54
C SER C 450 -40.37 -18.50 -52.60
N LYS C 451 -40.57 -18.86 -51.33
CA LYS C 451 -39.68 -18.51 -50.22
C LYS C 451 -39.95 -19.66 -49.26
N SER C 452 -39.05 -20.64 -49.21
CA SER C 452 -39.27 -21.79 -48.35
C SER C 452 -40.63 -22.45 -48.60
N ASP C 453 -41.39 -22.60 -47.53
CA ASP C 453 -42.71 -23.23 -47.63
C ASP C 453 -43.82 -22.39 -48.23
N ASP C 454 -43.50 -21.15 -48.60
CA ASP C 454 -44.55 -20.39 -49.26
C ASP C 454 -44.25 -20.40 -50.78
N ALA C 455 -45.27 -20.80 -51.56
CA ALA C 455 -45.16 -20.82 -53.03
C ALA C 455 -46.47 -20.78 -53.79
N MET C 456 -46.30 -20.24 -54.99
CA MET C 456 -47.35 -20.05 -55.97
C MET C 456 -46.67 -20.86 -57.12
N LEU C 457 -47.33 -21.92 -57.55
CA LEU C 457 -46.81 -22.76 -58.64
C LEU C 457 -47.58 -22.40 -59.91
N GLY C 458 -46.87 -22.09 -60.99
CA GLY C 458 -47.57 -21.72 -62.23
C GLY C 458 -47.37 -22.46 -63.55
N TRP C 459 -48.41 -22.40 -64.39
CA TRP C 459 -48.37 -22.97 -65.74
C TRP C 459 -48.82 -21.91 -66.77
N THR C 460 -48.04 -21.79 -67.84
CA THR C 460 -48.35 -20.87 -68.96
C THR C 460 -49.15 -21.76 -69.95
N LYS C 461 -49.30 -21.30 -71.20
CA LYS C 461 -50.02 -22.09 -72.23
C LYS C 461 -49.07 -23.18 -72.69
N GLY C 462 -49.60 -24.39 -72.91
CA GLY C 462 -48.72 -25.46 -73.36
C GLY C 462 -49.05 -26.87 -72.97
N ARG C 463 -48.13 -27.76 -73.35
CA ARG C 463 -48.25 -29.18 -73.08
C ARG C 463 -48.49 -29.53 -71.62
N ALA C 464 -47.68 -28.93 -70.74
CA ALA C 464 -47.77 -29.15 -69.31
C ALA C 464 -49.04 -28.62 -68.67
N LEU C 465 -49.66 -27.63 -69.31
CA LEU C 465 -50.86 -27.04 -68.73
C LEU C 465 -52.02 -28.00 -68.45
N VAL C 466 -52.17 -29.01 -69.28
CA VAL C 466 -53.27 -29.89 -68.97
C VAL C 466 -52.87 -30.66 -67.71
N GLY C 467 -51.57 -30.93 -67.59
CA GLY C 467 -51.07 -31.66 -66.44
C GLY C 467 -51.31 -30.90 -65.16
N GLY C 468 -51.04 -29.59 -65.25
CA GLY C 468 -51.23 -28.69 -64.12
C GLY C 468 -52.64 -28.76 -63.58
N HIS C 469 -53.63 -28.77 -64.45
CA HIS C 469 -54.99 -28.84 -63.94
C HIS C 469 -55.23 -30.18 -63.25
N ARG C 470 -54.65 -31.25 -63.79
CA ARG C 470 -54.85 -32.57 -63.20
C ARG C 470 -54.26 -32.55 -61.78
N LEU C 471 -53.08 -31.94 -61.66
CA LEU C 471 -52.38 -31.81 -60.39
C LEU C 471 -53.20 -31.11 -59.32
N PHE C 472 -53.71 -29.93 -59.69
CA PHE C 472 -54.54 -29.08 -58.85
C PHE C 472 -55.72 -29.90 -58.34
N GLU C 473 -56.21 -30.76 -59.22
CA GLU C 473 -57.34 -31.60 -58.89
C GLU C 473 -56.85 -32.68 -57.90
N MET C 474 -55.63 -33.18 -58.09
CA MET C 474 -55.09 -34.19 -57.18
C MET C 474 -55.10 -33.57 -55.78
N LEU C 475 -54.65 -32.33 -55.73
CA LEU C 475 -54.61 -31.57 -54.50
C LEU C 475 -55.98 -31.37 -53.88
N LYS C 476 -56.99 -30.93 -54.65
CA LYS C 476 -58.32 -30.77 -54.04
C LYS C 476 -58.78 -32.09 -53.43
N GLU C 477 -58.66 -33.21 -54.15
CA GLU C 477 -59.13 -34.46 -53.58
C GLU C 477 -58.37 -34.75 -52.32
N GLY C 478 -57.14 -34.27 -52.27
CA GLY C 478 -56.29 -34.46 -51.12
C GLY C 478 -56.18 -35.87 -50.50
N LYS C 479 -56.08 -36.91 -51.33
CA LYS C 479 -55.97 -38.27 -50.82
C LYS C 479 -54.60 -38.82 -51.12
N VAL C 480 -53.83 -38.09 -51.91
CA VAL C 480 -52.52 -38.58 -52.31
C VAL C 480 -51.47 -37.50 -52.35
N ASN C 481 -50.39 -37.73 -51.62
CA ASN C 481 -49.33 -36.75 -51.59
C ASN C 481 -48.61 -36.73 -52.94
N PRO C 482 -48.59 -35.56 -53.62
CA PRO C 482 -47.97 -35.28 -54.92
C PRO C 482 -46.43 -35.32 -54.91
N SER C 483 -45.86 -35.48 -53.71
CA SER C 483 -44.41 -35.55 -53.61
C SER C 483 -43.92 -36.62 -52.69
N PRO C 484 -42.70 -37.10 -52.96
CA PRO C 484 -42.00 -38.14 -52.18
C PRO C 484 -41.14 -37.42 -51.09
N TYR C 485 -40.94 -36.11 -51.26
CA TYR C 485 -40.09 -35.39 -50.31
C TYR C 485 -40.65 -34.70 -49.07
N MET C 486 -41.84 -34.11 -49.17
CA MET C 486 -42.43 -33.37 -48.06
C MET C 486 -43.92 -33.52 -48.19
N LYS C 487 -44.67 -33.43 -47.10
CA LYS C 487 -46.13 -33.53 -47.21
C LYS C 487 -46.71 -32.24 -47.78
N ILE C 488 -47.28 -32.35 -48.99
CA ILE C 488 -47.80 -31.20 -49.69
C ILE C 488 -49.31 -31.18 -49.95
N SER C 489 -49.85 -29.96 -49.86
CA SER C 489 -51.28 -29.70 -50.07
C SER C 489 -51.51 -28.35 -50.75
N TYR C 490 -52.77 -27.95 -50.91
CA TYR C 490 -53.04 -26.63 -51.47
C TYR C 490 -53.49 -25.77 -50.30
N GLU C 491 -53.09 -24.47 -50.31
CA GLU C 491 -53.47 -23.50 -49.25
C GLU C 491 -54.93 -23.13 -49.47
N HIS C 492 -55.75 -23.29 -48.43
CA HIS C 492 -57.19 -22.98 -48.48
C HIS C 492 -57.38 -21.48 -48.26
N GLY C 493 -57.34 -20.74 -49.37
CA GLY C 493 -57.42 -19.30 -49.32
C GLY C 493 -55.99 -18.94 -49.66
N GLY C 494 -55.65 -19.19 -50.91
CA GLY C 494 -54.31 -18.97 -51.33
C GLY C 494 -53.79 -17.56 -51.20
N ALA C 495 -52.54 -17.46 -50.81
CA ALA C 495 -51.90 -16.17 -50.67
C ALA C 495 -50.42 -16.43 -50.72
N PHE C 496 -49.66 -15.38 -50.98
CA PHE C 496 -48.23 -15.52 -51.06
C PHE C 496 -47.53 -14.37 -50.36
N LEU C 497 -46.61 -14.73 -49.49
CA LEU C 497 -45.83 -13.79 -48.73
C LEU C 497 -46.67 -12.65 -48.17
N GLY C 498 -47.80 -13.04 -47.60
CA GLY C 498 -48.69 -12.08 -46.96
C GLY C 498 -49.81 -11.44 -47.74
N ASP C 499 -49.73 -11.45 -49.06
CA ASP C 499 -50.81 -10.86 -49.82
C ASP C 499 -51.69 -11.95 -50.37
N ILE C 500 -53.00 -11.75 -50.19
CA ILE C 500 -53.98 -12.70 -50.64
C ILE C 500 -54.15 -12.50 -52.11
N LEU C 501 -54.28 -13.62 -52.83
CA LEU C 501 -54.50 -13.56 -54.27
C LEU C 501 -56.01 -13.48 -54.45
N LEU C 502 -56.51 -12.33 -54.93
CA LEU C 502 -57.94 -12.12 -55.13
C LEU C 502 -58.42 -12.37 -56.56
N TYR C 503 -59.13 -13.49 -56.69
CA TYR C 503 -59.67 -13.95 -57.97
C TYR C 503 -61.06 -13.34 -58.10
N ASP C 504 -61.53 -13.15 -59.34
CA ASP C 504 -62.87 -12.64 -59.56
C ASP C 504 -63.77 -13.77 -60.07
N SER C 505 -64.83 -13.42 -60.77
CA SER C 505 -65.72 -14.47 -61.25
C SER C 505 -65.07 -15.48 -62.21
N ARG C 506 -64.23 -15.00 -63.14
CA ARG C 506 -63.50 -15.82 -64.12
C ARG C 506 -62.75 -16.95 -63.41
N ARG C 507 -62.08 -16.58 -62.33
CA ARG C 507 -61.28 -17.48 -61.50
C ARG C 507 -60.00 -17.88 -62.23
N GLU C 508 -59.28 -16.89 -62.75
CA GLU C 508 -58.05 -17.13 -63.48
C GLU C 508 -57.02 -16.07 -63.14
N PRO C 509 -55.76 -16.48 -63.07
CA PRO C 509 -54.61 -15.62 -62.75
C PRO C 509 -54.57 -14.25 -63.43
N GLY C 510 -54.97 -14.18 -64.69
CA GLY C 510 -54.91 -12.91 -65.38
C GLY C 510 -55.85 -11.83 -64.85
N SER C 511 -57.04 -12.25 -64.45
CA SER C 511 -58.02 -11.30 -63.93
C SER C 511 -57.99 -11.24 -62.43
N ALA C 512 -56.95 -11.81 -61.82
CA ALA C 512 -56.84 -11.76 -60.37
C ALA C 512 -55.81 -10.71 -59.95
N ILE C 513 -55.84 -10.38 -58.67
CA ILE C 513 -54.94 -9.37 -58.12
C ILE C 513 -54.55 -9.68 -56.70
N PHE C 514 -53.42 -9.10 -56.29
CA PHE C 514 -52.88 -9.30 -54.94
C PHE C 514 -53.21 -8.22 -53.92
N VAL C 515 -54.10 -8.52 -52.99
CA VAL C 515 -54.42 -7.56 -51.96
C VAL C 515 -53.78 -7.95 -50.60
N GLY C 516 -53.50 -6.96 -49.76
CA GLY C 516 -52.92 -7.26 -48.46
C GLY C 516 -53.91 -8.06 -47.64
N ASN C 517 -53.43 -8.92 -46.74
CA ASN C 517 -54.35 -9.71 -45.94
C ASN C 517 -54.83 -8.86 -44.78
N ILE C 518 -56.09 -8.44 -44.78
CA ILE C 518 -56.48 -7.62 -43.66
C ILE C 518 -56.46 -8.29 -42.28
N ASN C 519 -56.58 -9.61 -42.24
CA ASN C 519 -56.51 -10.33 -40.99
C ASN C 519 -55.08 -10.13 -40.41
N SER C 520 -54.11 -9.94 -41.29
CA SER C 520 -52.73 -9.68 -40.87
C SER C 520 -52.65 -8.32 -40.15
N MET C 521 -53.34 -7.31 -40.70
CA MET C 521 -53.34 -5.99 -40.09
C MET C 521 -53.91 -6.22 -38.68
N LEU C 522 -55.06 -6.87 -38.60
CA LEU C 522 -55.62 -7.17 -37.29
C LEU C 522 -54.60 -7.88 -36.36
N ASN C 523 -53.91 -8.90 -36.86
CA ASN C 523 -52.92 -9.58 -36.02
C ASN C 523 -51.86 -8.62 -35.56
N ASN C 524 -51.26 -7.91 -36.50
CA ASN C 524 -50.23 -6.95 -36.17
C ASN C 524 -50.64 -5.84 -35.22
N GLN C 525 -51.82 -5.27 -35.41
CA GLN C 525 -52.23 -4.21 -34.54
C GLN C 525 -52.73 -4.62 -33.16
N PHE C 526 -53.44 -5.73 -33.04
CA PHE C 526 -53.94 -6.11 -31.70
C PHE C 526 -53.37 -7.38 -31.06
N SER C 527 -52.49 -8.09 -31.76
CA SER C 527 -51.92 -9.29 -31.17
C SER C 527 -50.44 -9.38 -31.53
N PRO C 528 -49.66 -8.40 -31.14
CA PRO C 528 -48.22 -8.40 -31.44
C PRO C 528 -47.57 -9.59 -30.74
N GLU C 529 -46.48 -10.08 -31.29
CA GLU C 529 -45.83 -11.20 -30.63
C GLU C 529 -45.07 -10.72 -29.40
N TYR C 530 -44.71 -9.45 -29.40
CA TYR C 530 -43.96 -8.91 -28.27
C TYR C 530 -44.52 -7.61 -27.76
N GLY C 531 -44.21 -7.30 -26.51
CA GLY C 531 -44.64 -6.06 -25.91
C GLY C 531 -43.75 -4.92 -26.41
N VAL C 532 -44.09 -3.70 -26.02
CA VAL C 532 -43.31 -2.56 -26.47
C VAL C 532 -41.99 -2.39 -25.73
N GLN C 533 -41.76 -3.16 -24.67
CA GLN C 533 -40.48 -3.07 -23.95
C GLN C 533 -40.11 -1.61 -23.63
N SER C 534 -41.09 -0.82 -23.19
CA SER C 534 -40.81 0.58 -22.90
C SER C 534 -39.62 0.73 -21.95
N GLY C 535 -39.25 -0.36 -21.30
CA GLY C 535 -38.10 -0.30 -20.43
C GLY C 535 -36.76 -0.35 -21.17
N VAL C 536 -36.75 -0.34 -22.49
CA VAL C 536 -35.48 -0.39 -23.17
C VAL C 536 -35.21 0.93 -23.84
N ARG C 537 -34.22 1.65 -23.35
CA ARG C 537 -33.94 2.96 -23.90
C ARG C 537 -33.66 2.97 -25.36
N ASP C 538 -32.70 2.14 -25.76
CA ASP C 538 -32.34 2.08 -27.16
C ASP C 538 -33.41 1.41 -27.98
N ARG C 539 -34.24 2.20 -28.64
CA ARG C 539 -35.31 1.62 -29.38
C ARG C 539 -34.90 0.69 -30.50
N SER C 540 -33.70 0.88 -31.01
CA SER C 540 -33.25 0.03 -32.10
C SER C 540 -33.06 -1.41 -31.61
N LYS C 541 -32.81 -1.58 -30.32
CA LYS C 541 -32.62 -2.91 -29.76
C LYS C 541 -33.95 -3.56 -29.35
N ARG C 542 -35.07 -2.88 -29.57
CA ARG C 542 -36.37 -3.44 -29.22
C ARG C 542 -36.96 -4.38 -30.26
N LYS C 543 -37.78 -5.33 -29.82
CA LYS C 543 -38.39 -6.21 -30.80
C LYS C 543 -39.35 -5.36 -31.63
N ARG C 544 -39.93 -4.30 -31.07
CA ARG C 544 -40.79 -3.41 -31.86
C ARG C 544 -40.35 -1.96 -31.64
N PRO C 545 -39.26 -1.53 -32.30
CA PRO C 545 -38.70 -0.18 -32.16
C PRO C 545 -39.65 1.01 -32.28
N PHE C 546 -40.48 1.04 -33.31
CA PHE C 546 -41.36 2.20 -33.52
C PHE C 546 -42.76 1.80 -33.96
N PRO C 547 -43.48 1.13 -33.06
CA PRO C 547 -44.85 0.63 -33.27
C PRO C 547 -45.78 1.59 -33.99
N GLY C 548 -45.65 2.86 -33.67
CA GLY C 548 -46.54 3.85 -34.28
C GLY C 548 -46.40 4.06 -35.78
N LEU C 549 -45.20 3.86 -36.30
CA LEU C 549 -44.98 4.06 -37.71
C LEU C 549 -45.88 3.21 -38.62
N ALA C 550 -46.45 2.13 -38.09
CA ALA C 550 -47.26 1.29 -38.97
C ALA C 550 -48.56 1.98 -39.41
N TRP C 551 -48.96 3.02 -38.68
CA TRP C 551 -50.19 3.70 -39.05
C TRP C 551 -49.97 4.35 -40.41
N ALA C 552 -48.77 4.88 -40.56
CA ALA C 552 -48.33 5.54 -41.78
C ALA C 552 -48.32 4.65 -43.02
N SER C 553 -48.06 3.36 -42.84
CA SER C 553 -48.04 2.46 -43.98
C SER C 553 -49.32 1.67 -44.14
N MET C 554 -50.13 1.58 -43.07
CA MET C 554 -51.40 0.85 -43.13
C MET C 554 -52.16 0.88 -44.51
N LYS C 555 -52.55 2.08 -44.96
CA LYS C 555 -53.27 2.24 -46.22
C LYS C 555 -52.52 1.57 -47.40
N ASP C 556 -51.25 1.90 -47.53
CA ASP C 556 -50.45 1.31 -48.61
C ASP C 556 -50.36 -0.24 -48.49
N THR C 557 -50.13 -0.74 -47.29
CA THR C 557 -50.05 -2.17 -47.10
C THR C 557 -51.39 -2.86 -47.27
N TYR C 558 -52.45 -2.33 -46.67
CA TYR C 558 -53.73 -3.03 -46.77
C TYR C 558 -54.88 -2.39 -47.57
N GLY C 559 -54.67 -1.17 -48.07
CA GLY C 559 -55.71 -0.46 -48.81
C GLY C 559 -56.45 -1.26 -49.86
N ALA C 560 -55.72 -2.02 -50.65
CA ALA C 560 -56.32 -2.82 -51.71
C ALA C 560 -57.31 -3.86 -51.22
N CYS C 561 -57.31 -4.15 -49.93
CA CYS C 561 -58.24 -5.15 -49.46
C CYS C 561 -59.70 -4.69 -49.57
N PRO C 562 -60.54 -5.50 -50.22
CA PRO C 562 -61.96 -5.19 -50.41
C PRO C 562 -62.72 -4.57 -49.23
N ILE C 563 -62.48 -5.02 -48.00
CA ILE C 563 -63.22 -4.44 -46.89
C ILE C 563 -62.34 -3.62 -45.96
N TYR C 564 -61.30 -3.04 -46.53
CA TYR C 564 -60.39 -2.22 -45.75
C TYR C 564 -61.16 -1.18 -44.94
N SER C 565 -61.78 -0.23 -45.63
CA SER C 565 -62.56 0.82 -45.01
C SER C 565 -63.55 0.30 -43.97
N ASP C 566 -64.25 -0.80 -44.28
CA ASP C 566 -65.24 -1.33 -43.31
C ASP C 566 -64.61 -1.76 -41.99
N VAL C 567 -63.49 -2.46 -42.09
CA VAL C 567 -62.80 -2.94 -40.90
C VAL C 567 -62.36 -1.77 -40.04
N LEU C 568 -61.75 -0.76 -40.65
CA LEU C 568 -61.31 0.40 -39.88
C LEU C 568 -62.49 0.98 -39.11
N GLU C 569 -63.61 1.20 -39.79
CA GLU C 569 -64.80 1.72 -39.13
C GLU C 569 -65.25 0.80 -38.01
N ALA C 570 -65.25 -0.51 -38.27
CA ALA C 570 -65.65 -1.48 -37.23
C ALA C 570 -64.75 -1.34 -35.98
N ILE C 571 -63.45 -1.18 -36.22
CA ILE C 571 -62.48 -1.00 -35.16
C ILE C 571 -62.86 0.27 -34.41
N GLU C 572 -62.90 1.38 -35.13
CA GLU C 572 -63.23 2.67 -34.53
C GLU C 572 -64.48 2.52 -33.68
N ARG C 573 -65.52 1.93 -34.26
CA ARG C 573 -66.74 1.77 -33.51
C ARG C 573 -66.49 0.94 -32.22
N CYS C 574 -65.91 -0.25 -32.37
CA CYS C 574 -65.67 -1.09 -31.18
C CYS C 574 -64.75 -0.47 -30.15
N TRP C 575 -63.74 0.26 -30.61
CA TRP C 575 -62.80 0.89 -29.70
C TRP C 575 -63.58 1.93 -28.90
N TRP C 576 -64.48 2.67 -29.56
CA TRP C 576 -65.32 3.66 -28.87
C TRP C 576 -66.08 2.95 -27.78
N ASN C 577 -66.80 1.90 -28.16
CA ASN C 577 -67.55 1.13 -27.17
C ASN C 577 -66.70 0.64 -26.01
N ALA C 578 -65.40 0.50 -26.22
CA ALA C 578 -64.64 -0.07 -25.13
C ALA C 578 -63.70 0.84 -24.39
N PHE C 579 -63.42 2.00 -24.97
CA PHE C 579 -62.47 2.91 -24.34
C PHE C 579 -63.04 4.30 -24.25
N GLY C 580 -64.05 4.58 -25.07
CA GLY C 580 -64.61 5.91 -25.06
C GLY C 580 -63.65 6.89 -25.72
N GLU C 581 -62.73 6.34 -26.52
CA GLU C 581 -61.73 7.14 -27.25
C GLU C 581 -61.82 6.71 -28.71
N SER C 582 -61.20 7.50 -29.57
CA SER C 582 -61.12 7.23 -31.01
C SER C 582 -59.80 6.50 -31.32
N TYR C 583 -59.93 5.32 -31.91
CA TYR C 583 -58.73 4.57 -32.25
C TYR C 583 -57.91 5.42 -33.24
N ARG C 584 -58.55 5.96 -34.27
CA ARG C 584 -57.83 6.78 -35.24
C ARG C 584 -56.97 7.84 -34.53
N ALA C 585 -57.58 8.52 -33.58
CA ALA C 585 -56.85 9.55 -32.86
C ALA C 585 -55.62 8.95 -32.12
N TYR C 586 -55.90 7.92 -31.34
CA TYR C 586 -54.89 7.18 -30.58
C TYR C 586 -53.68 6.93 -31.48
N ARG C 587 -53.94 6.38 -32.67
CA ARG C 587 -52.88 6.04 -33.58
C ARG C 587 -52.17 7.25 -34.14
N GLU C 588 -52.91 8.31 -34.46
CA GLU C 588 -52.24 9.47 -35.02
C GLU C 588 -51.29 10.01 -33.96
N ASP C 589 -51.71 9.97 -32.69
CA ASP C 589 -50.79 10.42 -31.64
C ASP C 589 -49.54 9.54 -31.64
N MET C 590 -49.74 8.22 -31.50
CA MET C 590 -48.62 7.31 -31.49
C MET C 590 -47.73 7.56 -32.69
N LEU C 591 -48.38 7.79 -33.83
CA LEU C 591 -47.64 8.08 -35.05
C LEU C 591 -46.78 9.33 -34.93
N LYS C 592 -47.36 10.44 -34.47
CA LYS C 592 -46.57 11.65 -34.37
C LYS C 592 -45.41 11.41 -33.45
N ARG C 593 -45.72 10.84 -32.29
CA ARG C 593 -44.72 10.57 -31.28
C ARG C 593 -43.57 9.70 -31.80
N ASP C 594 -43.92 8.59 -32.45
CA ASP C 594 -42.87 7.74 -32.93
C ASP C 594 -42.11 8.40 -34.08
N THR C 595 -42.81 9.12 -34.95
CA THR C 595 -42.10 9.78 -36.07
C THR C 595 -41.00 10.65 -35.45
N LEU C 596 -41.33 11.32 -34.36
CA LEU C 596 -40.39 12.21 -33.70
C LEU C 596 -39.21 11.49 -33.11
N GLU C 597 -39.51 10.48 -32.31
CA GLU C 597 -38.47 9.70 -31.69
C GLU C 597 -37.47 9.16 -32.76
N LEU C 598 -38.00 8.70 -33.90
CA LEU C 598 -37.21 8.14 -34.97
C LEU C 598 -36.04 9.01 -35.43
N SER C 599 -36.36 10.27 -35.68
CA SER C 599 -35.36 11.24 -36.11
C SER C 599 -34.13 11.19 -35.19
N ARG C 600 -34.32 10.79 -33.95
CA ARG C 600 -33.19 10.72 -33.03
C ARG C 600 -32.19 9.65 -33.53
N TYR C 601 -32.72 8.55 -34.05
CA TYR C 601 -31.87 7.46 -34.50
C TYR C 601 -31.35 7.59 -35.92
N VAL C 602 -32.02 8.38 -36.73
CA VAL C 602 -31.57 8.53 -38.10
C VAL C 602 -30.66 9.77 -38.24
N ALA C 603 -29.39 9.52 -38.58
CA ALA C 603 -28.40 10.58 -38.74
C ALA C 603 -28.77 11.59 -39.83
N SER C 604 -29.42 11.08 -40.88
CA SER C 604 -29.84 11.88 -42.03
C SER C 604 -31.23 12.47 -41.95
N MET C 605 -31.94 12.24 -40.84
CA MET C 605 -33.27 12.80 -40.69
C MET C 605 -33.16 14.11 -39.95
N ALA C 606 -33.74 15.17 -40.53
CA ALA C 606 -33.71 16.47 -39.87
C ALA C 606 -34.41 16.17 -38.52
N ARG C 607 -33.93 16.76 -37.43
CA ARG C 607 -34.50 16.54 -36.09
C ARG C 607 -35.98 16.96 -35.96
N GLN C 608 -36.80 16.58 -36.93
CA GLN C 608 -38.24 16.87 -36.98
C GLN C 608 -38.77 16.75 -38.42
N ALA C 609 -37.92 16.23 -39.30
CA ALA C 609 -38.29 16.04 -40.69
C ALA C 609 -39.44 15.05 -40.68
N GLY C 610 -39.96 14.70 -41.83
CA GLY C 610 -41.05 13.76 -41.85
C GLY C 610 -40.65 12.38 -42.33
N LEU C 611 -41.65 11.52 -42.42
CA LEU C 611 -41.50 10.16 -42.91
C LEU C 611 -41.46 10.34 -44.43
N ALA C 612 -41.12 11.57 -44.79
CA ALA C 612 -41.04 12.03 -46.16
C ALA C 612 -40.44 11.02 -47.12
N GLU C 613 -39.17 10.68 -46.92
CA GLU C 613 -38.57 9.74 -47.84
C GLU C 613 -38.41 8.32 -47.32
N LEU C 614 -39.51 7.78 -46.80
CA LEU C 614 -39.49 6.43 -46.28
C LEU C 614 -40.50 5.54 -46.97
N THR C 615 -40.03 4.36 -47.38
CA THR C 615 -40.83 3.36 -48.07
C THR C 615 -41.87 2.88 -47.08
N PRO C 616 -42.98 2.33 -47.58
CA PRO C 616 -44.02 1.81 -46.70
C PRO C 616 -43.36 0.60 -46.03
N ILE C 617 -42.44 -0.03 -46.76
CA ILE C 617 -41.68 -1.16 -46.25
C ILE C 617 -40.84 -0.67 -45.07
N ASP C 618 -40.15 0.45 -45.28
CA ASP C 618 -39.34 1.01 -44.23
C ASP C 618 -40.15 1.11 -42.92
N LEU C 619 -41.34 1.65 -43.05
CA LEU C 619 -42.20 1.81 -41.90
C LEU C 619 -42.62 0.49 -41.26
N GLU C 620 -43.08 -0.48 -42.04
CA GLU C 620 -43.49 -1.75 -41.45
C GLU C 620 -42.30 -2.43 -40.73
N VAL C 621 -41.10 -2.28 -41.29
CA VAL C 621 -39.95 -2.91 -40.67
C VAL C 621 -39.56 -2.24 -39.37
N LEU C 622 -39.69 -0.93 -39.32
CA LEU C 622 -39.34 -0.23 -38.13
C LEU C 622 -40.35 -0.55 -37.01
N ALA C 623 -41.56 -0.95 -37.41
CA ALA C 623 -42.60 -1.25 -36.45
C ALA C 623 -42.50 -2.70 -36.08
N ASP C 624 -41.93 -3.49 -36.99
CA ASP C 624 -41.75 -4.91 -36.74
C ASP C 624 -40.59 -5.52 -37.50
N PRO C 625 -39.40 -5.48 -36.93
CA PRO C 625 -38.22 -6.04 -37.59
C PRO C 625 -38.33 -7.54 -37.95
N ASN C 626 -39.29 -8.26 -37.37
CA ASN C 626 -39.50 -9.68 -37.70
C ASN C 626 -39.75 -9.79 -39.21
N LYS C 627 -40.45 -8.80 -39.74
CA LYS C 627 -40.79 -8.73 -41.15
C LYS C 627 -39.51 -8.85 -42.00
N LEU C 628 -38.38 -8.48 -41.42
CA LEU C 628 -37.08 -8.51 -42.09
C LEU C 628 -36.45 -9.89 -42.24
N GLN C 629 -37.07 -10.88 -41.62
CA GLN C 629 -36.59 -12.26 -41.64
C GLN C 629 -37.73 -13.16 -42.04
N TYR C 630 -38.51 -12.76 -43.03
CA TYR C 630 -39.62 -13.61 -43.43
C TYR C 630 -40.45 -13.02 -44.58
N LYS C 631 -40.40 -11.70 -44.72
CA LYS C 631 -41.19 -11.02 -45.75
C LYS C 631 -40.27 -10.30 -46.73
N TRP C 632 -39.20 -9.71 -46.21
CA TRP C 632 -38.27 -8.93 -47.03
C TRP C 632 -36.84 -9.15 -46.61
N THR C 633 -35.94 -8.36 -47.19
CA THR C 633 -34.54 -8.52 -46.86
C THR C 633 -33.75 -7.20 -46.95
N GLU C 634 -32.54 -7.20 -46.39
CA GLU C 634 -31.68 -6.03 -46.41
C GLU C 634 -31.90 -5.21 -47.67
N ALA C 635 -32.08 -5.93 -48.77
CA ALA C 635 -32.29 -5.32 -50.06
C ALA C 635 -33.40 -4.25 -50.15
N ASP C 636 -34.63 -4.67 -49.86
CA ASP C 636 -35.83 -3.83 -49.93
C ASP C 636 -35.94 -2.64 -48.97
N VAL C 637 -35.05 -2.61 -47.98
CA VAL C 637 -35.05 -1.56 -46.98
C VAL C 637 -34.04 -0.46 -47.23
N SER C 638 -34.51 0.77 -47.28
CA SER C 638 -33.64 1.94 -47.45
C SER C 638 -32.40 1.83 -46.56
N ALA C 639 -31.23 2.14 -47.12
CA ALA C 639 -30.02 2.04 -46.35
C ALA C 639 -30.01 2.88 -45.07
N ASN C 640 -30.71 4.02 -45.07
CA ASN C 640 -30.77 4.88 -43.87
C ASN C 640 -31.32 3.99 -42.77
N ILE C 641 -32.53 3.52 -43.00
CA ILE C 641 -33.24 2.67 -42.08
C ILE C 641 -32.43 1.45 -41.69
N HIS C 642 -31.90 0.76 -42.68
CA HIS C 642 -31.08 -0.42 -42.44
C HIS C 642 -30.04 -0.19 -41.30
N GLU C 643 -29.30 0.93 -41.34
CA GLU C 643 -28.33 1.22 -40.28
C GLU C 643 -28.96 1.34 -38.88
N VAL C 644 -30.23 1.70 -38.82
CA VAL C 644 -30.88 1.80 -37.53
C VAL C 644 -30.95 0.43 -36.85
N LEU C 645 -31.29 -0.57 -37.64
CA LEU C 645 -31.45 -1.93 -37.18
C LEU C 645 -30.24 -2.83 -37.21
N MET C 646 -29.36 -2.62 -38.17
CA MET C 646 -28.21 -3.50 -38.28
C MET C 646 -26.91 -2.75 -38.19
N HIS C 647 -25.85 -3.50 -37.95
CA HIS C 647 -24.51 -2.98 -37.88
C HIS C 647 -23.60 -4.05 -38.49
N GLY C 648 -22.64 -3.65 -39.31
CA GLY C 648 -21.80 -4.67 -39.92
C GLY C 648 -20.35 -4.81 -39.53
N VAL C 649 -19.71 -5.83 -40.09
CA VAL C 649 -18.31 -6.10 -39.91
C VAL C 649 -17.69 -5.60 -41.20
N SER C 650 -16.46 -5.12 -41.16
CA SER C 650 -15.77 -4.59 -42.35
C SER C 650 -15.75 -5.49 -43.58
N VAL C 651 -16.12 -4.94 -44.74
CA VAL C 651 -16.08 -5.74 -45.95
C VAL C 651 -14.67 -6.31 -46.16
N GLU C 652 -13.65 -5.55 -45.77
CA GLU C 652 -12.28 -6.00 -45.94
C GLU C 652 -12.15 -7.34 -45.28
N LYS C 653 -12.65 -7.44 -44.07
CA LYS C 653 -12.53 -8.69 -43.33
C LYS C 653 -13.33 -9.84 -43.90
N THR C 654 -14.55 -9.61 -44.39
CA THR C 654 -15.34 -10.70 -44.99
C THR C 654 -14.72 -11.15 -46.33
N GLU C 655 -14.30 -10.16 -47.11
CA GLU C 655 -13.70 -10.39 -48.39
C GLU C 655 -12.50 -11.34 -48.25
N ARG C 656 -11.65 -11.07 -47.28
CA ARG C 656 -10.52 -11.95 -47.08
C ARG C 656 -11.00 -13.35 -46.67
N PHE C 657 -12.00 -13.40 -45.79
CA PHE C 657 -12.55 -14.66 -45.32
C PHE C 657 -13.14 -15.44 -46.48
N LEU C 658 -14.04 -14.77 -47.19
CA LEU C 658 -14.71 -15.41 -48.30
C LEU C 658 -13.75 -15.93 -49.38
N ARG C 659 -12.67 -15.20 -49.65
CA ARG C 659 -11.71 -15.61 -50.66
C ARG C 659 -11.13 -16.96 -50.29
N SER C 660 -11.00 -17.25 -49.01
CA SER C 660 -10.48 -18.57 -48.62
C SER C 660 -11.53 -19.70 -48.60
N VAL C 661 -12.81 -19.36 -48.71
CA VAL C 661 -13.84 -20.38 -48.63
C VAL C 661 -14.22 -20.79 -50.02
N MET C 662 -14.56 -19.75 -50.79
CA MET C 662 -14.97 -19.85 -52.18
C MET C 662 -13.98 -20.68 -53.00
N PRO C 663 -14.52 -21.43 -53.94
CA PRO C 663 -13.69 -22.27 -54.82
C PRO C 663 -12.85 -21.37 -55.72
N ARG C 664 -13.54 -20.43 -56.39
CA ARG C 664 -12.95 -19.46 -57.30
C ARG C 664 -13.67 -18.14 -57.00
#